data_6CG2
#
_entry.id   6CG2
#
_cell.length_a   57.457
_cell.length_b   101.739
_cell.length_c   142.287
_cell.angle_alpha   90.000
_cell.angle_beta   99.510
_cell.angle_gamma   90.000
#
_symmetry.space_group_name_H-M   'P 1 21 1'
#
loop_
_entity.id
_entity.type
_entity.pdbx_description
1 polymer 'Lysine-specific demethylase 4A'
2 non-polymer 'NICKEL (II) ION'
3 non-polymer 'ZINC ION'
4 non-polymer '2-[5-(3-hydroxyphenyl)-1H-pyrazol-1-yl]pyridine-4-carboxylic acid'
5 water water
#
_entity_poly.entity_id   1
_entity_poly.type   'polypeptide(L)'
_entity_poly.pdbx_seq_one_letter_code
;SETLNPSARIMTFYPTMEEFRNFSRYIAYIESQGAHRAGLAKVVPPKEWKPRASYDDIDDLVIPAPIQQLVTGQSGLFTQ
YNIQKKAMTVREFRKIANSDKYCTPRYSEFEELERKYWKNLTFNPPIYGADVNGTLYEKHVDEWNIGRLRTILDLVEKES
GITIEGVNTPYLYFGMWKTSFAWHTEDMDLYSINYLHFGEPKSWYSVPPEHGKRLERLAKGFFPGSAQSCEAFLRHKMTL
ISPLMLKKYGIPFDKVTQEAGEFMITFPYGYHAGFNHGFNCAESTNFATRRWIEYGKQAVLCSCRKDMVKISMDVFVRKF
QPERYKLWKAGKDNTVIDHTLPTPEAAEFL
;
_entity_poly.pdbx_strand_id   A,B,C,D
#
loop_
_chem_comp.id
_chem_comp.type
_chem_comp.name
_chem_comp.formula
NI non-polymer 'NICKEL (II) ION' 'Ni 2'
QC2 non-polymer '2-[5-(3-hydroxyphenyl)-1H-pyrazol-1-yl]pyridine-4-carboxylic acid' 'C15 H11 N3 O3'
ZN non-polymer 'ZINC ION' 'Zn 2'
#
# COMPACT_ATOMS: atom_id res chain seq x y z
N THR A 3 22.72 68.40 -17.05
CA THR A 3 22.53 67.23 -17.94
C THR A 3 23.63 67.04 -19.00
N LEU A 4 23.90 68.11 -19.75
CA LEU A 4 24.85 68.10 -20.89
C LEU A 4 26.31 68.40 -20.47
N ASN A 5 26.51 68.90 -19.25
CA ASN A 5 27.77 69.51 -18.77
C ASN A 5 28.96 68.54 -18.78
N PRO A 6 29.92 68.74 -19.71
CA PRO A 6 31.07 67.84 -19.96
C PRO A 6 32.01 67.62 -18.79
N SER A 7 31.98 68.53 -17.82
CA SER A 7 32.58 68.31 -16.51
C SER A 7 32.02 67.02 -15.89
N ALA A 8 30.73 66.77 -16.08
CA ALA A 8 30.05 65.56 -15.65
C ALA A 8 29.87 64.51 -16.74
N ARG A 9 30.64 64.60 -17.81
CA ARG A 9 30.53 63.56 -18.85
C ARG A 9 31.69 62.59 -18.74
N ILE A 10 31.42 61.38 -19.16
CA ILE A 10 32.35 60.27 -18.97
C ILE A 10 33.55 60.45 -19.90
N MET A 11 34.73 60.45 -19.32
CA MET A 11 35.92 60.62 -20.10
C MET A 11 36.60 59.28 -20.37
N THR A 12 37.30 59.24 -21.49
CA THR A 12 38.11 58.12 -21.94
C THR A 12 39.57 58.57 -21.97
N PHE A 13 40.48 57.68 -21.60
CA PHE A 13 41.89 57.97 -21.45
C PHE A 13 42.68 56.87 -22.11
N TYR A 14 43.79 57.28 -22.72
CA TYR A 14 44.66 56.42 -23.53
C TYR A 14 46.13 56.54 -23.08
N PRO A 15 46.44 56.05 -21.88
CA PRO A 15 47.77 56.18 -21.31
C PRO A 15 48.87 55.45 -22.12
N THR A 16 50.08 55.95 -22.02
CA THR A 16 51.23 55.29 -22.65
C THR A 16 51.65 54.24 -21.67
N MET A 17 52.54 53.34 -22.07
CA MET A 17 52.99 52.26 -21.22
C MET A 17 53.72 52.77 -19.95
N GLU A 18 54.49 53.84 -20.09
CA GLU A 18 55.14 54.47 -18.94
C GLU A 18 54.15 55.06 -17.92
N GLU A 19 53.18 55.84 -18.39
CA GLU A 19 52.10 56.35 -17.54
C GLU A 19 51.29 55.25 -16.84
N PHE A 20 51.16 54.12 -17.53
CA PHE A 20 50.33 53.02 -17.11
C PHE A 20 50.88 52.29 -15.89
N ARG A 21 52.18 52.04 -15.89
CA ARG A 21 52.79 51.18 -14.86
C ARG A 21 52.43 51.55 -13.42
N ASN A 22 52.25 52.85 -13.13
CA ASN A 22 51.81 53.30 -11.77
C ASN A 22 50.28 53.54 -11.65
N PHE A 23 49.58 52.63 -10.97
CA PHE A 23 48.14 52.68 -10.90
C PHE A 23 47.64 53.89 -10.08
N SER A 24 47.98 53.96 -8.80
CA SER A 24 47.52 55.09 -7.92
C SER A 24 47.79 56.48 -8.47
N ARG A 25 48.92 56.63 -9.16
CA ARG A 25 49.34 57.88 -9.76
C ARG A 25 48.48 58.20 -10.97
N TYR A 26 48.13 57.20 -11.76
CA TYR A 26 47.28 57.45 -12.93
C TYR A 26 45.88 57.82 -12.51
N ILE A 27 45.35 57.20 -11.43
CA ILE A 27 44.07 57.61 -10.89
C ILE A 27 44.09 59.06 -10.44
N ALA A 28 45.17 59.46 -9.80
CA ALA A 28 45.33 60.84 -9.38
C ALA A 28 45.34 61.77 -10.58
N TYR A 29 46.04 61.36 -11.67
CA TYR A 29 46.04 62.10 -12.94
C TYR A 29 44.66 62.24 -13.53
N ILE A 30 43.92 61.15 -13.69
CA ILE A 30 42.58 61.28 -14.26
C ILE A 30 41.64 62.15 -13.40
N GLU A 31 41.79 62.15 -12.08
CA GLU A 31 41.05 63.09 -11.24
C GLU A 31 41.51 64.53 -11.40
N SER A 32 42.81 64.76 -11.63
CA SER A 32 43.34 66.10 -11.96
C SER A 32 42.66 66.69 -13.21
N GLN A 33 42.28 65.82 -14.14
CA GLN A 33 41.55 66.16 -15.39
C GLN A 33 40.01 66.11 -15.26
N GLY A 34 39.47 65.95 -14.04
CA GLY A 34 38.01 65.99 -13.79
C GLY A 34 37.16 64.72 -13.99
N ALA A 35 37.79 63.61 -14.34
CA ALA A 35 37.11 62.31 -14.59
C ALA A 35 36.08 61.87 -13.55
N HIS A 36 36.39 62.19 -12.30
CA HIS A 36 35.60 61.76 -11.16
C HIS A 36 34.26 62.42 -11.06
N ARG A 37 34.12 63.57 -11.69
CA ARG A 37 32.83 64.30 -11.70
C ARG A 37 31.72 63.52 -12.42
N ALA A 38 32.08 62.67 -13.37
CA ALA A 38 31.08 61.88 -14.06
C ALA A 38 30.67 60.63 -13.24
N GLY A 39 31.53 60.16 -12.33
CA GLY A 39 31.27 58.94 -11.57
C GLY A 39 31.81 57.65 -12.18
N LEU A 40 32.25 57.71 -13.44
CA LEU A 40 32.72 56.60 -14.21
C LEU A 40 33.72 57.14 -15.28
N ALA A 41 34.86 56.49 -15.45
CA ALA A 41 35.80 56.81 -16.51
C ALA A 41 36.25 55.54 -17.22
N LYS A 42 36.57 55.65 -18.51
CA LYS A 42 37.16 54.52 -19.24
C LYS A 42 38.67 54.71 -19.45
N VAL A 43 39.42 53.63 -19.31
CA VAL A 43 40.86 53.64 -19.54
C VAL A 43 41.18 52.50 -20.45
N VAL A 44 41.60 52.84 -21.67
CA VAL A 44 42.12 51.87 -22.62
C VAL A 44 43.61 51.63 -22.36
N PRO A 45 44.01 50.40 -22.13
CA PRO A 45 45.44 50.22 -21.90
C PRO A 45 46.28 50.34 -23.18
N PRO A 46 47.59 50.51 -23.04
CA PRO A 46 48.47 50.47 -24.18
C PRO A 46 48.29 49.18 -24.93
N LYS A 47 48.21 49.28 -26.27
CA LYS A 47 48.07 48.14 -27.19
C LYS A 47 48.87 46.86 -26.82
N GLU A 48 50.12 47.04 -26.41
CA GLU A 48 51.01 45.90 -26.12
C GLU A 48 50.62 45.08 -24.90
N TRP A 49 49.94 45.72 -23.94
CA TRP A 49 49.75 45.13 -22.61
C TRP A 49 48.64 44.08 -22.64
N LYS A 50 48.85 43.02 -21.85
CA LYS A 50 48.00 41.82 -21.90
C LYS A 50 48.04 41.06 -20.58
N PRO A 51 46.91 41.00 -19.87
CA PRO A 51 46.95 40.37 -18.54
C PRO A 51 46.99 38.83 -18.58
N ARG A 52 46.71 38.24 -19.72
CA ARG A 52 46.83 36.80 -19.86
C ARG A 52 47.20 36.49 -21.31
N ALA A 53 47.92 35.38 -21.49
CA ALA A 53 48.33 34.90 -22.79
C ALA A 53 47.12 34.67 -23.65
N SER A 54 46.14 33.92 -23.15
CA SER A 54 44.88 33.61 -23.87
C SER A 54 43.80 32.94 -22.96
N TYR A 55 42.56 32.93 -23.42
CA TYR A 55 41.42 32.41 -22.64
C TYR A 55 40.79 31.11 -23.17
N ASP A 56 41.60 30.29 -23.86
CA ASP A 56 41.18 28.97 -24.39
C ASP A 56 41.05 27.89 -23.28
N ASP A 57 41.82 28.08 -22.23
CA ASP A 57 42.06 27.10 -21.19
C ASP A 57 41.22 27.33 -19.92
N ILE A 58 39.99 27.81 -20.03
CA ILE A 58 39.18 28.07 -18.80
C ILE A 58 37.79 27.47 -18.87
N ASP A 59 37.57 26.48 -19.74
CA ASP A 59 36.22 25.92 -19.97
C ASP A 59 35.74 25.09 -18.79
N ASP A 60 36.70 24.61 -17.99
CA ASP A 60 36.44 23.86 -16.76
C ASP A 60 36.43 24.73 -15.50
N LEU A 61 36.31 26.04 -15.63
CA LEU A 61 36.25 26.87 -14.44
C LEU A 61 34.84 26.74 -13.90
N VAL A 62 34.76 26.53 -12.59
CA VAL A 62 33.48 26.36 -11.93
C VAL A 62 32.89 27.68 -11.44
N ILE A 63 31.66 27.92 -11.84
CA ILE A 63 30.88 29.02 -11.33
C ILE A 63 30.02 28.41 -10.25
N PRO A 64 30.36 28.62 -8.95
CA PRO A 64 29.69 27.92 -7.82
C PRO A 64 28.23 28.20 -7.66
N ALA A 65 27.84 29.48 -7.83
CA ALA A 65 26.51 29.97 -7.49
C ALA A 65 25.94 30.90 -8.58
N PRO A 66 25.74 30.38 -9.80
CA PRO A 66 25.09 31.17 -10.88
C PRO A 66 23.72 31.60 -10.44
N ILE A 67 23.27 32.75 -10.89
CA ILE A 67 21.99 33.24 -10.41
C ILE A 67 21.16 33.57 -11.63
N GLN A 68 19.91 33.14 -11.64
CA GLN A 68 18.99 33.52 -12.69
C GLN A 68 18.37 34.85 -12.28
N GLN A 69 18.21 35.76 -13.22
CA GLN A 69 17.86 37.15 -12.90
C GLN A 69 16.47 37.33 -13.39
N LEU A 70 15.54 37.30 -12.45
CA LEU A 70 14.10 37.47 -12.74
C LEU A 70 13.85 38.93 -12.51
N VAL A 71 13.21 39.61 -13.45
CA VAL A 71 12.88 41.01 -13.32
C VAL A 71 11.38 41.20 -13.43
N THR A 72 10.85 42.06 -12.56
CA THR A 72 9.41 42.36 -12.53
C THR A 72 9.23 43.89 -12.59
N GLY A 73 8.27 44.32 -13.39
CA GLY A 73 7.86 45.71 -13.43
C GLY A 73 7.40 46.15 -14.80
N GLN A 74 7.36 47.47 -14.97
CA GLN A 74 6.73 48.13 -16.10
C GLN A 74 7.09 49.62 -16.10
N SER A 75 6.75 50.34 -17.18
CA SER A 75 6.95 51.82 -17.21
C SER A 75 8.34 52.19 -16.75
N GLY A 76 9.34 51.43 -17.19
CA GLY A 76 10.73 51.67 -16.87
C GLY A 76 11.19 51.59 -15.42
N LEU A 77 10.38 51.06 -14.49
CA LEU A 77 10.76 50.75 -13.11
C LEU A 77 10.65 49.28 -12.89
N PHE A 78 11.69 48.68 -12.30
CA PHE A 78 11.76 47.25 -12.22
C PHE A 78 12.51 46.83 -10.98
N THR A 79 12.25 45.59 -10.56
CA THR A 79 12.88 45.02 -9.39
C THR A 79 13.47 43.69 -9.85
N GLN A 80 14.71 43.46 -9.48
CA GLN A 80 15.45 42.32 -9.95
C GLN A 80 15.65 41.37 -8.79
N TYR A 81 15.10 40.15 -8.91
CA TYR A 81 15.26 39.07 -7.97
C TYR A 81 16.23 38.00 -8.50
N ASN A 82 16.94 37.36 -7.58
CA ASN A 82 17.90 36.30 -7.90
C ASN A 82 17.39 34.91 -7.50
N ILE A 83 17.54 33.94 -8.40
CA ILE A 83 17.37 32.55 -8.04
C ILE A 83 18.72 31.92 -8.16
N GLN A 84 19.26 31.41 -7.07
CA GLN A 84 20.52 30.68 -7.17
C GLN A 84 20.23 29.34 -7.87
N LYS A 85 20.98 29.07 -8.93
CA LYS A 85 21.01 27.80 -9.60
C LYS A 85 22.20 27.01 -9.04
N LYS A 86 22.13 25.68 -9.15
CA LYS A 86 23.28 24.83 -8.79
C LYS A 86 24.49 25.08 -9.76
N ALA A 87 25.68 24.63 -9.34
CA ALA A 87 26.91 24.97 -10.04
C ALA A 87 26.99 24.37 -11.42
N MET A 88 27.77 25.08 -12.24
CA MET A 88 28.01 24.76 -13.62
C MET A 88 29.38 25.31 -14.02
N THR A 89 29.92 24.85 -15.15
CA THR A 89 31.22 25.28 -15.66
C THR A 89 31.08 26.42 -16.68
N VAL A 90 32.22 27.03 -17.03
CA VAL A 90 32.25 28.08 -18.08
C VAL A 90 31.68 27.52 -19.38
N ARG A 91 32.13 26.32 -19.72
CA ARG A 91 31.57 25.58 -20.86
C ARG A 91 30.06 25.49 -20.78
N GLU A 92 29.49 24.95 -19.71
CA GLU A 92 28.04 24.86 -19.66
C GLU A 92 27.41 26.23 -19.83
N PHE A 93 28.01 27.23 -19.17
CA PHE A 93 27.51 28.62 -19.25
C PHE A 93 27.50 29.17 -20.68
N ARG A 94 28.67 29.16 -21.36
CA ARG A 94 28.78 29.57 -22.79
C ARG A 94 27.74 28.92 -23.73
N LYS A 95 27.50 27.62 -23.55
CA LYS A 95 26.45 26.86 -24.28
C LYS A 95 25.09 27.48 -24.15
N ILE A 96 24.68 27.76 -22.89
CA ILE A 96 23.40 28.42 -22.67
C ILE A 96 23.51 29.82 -23.33
N ALA A 97 24.48 30.64 -22.94
CA ALA A 97 24.61 32.03 -23.45
C ALA A 97 24.58 32.18 -24.99
N ASN A 98 25.41 31.36 -25.65
CA ASN A 98 25.50 31.33 -27.11
C ASN A 98 24.42 30.52 -27.78
N SER A 99 23.53 29.86 -27.02
CA SER A 99 22.36 29.14 -27.58
C SER A 99 21.37 30.12 -28.17
N ASP A 100 20.42 29.57 -28.91
CA ASP A 100 19.45 30.38 -29.63
C ASP A 100 18.35 30.90 -28.70
N LYS A 101 18.14 30.28 -27.55
CA LYS A 101 17.15 30.85 -26.64
C LYS A 101 17.66 32.12 -25.88
N TYR A 102 18.98 32.27 -25.75
CA TYR A 102 19.59 33.33 -24.91
C TYR A 102 20.52 34.31 -25.60
N CYS A 103 20.87 34.09 -26.87
CA CYS A 103 21.91 34.86 -27.54
C CYS A 103 21.45 36.27 -27.88
N THR A 104 22.43 37.10 -28.20
CA THR A 104 22.24 38.50 -28.51
C THR A 104 21.38 38.63 -29.76
N PRO A 105 20.25 39.37 -29.70
CA PRO A 105 19.46 39.60 -30.91
C PRO A 105 20.19 40.41 -32.00
N ARG A 106 19.48 40.60 -33.12
CA ARG A 106 20.02 41.34 -34.26
C ARG A 106 20.05 42.81 -33.88
N TYR A 107 21.15 43.51 -34.19
CA TYR A 107 21.19 44.96 -34.05
C TYR A 107 22.17 45.67 -34.98
N SER A 108 21.72 46.83 -35.48
CA SER A 108 22.52 47.72 -36.31
C SER A 108 23.44 48.65 -35.48
N GLU A 109 22.94 49.15 -34.36
CA GLU A 109 23.74 50.08 -33.52
C GLU A 109 23.32 50.01 -32.04
N PHE A 110 24.12 50.62 -31.16
CA PHE A 110 23.86 50.55 -29.71
C PHE A 110 22.41 50.91 -29.38
N GLU A 111 21.94 52.04 -29.89
CA GLU A 111 20.63 52.53 -29.47
C GLU A 111 19.53 51.49 -29.79
N GLU A 112 19.65 50.72 -30.87
CA GLU A 112 18.69 49.64 -31.12
C GLU A 112 18.76 48.58 -30.04
N LEU A 113 19.97 48.10 -29.73
CA LEU A 113 20.13 47.07 -28.69
C LEU A 113 19.63 47.51 -27.27
N GLU A 114 19.76 48.79 -26.97
CA GLU A 114 19.30 49.37 -25.74
C GLU A 114 17.81 49.24 -25.63
N ARG A 115 17.09 49.69 -26.67
CA ARG A 115 15.62 49.55 -26.78
C ARG A 115 15.17 48.10 -26.56
N LYS A 116 15.86 47.14 -27.15
CA LYS A 116 15.51 45.75 -26.95
C LYS A 116 15.75 45.27 -25.52
N TYR A 117 16.82 45.79 -24.91
CA TYR A 117 17.05 45.56 -23.50
C TYR A 117 15.88 46.06 -22.65
N TRP A 118 15.50 47.32 -22.74
CA TRP A 118 14.43 47.87 -21.91
C TRP A 118 13.02 47.41 -22.24
N LYS A 119 12.87 46.91 -23.45
CA LYS A 119 11.60 46.34 -23.89
C LYS A 119 11.54 44.87 -23.43
N ASN A 120 12.66 44.16 -23.32
CA ASN A 120 12.61 42.72 -23.05
C ASN A 120 13.23 42.23 -21.75
N LEU A 121 13.63 43.10 -20.83
CA LEU A 121 14.31 42.58 -19.62
C LEU A 121 13.42 41.76 -18.72
N THR A 122 12.10 41.94 -18.77
CA THR A 122 11.23 41.13 -17.93
C THR A 122 11.04 39.72 -18.51
N PHE A 123 11.43 39.46 -19.77
CA PHE A 123 11.15 38.17 -20.39
C PHE A 123 12.42 37.36 -20.46
N ASN A 124 12.26 36.04 -20.56
CA ASN A 124 13.34 35.15 -20.96
C ASN A 124 14.58 35.20 -20.03
N PRO A 125 14.38 35.01 -18.72
CA PRO A 125 15.40 35.28 -17.69
C PRO A 125 16.82 34.69 -17.84
N PRO A 126 17.82 35.57 -18.02
CA PRO A 126 19.17 35.08 -18.22
C PRO A 126 19.80 34.64 -16.91
N ILE A 127 21.00 34.11 -17.01
CA ILE A 127 21.73 33.60 -15.88
C ILE A 127 23.02 34.33 -15.91
N TYR A 128 23.42 34.78 -14.71
CA TYR A 128 24.65 35.55 -14.56
C TYR A 128 25.62 34.77 -13.72
N GLY A 129 26.83 34.61 -14.20
CA GLY A 129 27.86 33.95 -13.46
C GLY A 129 28.61 34.98 -12.67
N ALA A 130 28.00 35.42 -11.58
CA ALA A 130 28.46 36.61 -10.89
C ALA A 130 29.16 36.21 -9.63
N ASP A 131 29.99 37.12 -9.14
CA ASP A 131 30.59 37.00 -7.83
C ASP A 131 31.46 35.73 -7.72
N VAL A 132 32.10 35.29 -8.80
CA VAL A 132 33.00 34.14 -8.76
C VAL A 132 34.33 34.62 -8.22
N ASN A 133 34.85 33.98 -7.17
CA ASN A 133 36.14 34.31 -6.58
C ASN A 133 37.21 33.82 -7.53
N GLY A 134 38.16 34.68 -7.78
CA GLY A 134 39.21 34.37 -8.72
C GLY A 134 39.65 35.53 -9.57
N THR A 135 40.66 35.20 -10.33
CA THR A 135 41.36 36.11 -11.18
C THR A 135 41.82 35.37 -12.39
N LEU A 136 41.84 36.09 -13.51
CA LEU A 136 42.29 35.56 -14.78
C LEU A 136 43.58 36.20 -15.23
N TYR A 137 44.19 37.06 -14.41
CA TYR A 137 45.51 37.58 -14.74
C TYR A 137 46.52 36.49 -14.47
N GLU A 138 47.60 36.48 -15.22
CA GLU A 138 48.70 35.58 -14.90
C GLU A 138 49.46 36.20 -13.79
N LYS A 139 50.08 35.34 -12.99
CA LYS A 139 50.86 35.69 -11.81
C LYS A 139 51.89 36.80 -12.05
N HIS A 140 52.41 36.88 -13.28
CA HIS A 140 53.54 37.76 -13.65
C HIS A 140 53.19 39.24 -14.02
N VAL A 141 51.90 39.59 -14.05
CA VAL A 141 51.49 40.93 -14.50
C VAL A 141 51.54 41.99 -13.42
N ASP A 142 52.32 43.03 -13.68
CA ASP A 142 52.68 44.03 -12.70
C ASP A 142 51.95 45.36 -12.82
N GLU A 143 51.26 45.55 -13.94
CA GLU A 143 50.55 46.80 -14.24
C GLU A 143 49.06 46.52 -14.16
N TRP A 144 48.37 47.32 -13.34
CA TRP A 144 46.93 47.27 -13.26
C TRP A 144 46.39 45.85 -12.97
N ASN A 145 47.01 45.19 -11.99
CA ASN A 145 46.67 43.81 -11.60
C ASN A 145 45.58 43.88 -10.52
N ILE A 146 44.36 43.57 -10.95
CA ILE A 146 43.20 43.68 -10.09
C ILE A 146 43.42 42.96 -8.77
N GLY A 147 44.10 41.80 -8.82
CA GLY A 147 44.43 41.02 -7.63
C GLY A 147 45.32 41.67 -6.59
N ARG A 148 46.05 42.73 -6.95
CA ARG A 148 46.99 43.36 -6.03
C ARG A 148 47.38 44.78 -6.50
N LEU A 149 46.52 45.75 -6.16
CA LEU A 149 46.65 47.12 -6.63
C LEU A 149 47.43 48.10 -5.78
N ARG A 150 47.78 47.73 -4.55
CA ARG A 150 48.66 48.58 -3.72
C ARG A 150 48.09 49.95 -3.37
N THR A 151 46.77 50.04 -3.24
CA THR A 151 46.16 51.29 -2.71
C THR A 151 46.04 51.21 -1.20
N ILE A 152 45.66 52.32 -0.58
CA ILE A 152 45.42 52.35 0.88
C ILE A 152 44.27 51.47 1.39
N LEU A 153 43.34 51.09 0.55
CA LEU A 153 42.41 50.06 0.93
C LEU A 153 43.14 48.88 1.57
N ASP A 154 44.36 48.60 1.15
CA ASP A 154 45.17 47.51 1.75
C ASP A 154 45.31 47.48 3.27
N LEU A 155 45.14 48.63 3.92
CA LEU A 155 44.97 48.71 5.39
C LEU A 155 43.89 47.81 6.02
N VAL A 156 42.82 47.47 5.31
CA VAL A 156 41.84 46.58 5.89
C VAL A 156 42.47 45.21 6.17
N GLU A 157 43.12 44.65 5.16
CA GLU A 157 43.80 43.37 5.33
C GLU A 157 45.06 43.47 6.20
N LYS A 158 45.90 44.47 5.94
CA LYS A 158 47.19 44.61 6.60
C LYS A 158 47.13 44.97 8.08
N GLU A 159 46.30 45.92 8.45
CA GLU A 159 46.19 46.39 9.83
C GLU A 159 45.01 45.76 10.54
N SER A 160 43.82 45.76 9.94
CA SER A 160 42.65 45.08 10.52
C SER A 160 42.62 43.53 10.38
N GLY A 161 43.38 42.95 9.44
CA GLY A 161 43.40 41.51 9.25
C GLY A 161 42.10 40.97 8.70
N ILE A 162 41.38 41.75 7.88
CA ILE A 162 40.08 41.30 7.37
C ILE A 162 40.07 41.13 5.84
N THR A 163 39.56 39.97 5.40
CA THR A 163 39.33 39.61 4.01
C THR A 163 37.86 39.91 3.77
N ILE A 164 37.54 40.65 2.71
CA ILE A 164 36.14 40.82 2.24
C ILE A 164 36.08 40.46 0.76
N GLU A 165 35.38 39.38 0.46
CA GLU A 165 35.39 38.81 -0.89
C GLU A 165 34.76 39.78 -1.86
N GLY A 166 35.46 40.04 -2.97
CA GLY A 166 35.01 40.96 -3.99
C GLY A 166 35.35 42.41 -3.72
N VAL A 167 35.81 42.76 -2.51
CA VAL A 167 36.16 44.15 -2.14
C VAL A 167 37.66 44.34 -2.01
N ASN A 168 38.21 43.43 -1.23
CA ASN A 168 39.60 43.17 -0.99
C ASN A 168 40.13 42.13 -1.95
N THR A 169 39.27 41.45 -2.69
CA THR A 169 39.68 40.27 -3.44
C THR A 169 38.95 40.35 -4.75
N PRO A 170 39.45 39.70 -5.80
CA PRO A 170 38.81 39.87 -7.09
C PRO A 170 37.67 38.90 -7.30
N TYR A 171 36.68 39.36 -8.06
CA TYR A 171 35.56 38.61 -8.51
C TYR A 171 35.53 38.64 -10.01
N LEU A 172 35.10 37.53 -10.58
CA LEU A 172 34.85 37.41 -11.98
C LEU A 172 33.37 37.42 -12.23
N TYR A 173 32.96 37.88 -13.41
CA TYR A 173 31.56 37.92 -13.79
C TYR A 173 31.40 37.37 -15.19
N PHE A 174 30.63 36.30 -15.34
CA PHE A 174 30.42 35.75 -16.63
C PHE A 174 29.07 36.16 -17.07
N GLY A 175 29.01 36.96 -18.13
CA GLY A 175 27.79 37.49 -18.64
C GLY A 175 27.13 36.79 -19.80
N MET A 176 25.92 37.21 -20.10
CA MET A 176 25.23 36.70 -21.24
C MET A 176 24.25 37.78 -21.56
N TRP A 177 23.69 37.78 -22.77
CA TRP A 177 22.82 38.86 -23.20
C TRP A 177 21.74 39.11 -22.13
N LYS A 178 21.59 40.40 -21.83
CA LYS A 178 20.53 40.89 -21.01
C LYS A 178 20.82 40.71 -19.51
N THR A 179 21.94 40.12 -19.10
CA THR A 179 22.28 40.12 -17.69
C THR A 179 22.63 41.53 -17.26
N SER A 180 22.28 41.86 -16.01
CA SER A 180 22.20 43.24 -15.54
C SER A 180 22.93 43.44 -14.24
N PHE A 181 23.39 44.66 -14.03
CA PHE A 181 23.74 45.11 -12.70
C PHE A 181 22.86 46.31 -12.47
N ALA A 182 22.14 46.28 -11.34
CA ALA A 182 21.22 47.35 -10.96
C ALA A 182 21.94 48.56 -10.37
N TRP A 183 21.17 49.63 -10.19
CA TRP A 183 21.67 50.93 -9.73
C TRP A 183 22.31 50.78 -8.35
N HIS A 184 23.55 51.23 -8.23
CA HIS A 184 24.26 51.18 -6.96
C HIS A 184 25.51 52.03 -6.95
N THR A 185 25.95 52.32 -5.73
CA THR A 185 27.33 52.66 -5.45
C THR A 185 28.02 51.48 -4.83
N GLU A 186 29.31 51.61 -4.65
CA GLU A 186 30.07 50.51 -4.13
C GLU A 186 29.88 50.44 -2.65
N ASP A 187 30.32 49.33 -2.11
CA ASP A 187 30.34 49.14 -0.68
C ASP A 187 31.24 50.18 0.00
N MET A 188 30.74 50.75 1.11
CA MET A 188 31.37 51.87 1.80
C MET A 188 31.69 53.01 0.86
N ASP A 189 31.02 53.09 -0.29
CA ASP A 189 31.28 54.09 -1.34
C ASP A 189 32.74 54.12 -1.84
N LEU A 190 33.35 52.95 -1.93
CA LEU A 190 34.64 52.80 -2.54
C LEU A 190 34.70 53.12 -4.03
N TYR A 191 35.92 53.28 -4.53
CA TYR A 191 36.13 53.25 -5.97
C TYR A 191 36.02 51.82 -6.40
N SER A 192 35.69 51.59 -7.64
CA SER A 192 35.90 50.27 -8.24
C SER A 192 36.68 50.27 -9.55
N ILE A 193 37.24 49.11 -9.86
CA ILE A 193 37.87 48.86 -11.14
C ILE A 193 37.26 47.61 -11.78
N ASN A 194 36.92 47.66 -13.07
CA ASN A 194 36.29 46.55 -13.81
C ASN A 194 37.03 46.39 -15.11
N TYR A 195 37.59 45.22 -15.39
CA TYR A 195 38.29 44.96 -16.65
C TYR A 195 37.55 43.88 -17.42
N LEU A 196 37.20 44.15 -18.66
CA LEU A 196 36.52 43.18 -19.51
C LEU A 196 37.58 42.32 -20.18
N HIS A 197 37.65 41.04 -19.83
CA HIS A 197 38.74 40.17 -20.34
C HIS A 197 38.46 39.80 -21.81
N PHE A 198 37.26 39.33 -22.14
CA PHE A 198 36.90 38.98 -23.50
C PHE A 198 35.41 38.95 -23.65
N GLY A 199 34.98 38.86 -24.90
CA GLY A 199 33.61 38.54 -25.24
C GLY A 199 32.89 39.80 -25.58
N GLU A 200 31.57 39.72 -25.61
CA GLU A 200 30.80 40.82 -26.08
C GLU A 200 30.88 42.01 -25.08
N PRO A 201 30.40 43.17 -25.49
CA PRO A 201 30.56 44.30 -24.59
C PRO A 201 29.58 44.39 -23.38
N LYS A 202 29.89 45.37 -22.54
CA LYS A 202 29.15 45.71 -21.37
C LYS A 202 28.81 47.17 -21.48
N SER A 203 27.53 47.54 -21.39
CA SER A 203 27.11 48.96 -21.34
C SER A 203 26.73 49.43 -19.93
N TRP A 204 27.05 50.70 -19.63
CA TRP A 204 27.04 51.28 -18.34
C TRP A 204 26.30 52.57 -18.39
N TYR A 205 25.48 52.82 -17.37
CA TYR A 205 24.93 54.13 -17.08
C TYR A 205 25.54 54.68 -15.78
N SER A 206 25.65 55.99 -15.66
CA SER A 206 26.36 56.64 -14.60
C SER A 206 25.58 57.90 -14.26
N VAL A 207 25.41 58.16 -12.98
CA VAL A 207 24.96 59.46 -12.47
C VAL A 207 26.15 60.08 -11.74
N PRO A 208 26.49 61.33 -12.05
CA PRO A 208 27.57 62.05 -11.37
C PRO A 208 27.35 62.07 -9.86
N PRO A 209 28.41 61.86 -9.05
CA PRO A 209 28.28 61.95 -7.59
C PRO A 209 27.58 63.22 -7.06
N GLU A 210 27.80 64.36 -7.73
CA GLU A 210 27.13 65.61 -7.37
C GLU A 210 25.57 65.57 -7.54
N HIS A 211 25.04 64.55 -8.23
CA HIS A 211 23.59 64.37 -8.39
C HIS A 211 22.99 63.09 -7.79
N GLY A 212 23.82 62.30 -7.10
CA GLY A 212 23.42 61.01 -6.54
C GLY A 212 22.22 61.07 -5.62
N LYS A 213 22.16 62.11 -4.79
CA LYS A 213 21.03 62.31 -3.88
C LYS A 213 19.74 62.48 -4.65
N ARG A 214 19.79 63.09 -5.85
CA ARG A 214 18.61 63.12 -6.74
C ARG A 214 18.13 61.74 -7.14
N LEU A 215 19.07 60.85 -7.40
CA LEU A 215 18.68 59.50 -7.75
C LEU A 215 18.05 58.79 -6.55
N GLU A 216 18.63 58.98 -5.37
CA GLU A 216 18.07 58.41 -4.12
C GLU A 216 16.63 58.92 -3.89
N ARG A 217 16.38 60.21 -4.07
CA ARG A 217 15.01 60.76 -3.88
C ARG A 217 14.05 60.25 -4.94
N LEU A 218 14.47 60.15 -6.18
CA LEU A 218 13.61 59.44 -7.16
C LEU A 218 13.20 58.04 -6.70
N ALA A 219 14.12 57.28 -6.10
CA ALA A 219 13.86 55.87 -5.85
C ALA A 219 13.07 55.68 -4.59
N LYS A 220 13.38 56.44 -3.54
CA LYS A 220 12.54 56.55 -2.31
C LYS A 220 11.07 56.74 -2.70
N GLY A 221 10.86 57.67 -3.64
CA GLY A 221 9.54 58.07 -4.12
C GLY A 221 8.83 57.01 -4.94
N PHE A 222 9.60 56.29 -5.74
CA PHE A 222 9.03 55.21 -6.50
C PHE A 222 8.91 53.91 -5.71
N PHE A 223 9.75 53.70 -4.68
CA PHE A 223 9.72 52.47 -3.88
C PHE A 223 9.55 52.79 -2.39
N PRO A 224 8.40 53.41 -2.02
CA PRO A 224 8.20 53.86 -0.63
C PRO A 224 8.27 52.74 0.42
N GLY A 225 7.78 51.54 0.05
CA GLY A 225 7.86 50.36 0.93
C GLY A 225 9.29 50.06 1.32
N SER A 226 10.11 49.85 0.28
CA SER A 226 11.54 49.56 0.41
C SER A 226 12.31 50.57 1.26
N ALA A 227 12.00 51.86 1.03
CA ALA A 227 12.63 52.96 1.73
C ALA A 227 12.27 53.02 3.23
N GLN A 228 11.07 52.57 3.60
CA GLN A 228 10.71 52.54 5.04
C GLN A 228 11.49 51.47 5.78
N SER A 229 11.62 50.30 5.17
CA SER A 229 12.37 49.17 5.75
C SER A 229 13.89 49.37 5.96
N CYS A 230 14.54 50.14 5.11
CA CYS A 230 16.01 50.16 5.08
C CYS A 230 16.45 51.50 4.59
N GLU A 231 17.40 52.14 5.26
CA GLU A 231 17.73 53.47 4.80
C GLU A 231 18.69 53.54 3.58
N ALA A 232 19.14 52.40 3.09
CA ALA A 232 19.96 52.33 1.89
C ALA A 232 19.58 51.12 1.02
N PHE A 233 18.35 51.12 0.55
CA PHE A 233 17.81 49.92 -0.14
C PHE A 233 18.42 49.73 -1.53
N LEU A 234 19.02 50.79 -2.09
CA LEU A 234 19.73 50.62 -3.34
C LEU A 234 20.90 49.69 -3.15
N ARG A 235 21.47 49.68 -1.95
CA ARG A 235 22.57 48.75 -1.66
C ARG A 235 22.18 47.31 -1.85
N HIS A 236 20.88 46.99 -1.86
CA HIS A 236 20.42 45.60 -2.14
C HIS A 236 20.68 45.12 -3.58
N LYS A 237 20.92 46.09 -4.51
CA LYS A 237 21.19 45.84 -5.94
C LYS A 237 20.05 45.10 -6.66
N MET A 238 18.80 45.49 -6.34
CA MET A 238 17.62 44.92 -7.00
C MET A 238 16.84 45.94 -7.85
N THR A 239 17.27 47.19 -7.93
CA THR A 239 16.47 48.24 -8.57
C THR A 239 16.99 48.72 -9.92
N LEU A 240 16.19 48.51 -10.95
CA LEU A 240 16.52 48.93 -12.29
C LEU A 240 15.64 50.09 -12.63
N ILE A 241 16.24 51.11 -13.24
CA ILE A 241 15.52 52.32 -13.65
C ILE A 241 16.04 52.72 -15.01
N SER A 242 15.12 52.93 -15.95
CA SER A 242 15.48 53.11 -17.31
C SER A 242 16.01 54.52 -17.60
N PRO A 243 16.89 54.66 -18.60
CA PRO A 243 17.31 55.99 -19.00
C PRO A 243 16.14 56.91 -19.34
N LEU A 244 15.04 56.39 -19.87
CA LEU A 244 13.88 57.25 -20.17
C LEU A 244 13.22 57.81 -18.90
N MET A 245 13.10 57.02 -17.84
CA MET A 245 12.65 57.58 -16.53
C MET A 245 13.58 58.66 -15.95
N LEU A 246 14.89 58.43 -16.06
CA LEU A 246 15.86 59.41 -15.60
C LEU A 246 15.72 60.74 -16.35
N LYS A 247 15.61 60.70 -17.69
CA LYS A 247 15.43 61.92 -18.51
C LYS A 247 14.17 62.63 -18.07
N LYS A 248 13.09 61.87 -18.03
CA LYS A 248 11.78 62.35 -17.58
C LYS A 248 11.75 63.05 -16.21
N TYR A 249 12.56 62.62 -15.26
CA TYR A 249 12.57 63.26 -13.92
C TYR A 249 13.79 64.14 -13.71
N GLY A 250 14.49 64.50 -14.80
CA GLY A 250 15.62 65.40 -14.69
C GLY A 250 16.85 64.89 -13.93
N ILE A 251 17.11 63.56 -13.93
CA ILE A 251 18.36 63.06 -13.40
C ILE A 251 19.35 63.08 -14.51
N PRO A 252 20.43 63.85 -14.34
CA PRO A 252 21.47 63.79 -15.35
C PRO A 252 22.18 62.44 -15.27
N PHE A 253 22.59 61.89 -16.41
CA PHE A 253 23.30 60.63 -16.44
C PHE A 253 24.07 60.56 -17.72
N ASP A 254 25.05 59.70 -17.82
CA ASP A 254 25.73 59.49 -19.08
C ASP A 254 25.79 58.00 -19.32
N LYS A 255 26.06 57.60 -20.57
CA LYS A 255 26.22 56.19 -20.93
C LYS A 255 27.46 56.00 -21.72
N VAL A 256 27.98 54.78 -21.65
CA VAL A 256 29.22 54.45 -22.29
C VAL A 256 29.24 52.96 -22.46
N THR A 257 29.95 52.49 -23.47
CA THR A 257 30.08 51.06 -23.70
C THR A 257 31.50 50.57 -23.51
N GLN A 258 31.66 49.51 -22.73
CA GLN A 258 32.97 48.93 -22.47
C GLN A 258 33.15 47.76 -23.40
N GLU A 259 34.26 47.78 -24.15
CA GLU A 259 34.60 46.73 -25.10
C GLU A 259 35.72 45.93 -24.54
N ALA A 260 35.85 44.69 -25.02
CA ALA A 260 36.88 43.80 -24.53
C ALA A 260 38.26 44.44 -24.51
N GLY A 261 39.00 44.21 -23.46
CA GLY A 261 40.28 44.84 -23.28
C GLY A 261 40.25 46.23 -22.68
N GLU A 262 39.11 46.71 -22.17
CA GLU A 262 39.04 48.06 -21.53
C GLU A 262 38.74 48.00 -20.02
N PHE A 263 39.29 48.96 -19.27
CA PHE A 263 38.97 49.17 -17.87
C PHE A 263 37.92 50.24 -17.70
N MET A 264 36.99 50.04 -16.78
CA MET A 264 36.13 51.10 -16.25
C MET A 264 36.48 51.34 -14.78
N ILE A 265 36.58 52.60 -14.41
CA ILE A 265 36.78 53.02 -13.06
C ILE A 265 35.47 53.66 -12.57
N THR A 266 34.97 53.27 -11.38
CA THR A 266 33.87 54.01 -10.71
C THR A 266 34.44 54.76 -9.52
N PHE A 267 33.89 55.94 -9.30
CA PHE A 267 34.40 56.85 -8.28
C PHE A 267 33.45 56.83 -7.06
N PRO A 268 33.94 57.26 -5.88
CA PRO A 268 33.10 57.27 -4.69
C PRO A 268 31.81 57.96 -4.92
N TYR A 269 30.73 57.23 -4.64
CA TYR A 269 29.40 57.74 -4.63
C TYR A 269 28.91 57.92 -6.05
N GLY A 270 29.52 57.18 -7.01
CA GLY A 270 29.08 57.22 -8.42
C GLY A 270 28.03 56.14 -8.63
N TYR A 271 26.79 56.54 -8.76
CA TYR A 271 25.75 55.56 -9.03
C TYR A 271 25.93 54.98 -10.44
N HIS A 272 25.94 53.65 -10.57
CA HIS A 272 25.99 53.05 -11.86
C HIS A 272 25.09 51.82 -12.04
N ALA A 273 24.75 51.51 -13.28
CA ALA A 273 23.96 50.33 -13.65
C ALA A 273 24.34 49.94 -15.04
N GLY A 274 23.92 48.76 -15.47
CA GLY A 274 24.18 48.35 -16.83
C GLY A 274 23.78 46.95 -17.22
N PHE A 275 24.27 46.55 -18.40
CA PHE A 275 23.91 45.26 -18.98
C PHE A 275 24.98 44.80 -19.96
N ASN A 276 25.05 43.49 -20.10
CA ASN A 276 26.07 42.81 -20.90
C ASN A 276 25.38 42.50 -22.20
N HIS A 277 26.11 42.63 -23.30
CA HIS A 277 25.49 42.49 -24.64
C HIS A 277 25.42 41.05 -25.04
N GLY A 278 26.28 40.22 -24.45
CA GLY A 278 26.36 38.82 -24.77
C GLY A 278 27.41 38.15 -23.91
N PHE A 279 27.83 36.96 -24.30
CA PHE A 279 28.73 36.19 -23.52
C PHE A 279 30.03 36.95 -23.33
N ASN A 280 30.43 37.13 -22.07
CA ASN A 280 31.65 37.89 -21.78
C ASN A 280 32.20 37.51 -20.40
N CYS A 281 33.37 37.99 -20.05
CA CYS A 281 33.88 37.76 -18.72
C CYS A 281 34.56 39.04 -18.23
N ALA A 282 34.21 39.49 -17.04
CA ALA A 282 34.86 40.67 -16.42
C ALA A 282 35.43 40.32 -15.06
N GLU A 283 36.45 41.08 -14.66
CA GLU A 283 37.08 40.95 -13.38
C GLU A 283 37.06 42.32 -12.66
N SER A 284 36.75 42.34 -11.36
CA SER A 284 36.57 43.59 -10.62
C SER A 284 36.95 43.47 -9.18
N THR A 285 37.25 44.60 -8.57
CA THR A 285 37.50 44.72 -7.13
C THR A 285 37.30 46.19 -6.74
N ASN A 286 37.36 46.51 -5.46
CA ASN A 286 37.32 47.89 -4.98
C ASN A 286 38.71 48.38 -4.66
N PHE A 287 38.87 49.68 -4.62
CA PHE A 287 40.17 50.28 -4.22
C PHE A 287 39.81 51.62 -3.60
N ALA A 288 40.79 52.35 -3.08
CA ALA A 288 40.59 53.64 -2.41
C ALA A 288 41.75 54.58 -2.66
N THR A 289 41.54 55.87 -2.39
CA THR A 289 42.57 56.89 -2.39
C THR A 289 42.34 57.61 -1.07
N ARG A 290 43.09 58.67 -0.80
CA ARG A 290 42.85 59.48 0.43
C ARG A 290 41.51 60.23 0.45
N ARG A 291 41.03 60.60 -0.71
CA ARG A 291 39.71 61.20 -0.89
C ARG A 291 38.63 60.24 -0.43
N TRP A 292 38.82 58.92 -0.61
CA TRP A 292 37.79 58.04 -0.22
C TRP A 292 37.44 58.12 1.26
N ILE A 293 38.38 58.54 2.10
CA ILE A 293 38.24 58.35 3.55
C ILE A 293 37.02 59.07 4.11
N GLU A 294 36.83 60.30 3.67
CA GLU A 294 35.65 61.04 4.04
C GLU A 294 34.36 60.34 3.54
N TYR A 295 34.39 59.72 2.36
CA TYR A 295 33.17 59.07 1.85
C TYR A 295 32.91 57.86 2.76
N GLY A 296 33.96 57.20 3.21
CA GLY A 296 33.83 56.05 4.10
C GLY A 296 33.21 56.36 5.45
N LYS A 297 33.71 57.42 6.06
CA LYS A 297 33.16 57.91 7.32
C LYS A 297 31.66 58.21 7.18
N GLN A 298 31.29 58.85 6.08
CA GLN A 298 29.89 59.32 5.87
C GLN A 298 28.91 58.35 5.18
N ALA A 299 29.41 57.26 4.58
CA ALA A 299 28.58 56.27 3.87
C ALA A 299 27.31 55.85 4.64
N VAL A 300 26.14 55.95 4.01
CA VAL A 300 24.94 55.42 4.60
C VAL A 300 24.77 53.95 4.21
N LEU A 301 24.68 53.10 5.23
CA LEU A 301 24.84 51.67 5.08
C LEU A 301 23.51 50.98 5.12
N CYS A 302 23.40 49.77 4.50
CA CYS A 302 22.16 48.95 4.58
C CYS A 302 21.88 48.65 6.05
N SER A 303 20.67 48.99 6.49
CA SER A 303 20.26 48.86 7.91
C SER A 303 19.39 47.62 8.23
N CYS A 304 19.24 46.69 7.28
CA CYS A 304 18.25 45.60 7.35
C CYS A 304 18.78 44.13 7.22
N ARG A 305 20.06 43.92 6.89
CA ARG A 305 20.68 42.56 6.82
C ARG A 305 22.06 42.61 7.54
N VAL A 309 28.21 44.71 4.13
CA VAL A 309 29.63 45.07 4.30
C VAL A 309 29.82 46.38 5.04
N LYS A 310 30.40 46.32 6.24
CA LYS A 310 30.85 47.51 6.97
C LYS A 310 32.35 47.39 7.24
N ILE A 311 33.08 48.42 6.86
CA ILE A 311 34.51 48.46 7.09
C ILE A 311 34.70 49.47 8.22
N SER A 312 35.53 49.11 9.20
CA SER A 312 35.85 49.99 10.33
C SER A 312 36.83 51.10 9.87
N MET A 313 36.46 52.37 10.06
CA MET A 313 37.24 53.47 9.58
C MET A 313 38.37 53.91 10.50
N ASP A 314 38.50 53.26 11.67
CA ASP A 314 39.34 53.75 12.77
C ASP A 314 40.77 53.74 12.26
N VAL A 315 41.19 52.58 11.78
CA VAL A 315 42.49 52.47 11.14
C VAL A 315 42.84 53.60 10.14
N PHE A 316 41.87 54.06 9.33
CA PHE A 316 42.09 55.11 8.32
C PHE A 316 42.22 56.49 8.89
N VAL A 317 41.37 56.79 9.88
CA VAL A 317 41.36 58.11 10.53
C VAL A 317 42.62 58.33 11.35
N ARG A 318 43.00 57.33 12.16
CA ARG A 318 44.25 57.35 12.93
C ARG A 318 45.48 57.54 12.01
N LYS A 319 45.56 56.74 10.94
CA LYS A 319 46.71 56.82 10.02
C LYS A 319 46.78 58.11 9.20
N PHE A 320 45.64 58.57 8.68
CA PHE A 320 45.59 59.71 7.74
C PHE A 320 45.00 61.01 8.28
N GLN A 321 44.27 60.96 9.39
CA GLN A 321 43.65 62.15 9.99
C GLN A 321 43.82 62.18 11.54
N PRO A 322 45.01 61.82 12.07
CA PRO A 322 45.21 61.74 13.54
C PRO A 322 44.73 62.98 14.32
N GLU A 323 44.94 64.19 13.77
CA GLU A 323 44.39 65.42 14.36
C GLU A 323 42.86 65.36 14.63
N ARG A 324 42.10 64.81 13.68
CA ARG A 324 40.63 64.80 13.77
C ARG A 324 40.00 63.65 14.57
N TYR A 325 40.84 62.73 15.08
CA TYR A 325 40.37 61.44 15.63
C TYR A 325 39.45 61.53 16.84
N LYS A 326 39.75 62.42 17.79
CA LYS A 326 38.96 62.55 19.05
C LYS A 326 37.57 63.05 18.67
N LEU A 327 37.61 64.20 18.02
CA LEU A 327 36.47 64.84 17.42
C LEU A 327 35.57 63.82 16.65
N TRP A 328 36.17 62.99 15.81
CA TRP A 328 35.42 62.05 14.95
C TRP A 328 34.72 60.96 15.79
N LYS A 329 35.48 60.39 16.73
CA LYS A 329 34.97 59.36 17.67
C LYS A 329 33.78 59.87 18.50
N ALA A 330 33.88 61.12 18.95
CA ALA A 330 32.87 61.80 19.77
C ALA A 330 31.58 62.13 19.02
N GLY A 331 31.66 62.18 17.69
CA GLY A 331 30.51 62.48 16.81
C GLY A 331 30.48 63.92 16.28
N LYS A 332 31.59 64.63 16.41
CA LYS A 332 31.63 66.07 16.16
C LYS A 332 32.14 66.46 14.78
N ASP A 333 32.97 65.62 14.18
CA ASP A 333 33.46 65.84 12.81
C ASP A 333 32.27 65.91 11.90
N ASN A 334 32.07 67.07 11.28
CA ASN A 334 31.11 67.17 10.19
C ASN A 334 31.69 67.99 9.04
N THR A 335 32.83 67.51 8.55
CA THR A 335 33.29 67.92 7.23
C THR A 335 32.15 67.63 6.22
N VAL A 336 32.00 68.49 5.22
CA VAL A 336 31.03 68.32 4.15
C VAL A 336 31.83 67.95 2.90
N ILE A 337 31.35 66.97 2.13
CA ILE A 337 32.06 66.55 0.95
C ILE A 337 31.71 67.47 -0.21
N ASP A 338 32.74 67.95 -0.89
CA ASP A 338 32.61 68.58 -2.19
C ASP A 338 33.06 67.51 -3.19
N HIS A 339 32.12 67.07 -4.02
CA HIS A 339 32.33 65.94 -4.89
C HIS A 339 33.20 66.31 -6.08
N THR A 340 33.39 67.64 -6.32
CA THR A 340 34.14 68.21 -7.46
C THR A 340 35.68 68.14 -7.33
N LEU A 341 36.14 68.04 -6.10
CA LEU A 341 37.56 68.19 -5.76
C LEU A 341 38.22 66.91 -6.05
N PRO A 342 39.39 66.98 -6.68
CA PRO A 342 40.20 65.78 -6.82
C PRO A 342 40.90 65.43 -5.53
N THR A 343 41.32 64.17 -5.47
CA THR A 343 42.08 63.59 -4.39
C THR A 343 43.37 64.42 -4.10
N PRO A 344 43.78 64.55 -2.81
CA PRO A 344 45.02 65.25 -2.51
C PRO A 344 46.20 64.80 -3.36
N GLU A 345 46.35 63.48 -3.55
CA GLU A 345 47.43 62.90 -4.40
C GLU A 345 47.63 63.57 -5.78
N ALA A 346 46.62 64.30 -6.27
CA ALA A 346 46.66 64.94 -7.60
C ALA A 346 47.28 66.34 -7.64
N ALA A 347 47.77 66.84 -6.52
CA ALA A 347 48.36 68.19 -6.45
C ALA A 347 49.52 68.35 -7.44
N GLU A 348 50.34 67.31 -7.59
CA GLU A 348 51.44 67.32 -8.60
C GLU A 348 51.04 67.58 -10.08
N PHE A 349 49.77 67.37 -10.45
CA PHE A 349 49.29 67.76 -11.78
C PHE A 349 48.48 69.08 -11.64
N LEU A 350 48.79 70.07 -12.48
CA LEU A 350 48.13 71.40 -12.44
C LEU A 350 48.13 72.08 -13.81
N SER B 1 -22.60 5.95 -21.66
CA SER B 1 -21.32 6.50 -21.03
C SER B 1 -20.78 7.74 -21.78
N GLU B 2 -20.93 7.69 -23.10
CA GLU B 2 -20.61 8.76 -24.06
C GLU B 2 -21.77 9.80 -24.15
N THR B 3 -23.00 9.40 -23.77
CA THR B 3 -24.14 10.34 -23.62
C THR B 3 -24.14 11.03 -22.26
N LEU B 4 -23.41 10.48 -21.28
CA LEU B 4 -23.27 11.15 -19.97
C LEU B 4 -22.37 12.37 -20.08
N ASN B 5 -22.87 13.51 -19.57
CA ASN B 5 -22.16 14.79 -19.60
C ASN B 5 -21.48 15.01 -20.94
N PRO B 6 -22.26 14.97 -22.03
CA PRO B 6 -21.68 15.07 -23.37
C PRO B 6 -20.93 16.37 -23.63
N SER B 7 -21.34 17.45 -22.98
CA SER B 7 -20.59 18.70 -23.11
C SER B 7 -19.34 18.71 -22.17
N ALA B 8 -19.20 17.70 -21.31
CA ALA B 8 -18.03 17.55 -20.44
C ALA B 8 -17.81 18.81 -19.63
N ARG B 9 -18.83 19.23 -18.89
CA ARG B 9 -18.77 20.46 -18.14
C ARG B 9 -18.65 20.14 -16.67
N ILE B 10 -18.09 21.09 -15.91
CA ILE B 10 -17.92 20.88 -14.47
C ILE B 10 -19.32 20.82 -13.81
N MET B 11 -19.55 19.72 -13.11
CA MET B 11 -20.79 19.45 -12.40
C MET B 11 -20.59 19.71 -10.93
N THR B 12 -21.69 19.99 -10.26
CA THR B 12 -21.73 20.26 -8.84
C THR B 12 -22.68 19.32 -8.14
N PHE B 13 -22.25 18.83 -6.99
CA PHE B 13 -23.00 17.85 -6.25
C PHE B 13 -23.22 18.32 -4.86
N TYR B 14 -24.33 17.83 -4.33
CA TYR B 14 -24.92 18.26 -3.08
C TYR B 14 -25.39 17.02 -2.31
N PRO B 15 -24.45 16.26 -1.74
CA PRO B 15 -24.87 15.07 -1.01
C PRO B 15 -25.53 15.30 0.33
N THR B 16 -26.45 14.39 0.64
CA THR B 16 -27.05 14.29 1.98
C THR B 16 -26.04 13.63 2.87
N MET B 17 -26.35 13.59 4.16
CA MET B 17 -25.40 13.03 5.14
C MET B 17 -25.10 11.56 4.94
N GLU B 18 -25.99 10.79 4.35
CA GLU B 18 -25.73 9.38 4.23
C GLU B 18 -25.14 8.99 2.86
N GLU B 19 -25.36 9.78 1.81
CA GLU B 19 -24.52 9.69 0.60
C GLU B 19 -23.05 10.09 0.92
N PHE B 20 -22.91 11.06 1.82
CA PHE B 20 -21.60 11.61 2.19
C PHE B 20 -20.76 10.71 3.11
N ARG B 21 -21.39 9.88 3.91
CA ARG B 21 -20.68 9.04 4.86
C ARG B 21 -19.66 8.07 4.22
N ASN B 22 -19.89 7.64 2.99
CA ASN B 22 -18.96 6.72 2.29
C ASN B 22 -18.32 7.34 1.05
N PHE B 23 -17.05 7.72 1.18
CA PHE B 23 -16.32 8.47 0.18
C PHE B 23 -16.19 7.76 -1.15
N SER B 24 -15.72 6.51 -1.19
CA SER B 24 -15.52 5.80 -2.45
C SER B 24 -16.79 5.54 -3.23
N ARG B 25 -17.88 5.21 -2.55
CA ARG B 25 -19.12 5.03 -3.26
C ARG B 25 -19.53 6.38 -3.90
N TYR B 26 -19.28 7.50 -3.21
CA TYR B 26 -19.73 8.77 -3.76
C TYR B 26 -18.93 9.17 -5.02
N ILE B 27 -17.64 8.88 -5.02
CA ILE B 27 -16.81 9.08 -6.17
C ILE B 27 -17.31 8.16 -7.30
N ALA B 28 -17.68 6.92 -6.97
CA ALA B 28 -18.25 6.06 -7.99
C ALA B 28 -19.57 6.63 -8.48
N TYR B 29 -20.43 7.13 -7.59
CA TYR B 29 -21.71 7.66 -8.04
C TYR B 29 -21.50 8.86 -9.01
N ILE B 30 -20.61 9.79 -8.65
CA ILE B 30 -20.46 10.98 -9.52
C ILE B 30 -19.85 10.63 -10.89
N GLU B 31 -19.02 9.59 -10.97
CA GLU B 31 -18.58 9.10 -12.26
C GLU B 31 -19.74 8.51 -13.06
N SER B 32 -20.66 7.81 -12.40
CA SER B 32 -21.89 7.36 -13.11
C SER B 32 -22.73 8.49 -13.73
N GLN B 33 -22.53 9.74 -13.28
CA GLN B 33 -23.22 10.91 -13.89
C GLN B 33 -22.36 11.63 -14.95
N GLY B 34 -21.12 11.19 -15.15
CA GLY B 34 -20.23 11.72 -16.17
C GLY B 34 -19.38 12.88 -15.68
N ALA B 35 -19.26 13.03 -14.37
CA ALA B 35 -18.59 14.17 -13.78
C ALA B 35 -17.14 14.21 -14.22
N HIS B 36 -16.55 13.01 -14.27
CA HIS B 36 -15.15 12.80 -14.65
C HIS B 36 -14.74 13.33 -16.03
N ARG B 37 -15.68 13.50 -16.93
CA ARG B 37 -15.33 14.04 -18.23
C ARG B 37 -14.92 15.51 -18.23
N ALA B 38 -15.34 16.28 -17.25
CA ALA B 38 -14.88 17.65 -17.10
C ALA B 38 -13.41 17.69 -16.69
N GLY B 39 -12.95 16.69 -15.96
CA GLY B 39 -11.63 16.74 -15.30
C GLY B 39 -11.74 17.22 -13.87
N LEU B 40 -12.87 17.79 -13.48
CA LEU B 40 -13.01 18.49 -12.23
C LEU B 40 -14.47 18.46 -11.77
N ALA B 41 -14.72 18.28 -10.48
CA ALA B 41 -16.08 18.46 -9.94
C ALA B 41 -16.07 19.08 -8.58
N LYS B 42 -17.16 19.77 -8.27
CA LYS B 42 -17.35 20.40 -6.95
C LYS B 42 -18.34 19.57 -6.12
N VAL B 43 -18.00 19.35 -4.87
CA VAL B 43 -18.92 18.68 -3.93
C VAL B 43 -19.11 19.55 -2.69
N VAL B 44 -20.34 20.00 -2.53
CA VAL B 44 -20.72 20.86 -1.41
C VAL B 44 -21.17 19.93 -0.31
N PRO B 45 -20.41 19.84 0.79
CA PRO B 45 -20.84 18.94 1.85
C PRO B 45 -22.09 19.47 2.56
N PRO B 46 -22.82 18.55 3.21
CA PRO B 46 -24.04 18.90 3.94
C PRO B 46 -23.79 19.84 5.09
N LYS B 47 -24.70 20.79 5.25
CA LYS B 47 -24.62 21.90 6.19
C LYS B 47 -24.15 21.57 7.60
N GLU B 48 -24.63 20.45 8.15
CA GLU B 48 -24.29 20.08 9.51
C GLU B 48 -22.80 19.69 9.66
N TRP B 49 -22.16 19.21 8.58
CA TRP B 49 -20.78 18.65 8.68
C TRP B 49 -19.70 19.74 8.72
N LYS B 50 -18.79 19.63 9.68
CA LYS B 50 -17.68 20.57 9.78
C LYS B 50 -16.48 19.75 10.29
N PRO B 51 -15.34 19.84 9.60
CA PRO B 51 -14.24 18.97 9.94
C PRO B 51 -13.39 19.50 11.09
N ARG B 52 -13.68 20.72 11.56
CA ARG B 52 -12.97 21.30 12.66
C ARG B 52 -13.85 22.36 13.30
N ALA B 53 -13.95 22.36 14.62
CA ALA B 53 -14.86 23.23 15.36
C ALA B 53 -14.53 24.69 15.13
N SER B 54 -13.24 25.02 15.11
CA SER B 54 -12.79 26.36 14.70
C SER B 54 -11.30 26.46 14.32
N TYR B 55 -10.94 27.61 13.76
CA TYR B 55 -9.61 27.82 13.22
C TYR B 55 -8.85 29.02 13.85
N ASP B 56 -9.06 29.34 15.14
CA ASP B 56 -8.27 30.48 15.74
C ASP B 56 -7.15 30.03 16.66
N ASP B 57 -6.84 28.74 16.60
CA ASP B 57 -5.73 28.17 17.35
C ASP B 57 -4.51 27.86 16.45
N ILE B 58 -4.44 28.45 15.25
CA ILE B 58 -3.37 28.10 14.33
C ILE B 58 -2.38 29.22 14.02
N ASP B 59 -2.45 30.35 14.72
CA ASP B 59 -1.47 31.42 14.51
C ASP B 59 0.00 30.95 14.46
N ASP B 60 0.35 29.97 15.30
CA ASP B 60 1.72 29.45 15.40
C ASP B 60 1.96 28.10 14.70
N LEU B 61 1.07 27.69 13.80
CA LEU B 61 1.44 26.70 12.80
C LEU B 61 2.56 27.30 11.89
N VAL B 62 3.64 26.58 11.74
CA VAL B 62 4.78 27.02 10.92
C VAL B 62 4.66 26.55 9.48
N ILE B 63 4.82 27.49 8.55
CA ILE B 63 4.95 27.20 7.12
C ILE B 63 6.44 27.10 6.74
N PRO B 64 6.96 25.90 6.56
CA PRO B 64 8.44 25.81 6.48
C PRO B 64 9.08 26.47 5.25
N ALA B 65 8.32 26.50 4.15
CA ALA B 65 8.90 26.80 2.86
C ALA B 65 7.95 27.60 2.01
N PRO B 66 7.66 28.85 2.41
CA PRO B 66 6.87 29.68 1.57
C PRO B 66 7.69 30.02 0.34
N ILE B 67 6.95 30.27 -0.73
CA ILE B 67 7.44 30.32 -2.08
C ILE B 67 6.95 31.66 -2.61
N GLN B 68 7.87 32.53 -2.94
CA GLN B 68 7.48 33.72 -3.68
C GLN B 68 7.39 33.34 -5.17
N GLN B 69 6.26 33.70 -5.77
CA GLN B 69 5.96 33.28 -7.10
C GLN B 69 6.28 34.38 -8.04
N LEU B 70 7.38 34.22 -8.74
CA LEU B 70 7.79 35.18 -9.76
C LEU B 70 7.37 34.75 -11.14
N VAL B 71 6.53 35.55 -11.78
CA VAL B 71 6.00 35.14 -13.06
C VAL B 71 6.50 36.02 -14.19
N THR B 72 7.05 35.39 -15.22
CA THR B 72 7.57 36.09 -16.40
C THR B 72 6.73 35.76 -17.64
N GLY B 73 6.56 36.72 -18.57
CA GLY B 73 5.85 36.50 -19.88
C GLY B 73 4.85 37.57 -20.32
N GLN B 74 4.16 37.34 -21.44
CA GLN B 74 3.23 38.32 -22.04
C GLN B 74 2.06 37.66 -22.80
N SER B 75 0.92 38.34 -22.76
CA SER B 75 -0.25 38.04 -23.61
C SER B 75 -0.61 36.57 -23.59
N GLY B 76 -0.96 36.12 -22.41
CA GLY B 76 -1.53 34.83 -22.20
C GLY B 76 -0.56 33.70 -21.91
N LEU B 77 0.74 33.85 -22.18
CA LEU B 77 1.73 32.81 -21.87
C LEU B 77 2.79 33.25 -20.85
N PHE B 78 3.04 32.41 -19.85
CA PHE B 78 3.90 32.78 -18.73
C PHE B 78 4.66 31.61 -18.18
N THR B 79 5.77 31.91 -17.55
CA THR B 79 6.48 30.91 -16.77
C THR B 79 6.63 31.41 -15.31
N GLN B 80 6.43 30.47 -14.37
CA GLN B 80 6.44 30.77 -12.94
C GLN B 80 7.70 30.18 -12.31
N TYR B 81 8.43 31.04 -11.59
CA TYR B 81 9.66 30.66 -10.89
C TYR B 81 9.41 30.81 -9.40
N ASN B 82 9.93 29.88 -8.64
CA ASN B 82 9.84 29.90 -7.18
C ASN B 82 11.11 30.49 -6.54
N ILE B 83 10.90 31.30 -5.51
CA ILE B 83 11.97 31.67 -4.58
C ILE B 83 11.51 31.23 -3.19
N GLN B 84 12.21 30.26 -2.62
CA GLN B 84 11.95 29.87 -1.24
C GLN B 84 12.33 30.96 -0.27
N LYS B 85 11.40 31.30 0.61
CA LYS B 85 11.68 32.25 1.65
C LYS B 85 11.85 31.45 2.92
N LYS B 86 12.35 32.10 3.95
CA LYS B 86 12.57 31.39 5.21
C LYS B 86 11.22 31.17 5.93
N ALA B 87 11.24 30.27 6.90
CA ALA B 87 10.04 29.82 7.56
C ALA B 87 9.22 30.93 8.20
N MET B 88 7.91 30.73 8.15
CA MET B 88 6.96 31.79 8.43
C MET B 88 5.82 31.18 9.26
N THR B 89 5.28 31.91 10.22
CA THR B 89 4.07 31.43 10.90
C THR B 89 2.86 31.91 10.12
N VAL B 90 1.73 31.26 10.40
CA VAL B 90 0.44 31.66 9.87
C VAL B 90 0.05 33.06 10.29
N ARG B 91 0.38 33.48 11.50
CA ARG B 91 0.06 34.88 11.90
C ARG B 91 0.83 35.86 11.02
N GLU B 92 2.12 35.58 10.81
CA GLU B 92 2.98 36.40 9.94
C GLU B 92 2.52 36.41 8.49
N PHE B 93 2.12 35.23 7.98
CA PHE B 93 1.64 35.11 6.61
C PHE B 93 0.34 35.89 6.35
N ARG B 94 -0.64 35.73 7.26
CA ARG B 94 -1.89 36.49 7.19
C ARG B 94 -1.72 37.98 7.31
N LYS B 95 -0.78 38.45 8.14
CA LYS B 95 -0.55 39.90 8.25
C LYS B 95 -0.14 40.46 6.90
N ILE B 96 0.84 39.79 6.26
CA ILE B 96 1.32 40.14 4.91
C ILE B 96 0.19 40.01 3.86
N ALA B 97 -0.49 38.88 3.87
CA ALA B 97 -1.60 38.67 2.95
C ALA B 97 -2.60 39.80 2.99
N ASN B 98 -2.88 40.34 4.18
CA ASN B 98 -3.95 41.34 4.35
C ASN B 98 -3.47 42.77 4.22
N SER B 99 -2.16 42.97 4.09
CA SER B 99 -1.62 44.32 4.04
C SER B 99 -1.96 44.92 2.71
N ASP B 100 -1.88 46.25 2.63
CA ASP B 100 -2.24 46.95 1.41
C ASP B 100 -1.32 46.60 0.24
N LYS B 101 -0.13 46.15 0.50
CA LYS B 101 0.70 45.74 -0.63
C LYS B 101 0.14 44.50 -1.33
N TYR B 102 -0.42 43.54 -0.59
CA TYR B 102 -0.73 42.22 -1.15
C TYR B 102 -2.21 41.85 -1.20
N CYS B 103 -3.09 42.67 -0.65
CA CYS B 103 -4.47 42.25 -0.55
C CYS B 103 -5.22 42.43 -1.88
N THR B 104 -6.33 41.75 -1.90
CA THR B 104 -7.18 41.63 -3.01
C THR B 104 -7.69 42.97 -3.51
N PRO B 105 -7.54 43.25 -4.81
CA PRO B 105 -8.09 44.50 -5.31
C PRO B 105 -9.62 44.63 -5.09
N ARG B 106 -10.13 45.86 -5.23
CA ARG B 106 -11.59 46.10 -5.23
C ARG B 106 -12.16 45.60 -6.57
N TYR B 107 -13.36 45.03 -6.50
CA TYR B 107 -14.02 44.53 -7.69
C TYR B 107 -15.50 44.17 -7.40
N SER B 108 -16.32 44.06 -8.44
CA SER B 108 -17.74 43.59 -8.31
C SER B 108 -17.91 42.07 -8.55
N GLU B 109 -17.82 41.64 -9.79
CA GLU B 109 -18.02 40.25 -10.15
C GLU B 109 -16.66 39.57 -10.44
N PHE B 110 -16.63 38.23 -10.38
CA PHE B 110 -15.40 37.43 -10.58
C PHE B 110 -14.71 37.81 -11.89
N GLU B 111 -15.49 38.04 -12.94
CA GLU B 111 -14.94 38.44 -14.26
C GLU B 111 -13.97 39.63 -14.18
N GLU B 112 -14.28 40.60 -13.36
CA GLU B 112 -13.41 41.73 -13.15
C GLU B 112 -12.11 41.29 -12.44
N LEU B 113 -12.26 40.58 -11.32
CA LEU B 113 -11.10 40.00 -10.63
C LEU B 113 -10.21 39.12 -11.54
N GLU B 114 -10.87 38.31 -12.38
CA GLU B 114 -10.15 37.44 -13.32
C GLU B 114 -9.33 38.27 -14.32
N ARG B 115 -9.91 39.35 -14.85
CA ARG B 115 -9.12 40.23 -15.69
C ARG B 115 -7.91 40.79 -14.94
N LYS B 116 -8.10 41.16 -13.68
CA LYS B 116 -7.02 41.73 -12.90
C LYS B 116 -5.93 40.74 -12.63
N TYR B 117 -6.32 39.50 -12.38
CA TYR B 117 -5.36 38.42 -12.29
C TYR B 117 -4.47 38.31 -13.56
N TRP B 118 -5.07 38.21 -14.75
CA TRP B 118 -4.26 38.05 -15.99
C TRP B 118 -3.53 39.33 -16.43
N LYS B 119 -4.04 40.47 -16.00
CA LYS B 119 -3.37 41.71 -16.31
C LYS B 119 -2.19 41.92 -15.36
N ASN B 120 -2.29 41.49 -14.08
CA ASN B 120 -1.28 41.85 -13.07
C ASN B 120 -0.40 40.74 -12.53
N LEU B 121 -0.46 39.54 -13.11
CA LEU B 121 0.22 38.44 -12.46
C LEU B 121 1.73 38.52 -12.53
N THR B 122 2.30 39.33 -13.41
CA THR B 122 3.77 39.46 -13.42
C THR B 122 4.31 40.52 -12.46
N PHE B 123 3.42 41.27 -11.81
CA PHE B 123 3.80 42.42 -11.00
C PHE B 123 3.67 42.08 -9.50
N ASN B 124 4.43 42.74 -8.62
CA ASN B 124 4.24 42.62 -7.16
C ASN B 124 4.07 41.14 -6.74
N PRO B 125 5.12 40.31 -6.94
CA PRO B 125 5.03 38.85 -6.75
C PRO B 125 4.60 38.38 -5.34
N PRO B 126 3.49 37.60 -5.28
CA PRO B 126 2.93 37.22 -4.00
C PRO B 126 3.72 36.07 -3.38
N ILE B 127 3.34 35.69 -2.18
CA ILE B 127 3.96 34.58 -1.45
C ILE B 127 2.91 33.53 -1.16
N TYR B 128 3.23 32.28 -1.44
CA TYR B 128 2.31 31.16 -1.35
C TYR B 128 2.83 30.15 -0.31
N GLY B 129 2.05 29.93 0.76
CA GLY B 129 2.43 28.99 1.84
C GLY B 129 2.09 27.59 1.38
N ALA B 130 2.80 27.11 0.37
CA ALA B 130 2.40 25.88 -0.34
C ALA B 130 3.04 24.62 0.22
N ASP B 131 2.41 23.48 0.01
CA ASP B 131 3.00 22.17 0.34
C ASP B 131 3.44 22.01 1.79
N VAL B 132 2.63 22.49 2.70
CA VAL B 132 2.87 22.30 4.13
C VAL B 132 2.34 20.91 4.55
N ASN B 133 3.18 20.08 5.16
CA ASN B 133 2.74 18.78 5.71
C ASN B 133 1.85 18.99 6.90
N GLY B 134 0.66 18.41 6.86
CA GLY B 134 -0.31 18.69 7.92
C GLY B 134 -1.75 18.51 7.54
N THR B 135 -2.60 18.68 8.54
CA THR B 135 -4.03 18.57 8.38
C THR B 135 -4.65 19.46 9.37
N LEU B 136 -5.75 20.11 8.98
CA LEU B 136 -6.55 20.83 9.94
C LEU B 136 -7.81 20.02 10.34
N TYR B 137 -7.94 18.78 9.89
CA TYR B 137 -9.07 17.97 10.38
C TYR B 137 -8.88 17.59 11.86
N GLU B 138 -9.97 17.61 12.64
CA GLU B 138 -9.96 17.00 13.95
C GLU B 138 -10.02 15.47 13.80
N LYS B 139 -9.65 14.75 14.85
CA LYS B 139 -9.37 13.28 14.77
C LYS B 139 -10.62 12.39 14.76
N HIS B 140 -11.71 12.90 15.35
CA HIS B 140 -12.99 12.19 15.37
C HIS B 140 -13.75 12.16 14.02
N VAL B 141 -13.37 13.03 13.06
CA VAL B 141 -14.13 13.18 11.83
C VAL B 141 -13.78 12.06 10.86
N ASP B 142 -14.73 11.23 10.49
CA ASP B 142 -14.43 10.07 9.64
C ASP B 142 -14.95 10.14 8.22
N GLU B 143 -15.64 11.22 7.88
CA GLU B 143 -16.15 11.45 6.55
C GLU B 143 -15.15 12.35 5.81
N TRP B 144 -14.69 11.88 4.65
CA TRP B 144 -13.91 12.71 3.77
C TRP B 144 -12.73 13.32 4.49
N ASN B 145 -12.09 12.53 5.36
CA ASN B 145 -10.94 13.01 6.12
C ASN B 145 -9.77 12.83 5.16
N ILE B 146 -9.23 13.96 4.69
CA ILE B 146 -8.18 13.96 3.65
C ILE B 146 -6.87 13.36 4.21
N GLY B 147 -6.73 13.37 5.55
CA GLY B 147 -5.63 12.68 6.21
C GLY B 147 -5.66 11.16 6.13
N ARG B 148 -6.73 10.56 5.60
CA ARG B 148 -6.97 9.11 5.67
C ARG B 148 -8.24 8.68 4.88
N LEU B 149 -8.20 8.77 3.56
CA LEU B 149 -9.42 8.69 2.74
C LEU B 149 -10.19 7.36 2.61
N ARG B 150 -9.45 6.28 2.39
CA ARG B 150 -9.98 4.91 2.26
C ARG B 150 -10.22 4.63 0.81
N THR B 151 -9.10 4.49 0.10
CA THR B 151 -9.09 4.07 -1.30
C THR B 151 -7.93 3.11 -1.53
N ILE B 152 -7.89 2.55 -2.72
CA ILE B 152 -6.85 1.59 -3.05
C ILE B 152 -5.43 2.18 -2.99
N LEU B 153 -5.30 3.51 -2.91
CA LEU B 153 -3.99 4.13 -2.85
C LEU B 153 -3.23 3.86 -1.55
N ASP B 154 -3.94 3.49 -0.49
CA ASP B 154 -3.30 3.01 0.75
C ASP B 154 -2.27 1.86 0.52
N LEU B 155 -2.47 1.05 -0.53
CA LEU B 155 -1.51 0.01 -0.96
C LEU B 155 -0.07 0.43 -1.29
N VAL B 156 0.16 1.70 -1.56
CA VAL B 156 1.51 2.23 -1.70
C VAL B 156 2.24 2.26 -0.32
N GLU B 157 1.50 2.48 0.77
CA GLU B 157 2.05 2.39 2.13
C GLU B 157 1.84 1.01 2.80
N LYS B 158 0.60 0.50 2.80
CA LYS B 158 0.25 -0.77 3.48
C LYS B 158 1.00 -2.00 3.00
N GLU B 159 1.37 -2.03 1.72
CA GLU B 159 2.12 -3.13 1.14
C GLU B 159 3.52 -2.65 0.74
N SER B 160 3.62 -1.81 -0.29
CA SER B 160 4.92 -1.34 -0.81
C SER B 160 5.76 -0.56 0.23
N GLY B 161 5.13 -0.04 1.27
CA GLY B 161 5.87 0.61 2.36
C GLY B 161 6.41 2.02 2.11
N ILE B 162 6.07 2.65 0.99
CA ILE B 162 6.59 3.98 0.66
C ILE B 162 5.64 5.11 1.16
N THR B 163 6.24 6.16 1.73
CA THR B 163 5.54 7.42 2.04
C THR B 163 5.92 8.41 0.95
N ILE B 164 4.92 9.15 0.45
CA ILE B 164 5.16 10.22 -0.51
C ILE B 164 4.38 11.43 -0.03
N GLU B 165 5.12 12.46 0.37
CA GLU B 165 4.55 13.73 0.82
C GLU B 165 3.55 14.37 -0.18
N GLY B 166 2.36 14.76 0.31
CA GLY B 166 1.30 15.34 -0.53
C GLY B 166 0.56 14.37 -1.46
N VAL B 167 1.13 13.20 -1.75
CA VAL B 167 0.49 12.18 -2.59
C VAL B 167 -0.38 11.28 -1.69
N ASN B 168 0.23 10.48 -0.83
CA ASN B 168 -0.57 9.70 0.14
C ASN B 168 -0.62 10.27 1.59
N THR B 169 -0.14 11.50 1.80
CA THR B 169 -0.38 12.27 3.02
C THR B 169 -0.89 13.69 2.65
N PRO B 170 -1.46 14.42 3.61
CA PRO B 170 -2.08 15.69 3.27
C PRO B 170 -1.08 16.84 3.27
N TYR B 171 -1.35 17.80 2.40
CA TYR B 171 -0.60 19.03 2.33
C TYR B 171 -1.59 20.15 2.58
N LEU B 172 -1.15 21.20 3.26
CA LEU B 172 -1.92 22.43 3.35
C LEU B 172 -1.34 23.52 2.43
N TYR B 173 -2.20 24.41 1.96
CA TYR B 173 -1.81 25.49 1.09
C TYR B 173 -2.39 26.74 1.73
N PHE B 174 -1.54 27.71 2.06
CA PHE B 174 -2.05 28.99 2.57
C PHE B 174 -1.89 30.00 1.48
N GLY B 175 -3.02 30.54 0.99
CA GLY B 175 -2.99 31.38 -0.15
C GLY B 175 -3.04 32.86 0.09
N MET B 176 -2.58 33.66 -0.89
CA MET B 176 -2.95 35.10 -0.91
C MET B 176 -3.35 35.53 -2.31
N TRP B 177 -3.81 36.78 -2.46
CA TRP B 177 -4.25 37.30 -3.72
C TRP B 177 -3.18 37.05 -4.74
N LYS B 178 -3.57 36.44 -5.87
CA LYS B 178 -2.73 36.27 -7.04
C LYS B 178 -1.76 35.12 -6.93
N THR B 179 -1.74 34.38 -5.83
CA THR B 179 -0.99 33.14 -5.80
C THR B 179 -1.68 32.13 -6.70
N SER B 180 -0.86 31.31 -7.37
CA SER B 180 -1.41 30.44 -8.37
C SER B 180 -0.81 29.07 -8.45
N PHE B 181 -1.55 28.20 -9.14
CA PHE B 181 -1.11 26.88 -9.53
C PHE B 181 -1.18 26.77 -11.04
N ALA B 182 -0.06 26.48 -11.63
CA ALA B 182 0.05 26.25 -13.07
C ALA B 182 -0.67 24.96 -13.52
N TRP B 183 -0.81 24.87 -14.85
CA TRP B 183 -1.42 23.79 -15.55
C TRP B 183 -0.65 22.48 -15.31
N HIS B 184 -1.37 21.48 -14.81
CA HIS B 184 -0.78 20.21 -14.45
C HIS B 184 -1.85 19.14 -14.30
N THR B 185 -1.41 17.89 -14.37
CA THR B 185 -2.18 16.76 -13.91
C THR B 185 -1.42 16.32 -12.66
N GLU B 186 -2.03 15.45 -11.88
CA GLU B 186 -1.42 14.97 -10.67
C GLU B 186 -0.31 13.99 -10.97
N ASP B 187 0.55 13.80 -9.98
CA ASP B 187 1.61 12.80 -10.03
C ASP B 187 0.98 11.47 -10.33
N MET B 188 1.55 10.74 -11.30
CA MET B 188 1.01 9.43 -11.76
C MET B 188 -0.42 9.55 -12.33
N ASP B 189 -0.82 10.75 -12.73
CA ASP B 189 -2.15 11.04 -13.23
C ASP B 189 -3.20 10.44 -12.32
N LEU B 190 -2.98 10.56 -11.02
CA LEU B 190 -3.96 10.22 -9.99
C LEU B 190 -5.12 11.23 -9.90
N TYR B 191 -6.10 10.87 -9.11
CA TYR B 191 -7.15 11.78 -8.69
C TYR B 191 -6.57 12.72 -7.62
N SER B 192 -7.23 13.88 -7.37
CA SER B 192 -6.98 14.69 -6.20
C SER B 192 -8.26 15.17 -5.58
N ILE B 193 -8.14 15.54 -4.32
CA ILE B 193 -9.23 16.12 -3.55
C ILE B 193 -8.68 17.35 -2.85
N ASN B 194 -9.49 18.40 -2.72
N ASN B 194 -9.49 18.40 -2.73
CA ASN B 194 -9.05 19.73 -2.24
CA ASN B 194 -9.02 19.71 -2.26
C ASN B 194 -10.22 20.28 -1.46
C ASN B 194 -10.16 20.43 -1.51
N TYR B 195 -10.00 20.60 -0.21
CA TYR B 195 -11.01 21.17 0.64
C TYR B 195 -10.52 22.54 1.03
N LEU B 196 -11.37 23.54 0.79
CA LEU B 196 -11.10 24.90 1.18
C LEU B 196 -11.57 25.13 2.64
N HIS B 197 -10.61 25.24 3.55
CA HIS B 197 -10.98 25.28 4.97
C HIS B 197 -11.64 26.57 5.29
N PHE B 198 -10.95 27.63 4.95
CA PHE B 198 -11.44 28.93 5.20
C PHE B 198 -10.87 29.99 4.25
N GLY B 199 -11.58 31.12 4.20
CA GLY B 199 -11.05 32.35 3.68
C GLY B 199 -11.66 32.62 2.34
N GLU B 200 -10.87 33.32 1.52
CA GLU B 200 -11.33 33.75 0.22
C GLU B 200 -11.34 32.61 -0.78
N PRO B 201 -12.08 32.77 -1.87
CA PRO B 201 -12.19 31.71 -2.85
C PRO B 201 -10.90 31.34 -3.66
N LYS B 202 -11.00 30.21 -4.34
CA LYS B 202 -9.93 29.72 -5.20
C LYS B 202 -10.63 29.43 -6.45
N SER B 203 -10.17 30.02 -7.55
CA SER B 203 -10.77 29.78 -8.85
C SER B 203 -9.97 28.81 -9.66
N TRP B 204 -10.66 27.98 -10.42
CA TRP B 204 -10.08 26.86 -11.13
C TRP B 204 -10.45 26.91 -12.59
N TYR B 205 -9.57 26.36 -13.41
CA TYR B 205 -9.76 26.10 -14.81
C TYR B 205 -9.45 24.63 -15.05
N SER B 206 -10.24 23.95 -15.87
CA SER B 206 -9.95 22.55 -16.27
C SER B 206 -10.12 22.23 -17.76
N VAL B 207 -9.32 21.30 -18.23
CA VAL B 207 -9.44 20.79 -19.58
C VAL B 207 -9.87 19.34 -19.41
N PRO B 208 -10.96 18.95 -20.09
CA PRO B 208 -11.37 17.53 -20.00
C PRO B 208 -10.22 16.55 -20.36
N PRO B 209 -10.16 15.42 -19.67
CA PRO B 209 -9.19 14.40 -20.07
C PRO B 209 -9.21 14.06 -21.59
N GLU B 210 -10.38 13.82 -22.14
CA GLU B 210 -10.52 13.66 -23.60
C GLU B 210 -9.76 14.68 -24.46
N HIS B 211 -9.61 15.92 -24.00
CA HIS B 211 -8.87 16.96 -24.76
C HIS B 211 -7.47 17.34 -24.22
N GLY B 212 -6.96 16.54 -23.30
CA GLY B 212 -5.67 16.76 -22.65
C GLY B 212 -4.52 16.84 -23.61
N LYS B 213 -4.47 15.91 -24.56
CA LYS B 213 -3.42 15.86 -25.57
C LYS B 213 -3.39 17.15 -26.38
N ARG B 214 -4.54 17.73 -26.64
CA ARG B 214 -4.58 19.04 -27.33
C ARG B 214 -3.88 20.19 -26.54
N LEU B 215 -4.06 20.25 -25.22
CA LEU B 215 -3.36 21.21 -24.37
C LEU B 215 -1.87 20.99 -24.42
N GLU B 216 -1.46 19.71 -24.39
CA GLU B 216 -0.02 19.31 -24.42
C GLU B 216 0.60 19.73 -25.71
N ARG B 217 -0.05 19.41 -26.83
CA ARG B 217 0.46 19.80 -28.13
C ARG B 217 0.61 21.31 -28.22
N LEU B 218 -0.39 22.05 -27.70
CA LEU B 218 -0.29 23.52 -27.67
C LEU B 218 0.91 24.03 -26.83
N ALA B 219 1.04 23.53 -25.61
CA ALA B 219 2.07 23.92 -24.69
C ALA B 219 3.49 23.59 -25.22
N LYS B 220 3.65 22.43 -25.85
CA LYS B 220 4.88 22.00 -26.51
C LYS B 220 5.28 23.01 -27.59
N GLY B 221 4.30 23.46 -28.37
CA GLY B 221 4.55 24.43 -29.44
C GLY B 221 5.02 25.77 -28.94
N PHE B 222 4.55 26.18 -27.77
CA PHE B 222 4.88 27.49 -27.19
C PHE B 222 6.16 27.51 -26.40
N PHE B 223 6.54 26.37 -25.86
CA PHE B 223 7.80 26.24 -25.12
C PHE B 223 8.67 25.19 -25.76
N PRO B 224 9.18 25.45 -26.99
CA PRO B 224 9.93 24.36 -27.66
C PRO B 224 11.17 23.88 -26.86
N GLY B 225 11.84 24.81 -26.19
CA GLY B 225 12.95 24.44 -25.30
C GLY B 225 12.61 23.43 -24.21
N SER B 226 11.65 23.80 -23.34
CA SER B 226 11.22 22.94 -22.21
C SER B 226 10.76 21.57 -22.68
N ALA B 227 10.13 21.52 -23.86
CA ALA B 227 9.68 20.27 -24.44
C ALA B 227 10.83 19.36 -24.83
N GLN B 228 11.94 19.95 -25.30
CA GLN B 228 13.13 19.16 -25.62
C GLN B 228 13.86 18.64 -24.40
N SER B 229 13.82 19.38 -23.29
CA SER B 229 14.48 18.95 -22.06
C SER B 229 13.73 17.90 -21.24
N CYS B 230 12.40 17.88 -21.37
CA CYS B 230 11.59 16.99 -20.54
C CYS B 230 10.38 16.46 -21.32
N GLU B 231 10.11 15.18 -21.11
CA GLU B 231 9.01 14.49 -21.76
C GLU B 231 7.66 14.89 -21.21
N ALA B 232 7.63 15.33 -19.95
CA ALA B 232 6.42 15.84 -19.30
C ALA B 232 6.69 17.17 -18.59
N PHE B 233 7.02 18.22 -19.31
CA PHE B 233 7.50 19.46 -18.67
C PHE B 233 6.40 20.26 -17.89
N LEU B 234 5.14 20.01 -18.22
CA LEU B 234 4.05 20.62 -17.43
C LEU B 234 4.06 20.17 -15.96
N ARG B 235 4.68 19.00 -15.69
CA ARG B 235 4.84 18.48 -14.30
C ARG B 235 5.77 19.33 -13.43
N HIS B 236 6.61 20.13 -14.08
CA HIS B 236 7.41 21.09 -13.33
C HIS B 236 6.49 22.12 -12.67
N LYS B 237 5.23 22.25 -13.14
CA LYS B 237 4.24 23.19 -12.58
C LYS B 237 4.70 24.60 -12.66
N MET B 238 5.19 24.99 -13.81
CA MET B 238 5.67 26.35 -14.02
C MET B 238 4.95 27.08 -15.18
N THR B 239 4.01 26.43 -15.87
CA THR B 239 3.55 26.97 -17.15
C THR B 239 2.14 27.49 -17.03
N LEU B 240 1.97 28.79 -17.26
CA LEU B 240 0.67 29.46 -17.15
C LEU B 240 0.19 29.89 -18.55
N ILE B 241 -1.11 29.70 -18.83
CA ILE B 241 -1.71 29.99 -20.14
C ILE B 241 -3.11 30.51 -19.87
N SER B 242 -3.39 31.74 -20.31
CA SER B 242 -4.69 32.35 -20.02
C SER B 242 -5.87 31.63 -20.71
N PRO B 243 -7.09 31.82 -20.18
CA PRO B 243 -8.25 31.27 -20.88
C PRO B 243 -8.39 31.82 -22.32
N LEU B 244 -8.15 33.11 -22.52
CA LEU B 244 -8.25 33.69 -23.86
C LEU B 244 -7.36 32.96 -24.87
N MET B 245 -6.18 32.52 -24.44
CA MET B 245 -5.27 31.80 -25.31
C MET B 245 -5.72 30.41 -25.59
N LEU B 246 -6.40 29.75 -24.64
CA LEU B 246 -6.99 28.48 -24.92
C LEU B 246 -8.13 28.64 -25.88
N LYS B 247 -8.86 29.73 -25.76
CA LYS B 247 -10.04 29.95 -26.58
C LYS B 247 -9.59 30.19 -28.03
N LYS B 248 -8.63 31.09 -28.21
CA LYS B 248 -7.98 31.35 -29.47
C LYS B 248 -7.40 30.10 -30.19
N TYR B 249 -6.97 29.11 -29.44
CA TYR B 249 -6.49 27.90 -30.06
C TYR B 249 -7.45 26.73 -29.95
N GLY B 250 -8.71 27.03 -29.65
CA GLY B 250 -9.76 26.03 -29.60
C GLY B 250 -9.60 24.89 -28.63
N ILE B 251 -8.85 25.07 -27.56
CA ILE B 251 -8.83 24.05 -26.52
C ILE B 251 -10.09 24.22 -25.65
N PRO B 252 -10.88 23.16 -25.49
CA PRO B 252 -12.04 23.31 -24.61
C PRO B 252 -11.65 23.28 -23.16
N PHE B 253 -12.33 24.06 -22.36
CA PHE B 253 -12.03 24.18 -20.96
C PHE B 253 -13.23 24.73 -20.25
N ASP B 254 -13.27 24.56 -18.93
CA ASP B 254 -14.33 25.12 -18.15
C ASP B 254 -13.72 25.83 -16.92
N LYS B 255 -14.53 26.59 -16.22
CA LYS B 255 -14.09 27.27 -15.02
C LYS B 255 -15.15 27.16 -13.94
N VAL B 256 -14.72 27.22 -12.68
CA VAL B 256 -15.56 27.21 -11.48
C VAL B 256 -14.79 27.89 -10.33
N THR B 257 -15.52 28.59 -9.45
CA THR B 257 -15.01 29.15 -8.21
C THR B 257 -15.46 28.29 -7.01
N GLN B 258 -14.46 27.90 -6.26
CA GLN B 258 -14.56 27.15 -5.03
C GLN B 258 -14.59 28.12 -3.88
N GLU B 259 -15.62 27.98 -3.06
CA GLU B 259 -15.75 28.79 -1.86
C GLU B 259 -15.49 27.96 -0.63
N ALA B 260 -15.32 28.70 0.46
CA ALA B 260 -14.94 28.13 1.71
C ALA B 260 -15.98 27.10 2.10
N GLY B 261 -15.52 25.89 2.39
CA GLY B 261 -16.38 24.81 2.80
C GLY B 261 -16.71 23.87 1.68
N GLU B 262 -16.08 23.99 0.53
CA GLU B 262 -16.38 23.13 -0.58
C GLU B 262 -15.17 22.25 -0.97
N PHE B 263 -15.45 21.05 -1.46
CA PHE B 263 -14.41 20.19 -2.02
C PHE B 263 -14.31 20.35 -3.50
N MET B 264 -13.11 20.20 -4.06
CA MET B 264 -12.92 19.99 -5.51
C MET B 264 -12.25 18.65 -5.68
N ILE B 265 -12.74 17.89 -6.64
CA ILE B 265 -12.21 16.61 -7.05
C ILE B 265 -11.70 16.79 -8.47
N THR B 266 -10.45 16.40 -8.69
CA THR B 266 -9.83 16.35 -9.97
C THR B 266 -9.63 14.88 -10.32
N PHE B 267 -9.80 14.58 -11.60
CA PHE B 267 -9.80 13.24 -12.11
C PHE B 267 -8.56 12.94 -12.90
N PRO B 268 -8.26 11.64 -13.09
CA PRO B 268 -7.09 11.21 -13.82
C PRO B 268 -6.93 11.89 -15.15
N TYR B 269 -5.82 12.58 -15.27
CA TYR B 269 -5.44 13.25 -16.48
C TYR B 269 -6.33 14.45 -16.75
N GLY B 270 -6.95 15.01 -15.71
CA GLY B 270 -7.64 16.28 -15.84
C GLY B 270 -6.61 17.39 -15.56
N TYR B 271 -6.14 18.05 -16.61
CA TYR B 271 -5.28 19.25 -16.47
C TYR B 271 -6.08 20.34 -15.77
N HIS B 272 -5.49 20.89 -14.72
CA HIS B 272 -6.09 22.03 -14.02
C HIS B 272 -5.11 23.15 -13.72
N ALA B 273 -5.67 24.35 -13.59
CA ALA B 273 -4.87 25.50 -13.17
C ALA B 273 -5.73 26.43 -12.32
N GLY B 274 -5.12 27.42 -11.70
CA GLY B 274 -5.93 28.43 -11.08
C GLY B 274 -5.24 29.42 -10.18
N PHE B 275 -6.07 30.16 -9.43
CA PHE B 275 -5.58 31.21 -8.53
C PHE B 275 -6.44 31.46 -7.29
N ASN B 276 -5.80 32.02 -6.27
CA ASN B 276 -6.47 32.38 -5.01
C ASN B 276 -6.91 33.84 -5.04
N HIS B 277 -8.09 34.11 -4.50
CA HIS B 277 -8.64 35.45 -4.44
C HIS B 277 -8.09 36.32 -3.30
N GLY B 278 -7.52 35.70 -2.29
CA GLY B 278 -6.99 36.40 -1.17
C GLY B 278 -6.54 35.36 -0.16
N PHE B 279 -6.56 35.75 1.11
CA PHE B 279 -6.05 34.91 2.17
C PHE B 279 -6.99 33.74 2.36
N ASN B 280 -6.45 32.53 2.29
CA ASN B 280 -7.28 31.35 2.42
C ASN B 280 -6.41 30.20 2.87
N CYS B 281 -7.01 29.04 3.08
CA CYS B 281 -6.29 27.86 3.47
C CYS B 281 -7.03 26.64 2.96
N ALA B 282 -6.31 25.80 2.21
CA ALA B 282 -6.84 24.57 1.59
C ALA B 282 -5.99 23.36 1.98
N GLU B 283 -6.65 22.23 2.11
CA GLU B 283 -5.99 20.99 2.40
C GLU B 283 -6.21 20.10 1.18
N SER B 284 -5.19 19.41 0.68
CA SER B 284 -5.35 18.44 -0.41
C SER B 284 -4.44 17.22 -0.39
N THR B 285 -4.88 16.14 -1.06
CA THR B 285 -4.12 14.90 -1.20
C THR B 285 -4.51 14.21 -2.50
N ASN B 286 -3.91 13.05 -2.78
CA ASN B 286 -4.27 12.26 -3.95
C ASN B 286 -4.97 11.01 -3.53
N PHE B 287 -5.66 10.37 -4.45
CA PHE B 287 -6.36 9.13 -4.12
C PHE B 287 -6.58 8.39 -5.40
N ALA B 288 -7.09 7.16 -5.31
CA ALA B 288 -7.43 6.40 -6.51
C ALA B 288 -8.69 5.52 -6.38
N THR B 289 -9.12 5.07 -7.55
CA THR B 289 -10.14 4.08 -7.75
C THR B 289 -9.49 3.06 -8.70
N ARG B 290 -10.23 2.00 -9.04
CA ARG B 290 -9.77 0.96 -9.98
C ARG B 290 -9.47 1.54 -11.35
N ARG B 291 -10.35 2.43 -11.80
CA ARG B 291 -10.17 3.13 -13.07
C ARG B 291 -8.77 3.81 -13.15
N TRP B 292 -8.23 4.32 -12.06
CA TRP B 292 -6.95 4.96 -12.14
C TRP B 292 -5.77 4.07 -12.62
N ILE B 293 -5.86 2.76 -12.38
CA ILE B 293 -4.78 1.82 -12.72
C ILE B 293 -4.28 1.97 -14.17
N GLU B 294 -5.17 1.87 -15.14
CA GLU B 294 -4.70 2.04 -16.48
C GLU B 294 -3.98 3.40 -16.76
N TYR B 295 -4.47 4.49 -16.15
CA TYR B 295 -3.82 5.80 -16.25
C TYR B 295 -2.43 5.78 -15.62
N GLY B 296 -2.33 5.19 -14.44
CA GLY B 296 -1.05 4.94 -13.76
C GLY B 296 0.02 4.25 -14.61
N LYS B 297 -0.41 3.22 -15.37
CA LYS B 297 0.50 2.41 -16.17
C LYS B 297 0.95 3.18 -17.38
N GLN B 298 0.11 4.11 -17.84
CA GLN B 298 0.42 4.85 -19.08
C GLN B 298 0.90 6.28 -18.81
N ALA B 299 1.09 6.61 -17.54
CA ALA B 299 1.46 7.97 -17.19
C ALA B 299 2.87 8.39 -17.70
N VAL B 300 2.93 9.44 -18.51
CA VAL B 300 4.20 9.98 -19.02
C VAL B 300 4.79 10.82 -17.92
N LEU B 301 6.06 10.58 -17.56
CA LEU B 301 6.63 11.15 -16.31
C LEU B 301 7.74 12.16 -16.58
N CYS B 302 8.09 12.95 -15.56
CA CYS B 302 9.21 13.88 -15.67
C CYS B 302 10.45 13.04 -16.01
N SER B 303 11.13 13.37 -17.10
CA SER B 303 12.33 12.67 -17.52
C SER B 303 13.62 13.44 -17.19
N CYS B 304 13.57 14.38 -16.22
CA CYS B 304 14.68 15.33 -15.97
C CYS B 304 15.15 15.52 -14.50
N ARG B 305 14.57 14.80 -13.53
CA ARG B 305 14.96 14.88 -12.10
C ARG B 305 14.80 13.52 -11.38
N VAL B 309 8.84 11.65 -8.54
CA VAL B 309 7.68 10.83 -8.04
C VAL B 309 7.19 9.74 -8.98
N LYS B 310 7.49 8.49 -8.62
CA LYS B 310 7.20 7.29 -9.41
C LYS B 310 6.51 6.25 -8.50
N ILE B 311 5.47 5.61 -9.01
CA ILE B 311 4.83 4.51 -8.30
C ILE B 311 4.97 3.31 -9.23
N SER B 312 5.44 2.21 -8.62
CA SER B 312 5.44 0.90 -9.26
C SER B 312 3.97 0.47 -9.24
N MET B 313 3.44 0.19 -10.42
CA MET B 313 2.06 -0.31 -10.58
C MET B 313 1.89 -1.82 -10.38
N ASP B 314 2.99 -2.56 -10.33
CA ASP B 314 2.97 -4.02 -10.25
C ASP B 314 1.96 -4.45 -9.21
N VAL B 315 2.10 -4.01 -7.96
CA VAL B 315 1.15 -4.38 -6.92
C VAL B 315 -0.35 -4.13 -7.27
N PHE B 316 -0.63 -3.08 -8.05
CA PHE B 316 -2.01 -2.74 -8.49
C PHE B 316 -2.46 -3.72 -9.59
N VAL B 317 -1.60 -3.91 -10.58
CA VAL B 317 -1.87 -4.80 -11.72
C VAL B 317 -1.98 -6.23 -11.25
N ARG B 318 -1.11 -6.60 -10.31
CA ARG B 318 -1.18 -7.84 -9.54
C ARG B 318 -2.57 -8.04 -8.91
N LYS B 319 -2.97 -7.14 -8.03
CA LYS B 319 -4.25 -7.30 -7.32
C LYS B 319 -5.50 -7.24 -8.19
N PHE B 320 -5.54 -6.28 -9.11
CA PHE B 320 -6.80 -5.84 -9.73
C PHE B 320 -6.91 -6.13 -11.21
N GLN B 321 -5.79 -6.44 -11.85
CA GLN B 321 -5.78 -6.98 -13.20
C GLN B 321 -5.01 -8.32 -13.22
N PRO B 322 -5.44 -9.28 -12.38
CA PRO B 322 -4.61 -10.49 -12.24
C PRO B 322 -4.37 -11.18 -13.60
N GLU B 323 -5.43 -11.37 -14.38
CA GLU B 323 -5.31 -11.92 -15.74
C GLU B 323 -4.43 -11.15 -16.77
N ARG B 324 -3.97 -9.93 -16.47
CA ARG B 324 -3.23 -9.08 -17.44
C ARG B 324 -1.75 -8.88 -17.14
N TYR B 325 -1.34 -9.21 -15.91
CA TYR B 325 0.07 -9.05 -15.45
C TYR B 325 1.06 -9.59 -16.49
N LYS B 326 0.85 -10.85 -16.85
CA LYS B 326 1.70 -11.58 -17.78
C LYS B 326 1.97 -10.70 -18.99
N LEU B 327 0.89 -10.22 -19.60
CA LEU B 327 0.95 -9.47 -20.85
C LEU B 327 1.57 -8.08 -20.66
N TRP B 328 1.19 -7.38 -19.59
CA TRP B 328 1.68 -6.01 -19.32
C TRP B 328 3.20 -5.96 -19.11
N LYS B 329 3.75 -7.02 -18.52
CA LYS B 329 5.20 -7.17 -18.34
C LYS B 329 5.97 -7.23 -19.67
N ALA B 330 5.39 -7.95 -20.63
CA ALA B 330 5.98 -8.04 -21.97
C ALA B 330 5.97 -6.74 -22.81
N GLY B 331 5.31 -5.66 -22.33
CA GLY B 331 5.06 -4.49 -23.16
C GLY B 331 4.08 -4.82 -24.28
N LYS B 332 3.20 -5.79 -24.04
CA LYS B 332 2.19 -6.24 -25.01
C LYS B 332 0.87 -5.49 -24.80
N ASP B 333 0.43 -5.45 -23.54
CA ASP B 333 -0.79 -4.73 -23.14
C ASP B 333 -0.69 -3.23 -23.35
N ASN B 334 -1.15 -2.78 -24.52
CA ASN B 334 -1.42 -1.35 -24.75
C ASN B 334 -2.90 -1.18 -25.07
N THR B 335 -3.71 -1.42 -24.03
CA THR B 335 -5.07 -0.88 -23.92
C THR B 335 -5.05 0.61 -24.23
N VAL B 336 -5.98 1.04 -25.07
CA VAL B 336 -6.28 2.45 -25.23
C VAL B 336 -7.29 2.83 -24.13
N ILE B 337 -7.03 3.94 -23.42
CA ILE B 337 -7.91 4.38 -22.32
C ILE B 337 -9.14 5.04 -22.96
N ASP B 338 -10.34 4.77 -22.44
CA ASP B 338 -11.55 5.54 -22.81
C ASP B 338 -11.91 6.49 -21.64
N HIS B 339 -11.62 7.77 -21.83
CA HIS B 339 -11.84 8.77 -20.77
C HIS B 339 -13.31 8.97 -20.35
N THR B 340 -14.25 8.56 -21.21
CA THR B 340 -15.67 8.68 -20.88
C THR B 340 -16.17 7.64 -19.88
N LEU B 341 -15.42 6.56 -19.74
CA LEU B 341 -15.88 5.37 -19.06
C LEU B 341 -15.78 5.53 -17.55
N PRO B 342 -16.90 5.35 -16.80
CA PRO B 342 -16.83 5.43 -15.32
C PRO B 342 -16.11 4.24 -14.67
N THR B 343 -15.77 4.41 -13.39
CA THR B 343 -15.06 3.40 -12.64
C THR B 343 -15.96 2.15 -12.49
N PRO B 344 -15.37 0.93 -12.52
CA PRO B 344 -16.13 -0.32 -12.38
C PRO B 344 -17.02 -0.39 -11.15
N GLU B 345 -16.56 0.20 -10.04
CA GLU B 345 -17.34 0.33 -8.78
C GLU B 345 -18.73 0.97 -8.99
N ALA B 346 -18.96 1.62 -10.12
CA ALA B 346 -20.26 2.22 -10.49
C ALA B 346 -21.21 1.29 -11.28
N ALA B 347 -21.01 -0.03 -11.18
CA ALA B 347 -21.91 -1.01 -11.79
C ALA B 347 -23.27 -1.07 -11.08
N GLU B 348 -23.32 -0.82 -9.76
CA GLU B 348 -24.62 -0.71 -9.03
C GLU B 348 -25.37 0.63 -9.22
N PHE B 349 -24.84 1.57 -10.02
CA PHE B 349 -25.58 2.78 -10.47
C PHE B 349 -25.96 2.84 -11.96
N LEU B 350 -25.56 1.84 -12.77
CA LEU B 350 -25.88 1.80 -14.23
C LEU B 350 -26.22 0.38 -14.72
N ALA C 8 5.86 -17.17 37.22
CA ALA C 8 4.91 -16.82 36.15
C ALA C 8 3.68 -17.73 36.21
N ARG C 9 3.04 -17.75 37.39
CA ARG C 9 1.75 -18.48 37.62
C ARG C 9 0.55 -17.59 37.39
N ILE C 10 -0.56 -18.24 37.12
CA ILE C 10 -1.78 -17.49 36.75
C ILE C 10 -2.37 -16.88 37.99
N MET C 11 -2.59 -15.58 37.95
CA MET C 11 -3.17 -14.88 39.09
C MET C 11 -4.63 -14.66 38.81
N THR C 12 -5.39 -14.51 39.88
CA THR C 12 -6.80 -14.24 39.89
C THR C 12 -7.03 -12.90 40.64
N PHE C 13 -8.02 -12.14 40.18
CA PHE C 13 -8.32 -10.73 40.58
C PHE C 13 -9.79 -10.52 40.86
N TYR C 14 -10.09 -9.79 41.93
CA TYR C 14 -11.46 -9.58 42.40
C TYR C 14 -11.77 -8.09 42.55
N PRO C 15 -11.81 -7.34 41.43
CA PRO C 15 -12.06 -5.91 41.55
C PRO C 15 -13.38 -5.58 42.22
N THR C 16 -13.44 -4.42 42.88
CA THR C 16 -14.68 -3.81 43.34
C THR C 16 -15.35 -3.13 42.15
N MET C 17 -16.58 -2.66 42.36
CA MET C 17 -17.27 -1.96 41.31
C MET C 17 -16.46 -0.75 40.80
N GLU C 18 -15.86 0.05 41.68
CA GLU C 18 -15.08 1.22 41.20
C GLU C 18 -13.86 0.85 40.36
N GLU C 19 -13.13 -0.17 40.78
CA GLU C 19 -11.99 -0.61 39.98
C GLU C 19 -12.43 -1.15 38.62
N PHE C 20 -13.61 -1.78 38.60
CA PHE C 20 -14.09 -2.47 37.42
C PHE C 20 -14.46 -1.50 36.31
N ARG C 21 -14.95 -0.31 36.66
CA ARG C 21 -15.41 0.69 35.66
C ARG C 21 -14.42 1.07 34.55
N ASN C 22 -13.15 1.26 34.86
CA ASN C 22 -12.21 1.67 33.80
C ASN C 22 -11.38 0.45 33.31
N PHE C 23 -11.75 -0.08 32.14
CA PHE C 23 -11.14 -1.30 31.64
C PHE C 23 -9.63 -1.18 31.38
N SER C 24 -9.23 -0.15 30.67
CA SER C 24 -7.83 0.02 30.31
C SER C 24 -6.93 0.20 31.52
N ARG C 25 -7.46 0.87 32.54
CA ARG C 25 -6.76 1.08 33.80
C ARG C 25 -6.55 -0.22 34.58
N TYR C 26 -7.60 -1.05 34.66
CA TYR C 26 -7.53 -2.30 35.40
C TYR C 26 -6.51 -3.23 34.80
N ILE C 27 -6.35 -3.20 33.47
CA ILE C 27 -5.31 -4.00 32.79
C ILE C 27 -3.92 -3.47 33.19
N ALA C 28 -3.78 -2.15 33.31
CA ALA C 28 -2.52 -1.55 33.73
C ALA C 28 -2.22 -2.00 35.13
N TYR C 29 -3.26 -1.99 35.99
CA TYR C 29 -3.12 -2.43 37.35
C TYR C 29 -2.65 -3.91 37.44
N ILE C 30 -3.30 -4.84 36.73
CA ILE C 30 -2.87 -6.23 36.84
C ILE C 30 -1.43 -6.45 36.28
N GLU C 31 -1.01 -5.79 35.19
CA GLU C 31 0.38 -5.92 34.77
C GLU C 31 1.34 -5.39 35.84
N SER C 32 0.90 -4.33 36.53
CA SER C 32 1.67 -3.80 37.68
C SER C 32 1.84 -4.83 38.80
N GLN C 33 0.88 -5.75 38.91
CA GLN C 33 1.00 -6.89 39.81
C GLN C 33 1.72 -8.09 39.18
N GLY C 34 2.31 -7.93 38.00
CA GLY C 34 2.96 -9.04 37.31
C GLY C 34 2.08 -10.14 36.68
N ALA C 35 0.78 -9.89 36.49
CA ALA C 35 -0.17 -10.88 35.88
C ALA C 35 0.24 -11.40 34.54
N HIS C 36 0.86 -10.51 33.77
CA HIS C 36 1.22 -10.76 32.40
C HIS C 36 2.33 -11.75 32.21
N ARG C 37 3.07 -12.06 33.26
CA ARG C 37 4.16 -13.04 33.13
C ARG C 37 3.61 -14.43 32.87
N ALA C 38 2.46 -14.77 33.47
CA ALA C 38 1.86 -16.09 33.24
C ALA C 38 1.39 -16.28 31.80
N GLY C 39 1.04 -15.19 31.14
CA GLY C 39 0.45 -15.23 29.79
C GLY C 39 -1.06 -15.22 29.82
N LEU C 40 -1.60 -15.42 31.01
CA LEU C 40 -3.00 -15.57 31.23
C LEU C 40 -3.39 -15.12 32.67
N ALA C 41 -4.57 -14.50 32.81
CA ALA C 41 -5.09 -14.05 34.10
C ALA C 41 -6.58 -14.19 34.16
N LYS C 42 -7.08 -14.44 35.37
CA LYS C 42 -8.48 -14.57 35.61
C LYS C 42 -9.00 -13.33 36.31
N VAL C 43 -10.16 -12.85 35.90
CA VAL C 43 -10.83 -11.70 36.55
C VAL C 43 -12.26 -12.04 36.90
N VAL C 44 -12.54 -12.11 38.18
CA VAL C 44 -13.87 -12.42 38.69
C VAL C 44 -14.53 -11.07 38.84
N PRO C 45 -15.65 -10.86 38.15
CA PRO C 45 -16.26 -9.55 38.31
C PRO C 45 -17.00 -9.49 39.61
N PRO C 46 -17.29 -8.27 40.06
CA PRO C 46 -18.08 -8.11 41.29
C PRO C 46 -19.49 -8.62 41.10
N LYS C 47 -20.12 -9.09 42.20
CA LYS C 47 -21.42 -9.83 42.19
C LYS C 47 -22.65 -9.07 41.69
N GLU C 48 -22.79 -7.84 42.15
CA GLU C 48 -23.67 -6.87 41.53
C GLU C 48 -23.77 -7.10 40.00
N TRP C 49 -22.62 -7.05 39.29
CA TRP C 49 -22.54 -6.93 37.82
C TRP C 49 -23.02 -8.12 37.00
N LYS C 50 -23.73 -7.84 35.90
CA LYS C 50 -24.34 -8.84 35.00
C LYS C 50 -24.32 -8.26 33.58
N PRO C 51 -23.78 -8.99 32.60
CA PRO C 51 -23.83 -8.34 31.25
C PRO C 51 -25.21 -8.39 30.55
N ARG C 52 -26.14 -9.17 31.10
CA ARG C 52 -27.40 -9.52 30.44
C ARG C 52 -28.31 -10.14 31.50
N ALA C 53 -29.61 -9.88 31.38
CA ALA C 53 -30.53 -10.25 32.46
C ALA C 53 -30.80 -11.74 32.46
N SER C 54 -31.03 -12.32 31.29
CA SER C 54 -31.32 -13.75 31.16
C SER C 54 -30.80 -14.27 29.85
N TYR C 55 -30.66 -15.58 29.76
CA TYR C 55 -30.18 -16.16 28.51
C TYR C 55 -31.31 -16.96 27.88
N ASP C 56 -32.48 -16.35 27.79
CA ASP C 56 -33.69 -17.09 27.46
C ASP C 56 -33.99 -17.20 25.99
N ASP C 57 -33.61 -16.20 25.20
CA ASP C 57 -33.77 -16.31 23.75
C ASP C 57 -32.72 -17.15 23.03
N ILE C 58 -31.55 -17.45 23.61
CA ILE C 58 -30.42 -17.96 22.78
C ILE C 58 -30.74 -19.14 21.87
N ASP C 59 -31.73 -19.99 22.25
CA ASP C 59 -32.02 -21.21 21.49
C ASP C 59 -32.33 -20.93 19.98
N ASP C 60 -32.80 -19.74 19.64
CA ASP C 60 -33.05 -19.37 18.23
C ASP C 60 -31.86 -18.84 17.48
N LEU C 61 -30.82 -18.41 18.19
CA LEU C 61 -29.62 -17.87 17.56
C LEU C 61 -29.05 -18.88 16.62
N VAL C 62 -28.70 -18.43 15.42
CA VAL C 62 -28.10 -19.25 14.40
C VAL C 62 -26.59 -19.19 14.57
N ILE C 63 -25.98 -20.37 14.47
CA ILE C 63 -24.56 -20.57 14.36
C ILE C 63 -24.33 -20.90 12.88
N PRO C 64 -23.82 -19.92 12.09
CA PRO C 64 -23.75 -20.09 10.64
C PRO C 64 -22.75 -21.08 10.09
N ALA C 65 -21.66 -21.33 10.83
CA ALA C 65 -20.61 -22.24 10.38
C ALA C 65 -19.99 -23.12 11.51
N PRO C 66 -20.78 -24.01 12.13
CA PRO C 66 -20.20 -24.98 13.09
C PRO C 66 -19.09 -25.85 12.48
N ILE C 67 -18.14 -26.21 13.32
CA ILE C 67 -16.92 -26.89 12.94
C ILE C 67 -16.96 -28.24 13.64
N GLN C 68 -16.85 -29.32 12.90
CA GLN C 68 -16.63 -30.62 13.55
C GLN C 68 -15.12 -30.77 13.74
N GLN C 69 -14.67 -31.13 14.94
CA GLN C 69 -13.23 -31.14 15.24
C GLN C 69 -12.64 -32.53 15.22
N LEU C 70 -12.05 -32.90 14.09
CA LEU C 70 -11.49 -34.24 13.94
C LEU C 70 -10.04 -34.23 14.43
N VAL C 71 -9.67 -35.16 15.28
CA VAL C 71 -8.34 -35.14 15.85
C VAL C 71 -7.65 -36.43 15.49
N THR C 72 -6.41 -36.32 15.05
CA THR C 72 -5.55 -37.47 14.78
C THR C 72 -4.20 -37.28 15.51
N GLY C 73 -3.73 -38.36 16.12
CA GLY C 73 -2.41 -38.41 16.73
C GLY C 73 -2.28 -39.42 17.86
N GLN C 74 -1.18 -39.32 18.57
CA GLN C 74 -0.87 -40.25 19.68
C GLN C 74 0.19 -39.65 20.62
N SER C 75 0.41 -40.29 21.76
CA SER C 75 1.50 -39.92 22.67
C SER C 75 1.54 -38.41 22.91
N GLY C 76 0.35 -37.83 23.14
CA GLY C 76 0.26 -36.41 23.47
C GLY C 76 0.45 -35.37 22.39
N LEU C 77 0.65 -35.80 21.13
CA LEU C 77 0.80 -34.93 19.96
C LEU C 77 -0.29 -35.21 19.00
N PHE C 78 -1.01 -34.17 18.61
CA PHE C 78 -2.20 -34.35 17.81
C PHE C 78 -2.39 -33.23 16.82
N THR C 79 -3.00 -33.59 15.72
CA THR C 79 -3.39 -32.62 14.71
C THR C 79 -4.93 -32.59 14.67
N GLN C 80 -5.49 -31.38 14.69
CA GLN C 80 -6.92 -31.15 14.66
C GLN C 80 -7.38 -30.59 13.31
N TYR C 81 -8.32 -31.28 12.66
CA TYR C 81 -8.90 -30.80 11.38
C TYR C 81 -10.26 -30.14 11.63
N ASN C 82 -10.36 -28.86 11.28
CA ASN C 82 -11.51 -28.04 11.63
C ASN C 82 -12.45 -28.01 10.42
N ILE C 83 -13.37 -28.98 10.35
CA ILE C 83 -14.31 -29.20 9.22
C ILE C 83 -15.66 -28.48 9.33
N GLN C 84 -15.84 -27.44 8.50
CA GLN C 84 -17.08 -26.68 8.40
C GLN C 84 -18.27 -27.51 7.96
N LYS C 85 -19.39 -27.30 8.66
CA LYS C 85 -20.67 -28.02 8.49
C LYS C 85 -21.78 -27.01 8.37
N LYS C 86 -22.97 -27.47 7.98
CA LYS C 86 -24.07 -26.52 7.69
C LYS C 86 -24.62 -25.81 8.93
N ALA C 87 -25.27 -24.67 8.75
CA ALA C 87 -25.76 -23.92 9.90
C ALA C 87 -26.73 -24.74 10.73
N MET C 88 -26.69 -24.43 12.02
CA MET C 88 -27.66 -24.93 12.95
C MET C 88 -28.02 -23.82 13.94
N THR C 89 -29.15 -23.99 14.63
CA THR C 89 -29.51 -23.17 15.79
C THR C 89 -28.85 -23.64 17.07
N VAL C 90 -28.74 -22.74 18.01
CA VAL C 90 -28.34 -23.07 19.41
C VAL C 90 -29.24 -24.16 19.97
N ARG C 91 -30.53 -24.13 19.61
CA ARG C 91 -31.48 -25.21 19.93
C ARG C 91 -30.92 -26.55 19.47
N GLU C 92 -30.71 -26.73 18.17
CA GLU C 92 -30.17 -27.98 17.60
C GLU C 92 -28.76 -28.31 18.16
N PHE C 93 -27.93 -27.29 18.38
CA PHE C 93 -26.59 -27.50 18.94
C PHE C 93 -26.61 -28.10 20.36
N ARG C 94 -27.37 -27.43 21.21
CA ARG C 94 -27.57 -27.83 22.61
C ARG C 94 -28.07 -29.28 22.75
N LYS C 95 -28.95 -29.65 21.85
CA LYS C 95 -29.53 -30.99 21.92
C LYS C 95 -28.48 -32.07 21.59
N ILE C 96 -27.70 -31.88 20.54
CA ILE C 96 -26.53 -32.75 20.28
C ILE C 96 -25.53 -32.75 21.45
N ALA C 97 -25.24 -31.57 22.02
CA ALA C 97 -24.34 -31.46 23.17
C ALA C 97 -24.80 -32.28 24.35
N ASN C 98 -26.11 -32.37 24.57
CA ASN C 98 -26.61 -33.05 25.75
C ASN C 98 -26.99 -34.49 25.49
N SER C 99 -26.85 -34.93 24.25
CA SER C 99 -27.11 -36.32 23.89
C SER C 99 -26.07 -37.29 24.49
N ASP C 100 -26.44 -38.57 24.48
CA ASP C 100 -25.69 -39.59 25.16
C ASP C 100 -24.35 -39.76 24.52
N LYS C 101 -24.30 -39.71 23.20
CA LYS C 101 -23.03 -39.81 22.49
C LYS C 101 -21.97 -38.69 22.82
N TYR C 102 -22.43 -37.45 23.05
CA TYR C 102 -21.54 -36.29 23.16
C TYR C 102 -21.43 -35.65 24.53
N CYS C 103 -22.25 -36.06 25.51
CA CYS C 103 -22.36 -35.35 26.80
C CYS C 103 -21.14 -35.60 27.65
N THR C 104 -20.98 -34.77 28.66
CA THR C 104 -19.85 -34.82 29.54
C THR C 104 -19.88 -36.13 30.31
N PRO C 105 -18.70 -36.79 30.49
CA PRO C 105 -18.69 -37.96 31.37
C PRO C 105 -18.79 -37.61 32.84
N ARG C 106 -18.89 -38.64 33.67
CA ARG C 106 -19.16 -38.51 35.11
C ARG C 106 -17.85 -38.15 35.82
N TYR C 107 -17.91 -37.25 36.80
CA TYR C 107 -16.69 -36.76 37.49
C TYR C 107 -16.92 -36.20 38.90
N PHE C 110 -11.78 -32.09 38.73
CA PHE C 110 -11.18 -31.63 37.48
C PHE C 110 -10.15 -32.63 36.89
N GLU C 111 -9.31 -33.19 37.75
CA GLU C 111 -8.17 -33.97 37.32
C GLU C 111 -8.63 -35.21 36.58
N GLU C 112 -9.75 -35.79 37.01
CA GLU C 112 -10.40 -36.91 36.33
C GLU C 112 -10.89 -36.48 34.94
N LEU C 113 -11.51 -35.29 34.87
CA LEU C 113 -12.03 -34.78 33.60
C LEU C 113 -10.89 -34.51 32.56
N GLU C 114 -9.82 -33.86 33.03
CA GLU C 114 -8.64 -33.63 32.24
C GLU C 114 -8.03 -34.95 31.62
N ARG C 115 -7.95 -36.00 32.39
CA ARG C 115 -7.43 -37.32 31.98
C ARG C 115 -8.32 -37.90 30.89
N LYS C 116 -9.61 -37.73 31.06
CA LYS C 116 -10.55 -38.19 30.05
C LYS C 116 -10.43 -37.43 28.77
N TYR C 117 -10.22 -36.11 28.88
CA TYR C 117 -10.04 -35.30 27.69
C TYR C 117 -8.84 -35.88 26.91
N TRP C 118 -7.67 -35.95 27.53
CA TRP C 118 -6.47 -36.37 26.83
C TRP C 118 -6.50 -37.83 26.39
N LYS C 119 -7.28 -38.64 27.10
CA LYS C 119 -7.48 -40.03 26.74
C LYS C 119 -8.45 -40.16 25.59
N ASN C 120 -9.53 -39.39 25.56
CA ASN C 120 -10.59 -39.63 24.55
C ASN C 120 -10.68 -38.62 23.45
N LEU C 121 -9.72 -37.70 23.34
CA LEU C 121 -9.96 -36.59 22.41
C LEU C 121 -9.96 -36.94 20.93
N THR C 122 -9.36 -38.06 20.55
CA THR C 122 -9.45 -38.52 19.17
C THR C 122 -10.75 -39.28 18.90
N PHE C 123 -11.55 -39.63 19.92
CA PHE C 123 -12.87 -40.30 19.68
C PHE C 123 -14.10 -39.33 19.58
N ASN C 124 -15.19 -39.79 18.95
CA ASN C 124 -16.48 -39.06 18.84
C ASN C 124 -16.30 -37.57 18.65
N PRO C 125 -15.78 -37.20 17.48
CA PRO C 125 -15.46 -35.82 17.19
C PRO C 125 -16.69 -34.93 17.43
N PRO C 126 -16.53 -33.95 18.34
CA PRO C 126 -17.66 -33.09 18.69
C PRO C 126 -17.77 -31.96 17.72
N ILE C 127 -18.76 -31.13 17.94
CA ILE C 127 -19.01 -29.99 17.09
C ILE C 127 -18.87 -28.76 17.93
N TYR C 128 -18.18 -27.73 17.40
CA TYR C 128 -17.94 -26.52 18.10
C TYR C 128 -18.60 -25.40 17.35
N GLY C 129 -19.45 -24.64 17.99
CA GLY C 129 -20.07 -23.50 17.34
C GLY C 129 -19.15 -22.29 17.51
N ALA C 130 -18.00 -22.37 16.87
CA ALA C 130 -17.00 -21.35 16.96
C ALA C 130 -17.29 -20.21 15.97
N ASP C 131 -16.80 -19.04 16.34
CA ASP C 131 -16.58 -17.91 15.43
C ASP C 131 -17.90 -17.35 14.94
N VAL C 132 -18.85 -17.23 15.86
CA VAL C 132 -20.14 -16.65 15.56
C VAL C 132 -20.01 -15.15 15.79
N ASN C 133 -20.32 -14.32 14.77
CA ASN C 133 -20.31 -12.84 14.95
C ASN C 133 -21.50 -12.52 15.73
N GLY C 134 -21.31 -11.82 16.82
CA GLY C 134 -22.39 -11.63 17.76
C GLY C 134 -21.89 -11.11 19.09
N THR C 135 -22.81 -10.52 19.85
CA THR C 135 -22.63 -10.23 21.25
C THR C 135 -23.86 -10.59 22.05
N LEU C 136 -23.67 -10.93 23.32
CA LEU C 136 -24.79 -11.14 24.23
C LEU C 136 -24.89 -10.06 25.30
N TYR C 137 -24.03 -9.06 25.27
CA TYR C 137 -24.14 -7.92 26.21
C TYR C 137 -25.34 -7.07 25.81
N GLU C 138 -26.22 -6.77 26.75
CA GLU C 138 -27.19 -5.70 26.50
C GLU C 138 -26.44 -4.38 26.21
N LYS C 139 -27.06 -3.47 25.46
CA LYS C 139 -26.33 -2.30 24.95
C LYS C 139 -26.00 -1.31 26.09
N HIS C 140 -26.85 -1.29 27.11
CA HIS C 140 -26.67 -0.40 28.27
C HIS C 140 -25.48 -0.68 29.24
N VAL C 141 -24.82 -1.84 29.09
CA VAL C 141 -23.74 -2.23 30.02
C VAL C 141 -22.43 -1.50 29.69
N ASP C 142 -22.00 -0.62 30.61
CA ASP C 142 -20.82 0.24 30.42
C ASP C 142 -19.49 -0.42 30.83
N GLU C 143 -19.54 -1.42 31.71
CA GLU C 143 -18.31 -2.03 32.22
C GLU C 143 -17.93 -3.31 31.43
N TRP C 144 -16.70 -3.31 30.89
CA TRP C 144 -16.06 -4.48 30.26
C TRP C 144 -16.96 -5.01 29.18
N ASN C 145 -17.55 -4.10 28.41
CA ASN C 145 -18.37 -4.51 27.30
C ASN C 145 -17.45 -4.94 26.20
N ILE C 146 -17.42 -6.24 25.93
CA ILE C 146 -16.57 -6.78 24.86
C ILE C 146 -16.84 -6.14 23.47
N GLY C 147 -18.06 -5.64 23.27
CA GLY C 147 -18.37 -4.90 22.02
C GLY C 147 -17.70 -3.53 21.86
N ARG C 148 -17.37 -2.87 22.96
CA ARG C 148 -16.79 -1.51 22.92
C ARG C 148 -15.82 -1.24 24.10
N LEU C 149 -14.62 -1.81 24.04
CA LEU C 149 -13.71 -1.74 25.19
C LEU C 149 -13.03 -0.39 25.43
N ARG C 150 -12.72 0.34 24.36
CA ARG C 150 -12.06 1.67 24.43
C ARG C 150 -10.56 1.44 24.66
N THR C 151 -9.91 0.91 23.66
CA THR C 151 -8.46 0.73 23.74
C THR C 151 -7.93 1.19 22.45
N ILE C 152 -6.63 1.39 22.47
CA ILE C 152 -5.94 1.85 21.32
C ILE C 152 -6.01 0.88 20.13
N LEU C 153 -6.61 -0.31 20.26
CA LEU C 153 -6.86 -1.11 19.06
C LEU C 153 -7.88 -0.44 18.11
N ASP C 154 -8.74 0.44 18.65
CA ASP C 154 -9.75 1.18 17.84
C ASP C 154 -9.17 1.94 16.64
N LEU C 155 -7.94 2.42 16.78
CA LEU C 155 -7.24 3.05 15.66
C LEU C 155 -7.26 2.24 14.37
N VAL C 156 -7.27 0.92 14.42
CA VAL C 156 -7.22 0.15 13.15
C VAL C 156 -8.48 0.41 12.34
N GLU C 157 -9.63 0.47 13.02
CA GLU C 157 -10.89 0.73 12.35
C GLU C 157 -11.03 2.22 11.97
N LYS C 158 -10.71 3.11 12.92
CA LYS C 158 -10.51 4.55 12.67
C LYS C 158 -9.75 4.81 11.37
N GLU C 159 -8.47 4.47 11.31
CA GLU C 159 -7.69 4.79 10.12
C GLU C 159 -8.10 4.05 8.87
N SER C 160 -8.68 2.88 9.00
CA SER C 160 -8.87 2.01 7.82
C SER C 160 -10.34 1.74 7.41
N GLY C 161 -11.30 2.01 8.29
CA GLY C 161 -12.66 1.50 8.12
C GLY C 161 -12.70 -0.01 8.02
N ILE C 162 -11.67 -0.71 8.52
CA ILE C 162 -11.58 -2.17 8.41
C ILE C 162 -12.14 -2.85 9.66
N THR C 163 -13.20 -3.64 9.43
CA THR C 163 -13.71 -4.64 10.37
C THR C 163 -12.97 -5.98 10.05
N ILE C 164 -12.16 -6.44 11.02
CA ILE C 164 -11.63 -7.80 11.02
C ILE C 164 -12.47 -8.52 12.09
N GLU C 165 -13.23 -9.50 11.65
CA GLU C 165 -14.17 -10.19 12.52
C GLU C 165 -13.40 -10.97 13.60
N GLY C 166 -13.90 -10.89 14.83
CA GLY C 166 -13.29 -11.60 15.95
C GLY C 166 -12.08 -10.88 16.55
N VAL C 167 -11.52 -9.93 15.81
CA VAL C 167 -10.41 -9.16 16.29
C VAL C 167 -10.87 -7.79 16.83
N ASN C 168 -11.50 -6.92 16.05
CA ASN C 168 -12.09 -5.68 16.57
C ASN C 168 -13.62 -5.74 16.66
N THR C 169 -14.17 -6.92 16.40
CA THR C 169 -15.57 -7.25 16.71
C THR C 169 -15.58 -8.50 17.58
N PRO C 170 -16.67 -8.69 18.35
CA PRO C 170 -16.80 -9.87 19.17
C PRO C 170 -17.28 -11.11 18.41
N TYR C 171 -16.76 -12.24 18.87
CA TYR C 171 -17.19 -13.56 18.50
C TYR C 171 -17.78 -14.26 19.72
N LEU C 172 -18.73 -15.16 19.45
CA LEU C 172 -19.34 -16.05 20.42
C LEU C 172 -18.87 -17.44 20.14
N TYR C 173 -18.68 -18.25 21.17
CA TYR C 173 -18.24 -19.66 20.98
C TYR C 173 -19.19 -20.54 21.79
N PHE C 174 -19.81 -21.49 21.13
CA PHE C 174 -20.70 -22.38 21.80
C PHE C 174 -20.04 -23.72 21.98
N GLY C 175 -19.75 -24.12 23.20
CA GLY C 175 -18.98 -25.33 23.42
C GLY C 175 -19.81 -26.55 23.76
N MET C 176 -19.26 -27.73 23.51
CA MET C 176 -19.78 -28.92 24.09
C MET C 176 -18.59 -29.67 24.60
N TRP C 177 -18.85 -30.72 25.37
CA TRP C 177 -17.79 -31.56 25.96
C TRP C 177 -16.77 -31.88 24.91
N LYS C 178 -15.52 -31.60 25.25
CA LYS C 178 -14.38 -32.07 24.47
C LYS C 178 -14.10 -31.25 23.23
N THR C 179 -14.88 -30.19 22.99
CA THR C 179 -14.45 -29.20 22.06
C THR C 179 -13.18 -28.50 22.62
N SER C 180 -12.30 -28.10 21.72
CA SER C 180 -10.93 -27.70 22.01
C SER C 180 -10.56 -26.44 21.29
N PHE C 181 -9.72 -25.65 21.91
CA PHE C 181 -8.93 -24.69 21.22
C PHE C 181 -7.43 -25.06 21.33
N ALA C 182 -6.80 -25.15 20.17
CA ALA C 182 -5.39 -25.55 20.02
C ALA C 182 -4.41 -24.44 20.40
N TRP C 183 -3.13 -24.82 20.47
CA TRP C 183 -2.11 -23.91 20.96
C TRP C 183 -1.99 -22.81 19.99
N HIS C 184 -2.10 -21.58 20.47
CA HIS C 184 -1.90 -20.43 19.62
C HIS C 184 -1.67 -19.17 20.47
N THR C 185 -1.18 -18.11 19.83
CA THR C 185 -1.21 -16.77 20.31
C THR C 185 -2.25 -16.03 19.46
N GLU C 186 -2.67 -14.86 19.93
CA GLU C 186 -3.64 -14.08 19.20
C GLU C 186 -3.10 -13.57 17.89
N ASP C 187 -3.99 -13.05 17.05
CA ASP C 187 -3.60 -12.40 15.79
C ASP C 187 -2.79 -11.13 16.07
N MET C 188 -1.64 -10.95 15.37
CA MET C 188 -0.71 -9.84 15.64
C MET C 188 -0.28 -9.79 17.12
N ASP C 189 -0.33 -10.93 17.80
CA ASP C 189 0.15 -11.10 19.19
C ASP C 189 -0.54 -10.13 20.14
N LEU C 190 -1.82 -9.94 19.87
CA LEU C 190 -2.67 -9.04 20.62
C LEU C 190 -3.00 -9.63 21.98
N TYR C 191 -3.67 -8.83 22.80
CA TYR C 191 -4.32 -9.31 23.99
C TYR C 191 -5.67 -9.89 23.58
N SER C 192 -6.25 -10.72 24.46
CA SER C 192 -7.63 -11.18 24.28
C SER C 192 -8.34 -11.16 25.60
N ILE C 193 -9.65 -11.04 25.51
CA ILE C 193 -10.56 -11.10 26.64
C ILE C 193 -11.65 -12.13 26.30
N ASN C 194 -11.99 -12.97 27.28
CA ASN C 194 -12.94 -14.10 27.09
C ASN C 194 -13.84 -14.05 28.29
N TYR C 195 -15.14 -13.87 28.07
CA TYR C 195 -16.12 -13.96 29.14
C TYR C 195 -16.98 -15.23 28.88
N LEU C 196 -17.15 -16.07 29.88
CA LEU C 196 -18.02 -17.26 29.79
C LEU C 196 -19.41 -16.87 30.29
N HIS C 197 -20.34 -16.67 29.36
CA HIS C 197 -21.68 -16.23 29.77
C HIS C 197 -22.42 -17.29 30.61
N PHE C 198 -22.39 -18.55 30.16
CA PHE C 198 -23.04 -19.60 30.90
C PHE C 198 -22.58 -21.01 30.56
N GLY C 199 -23.07 -21.94 31.36
CA GLY C 199 -22.97 -23.35 31.12
C GLY C 199 -21.78 -23.89 31.87
N GLU C 200 -21.24 -24.98 31.35
CA GLU C 200 -20.16 -25.68 32.00
C GLU C 200 -18.80 -24.94 31.83
N PRO C 201 -17.84 -25.23 32.68
CA PRO C 201 -16.56 -24.57 32.58
C PRO C 201 -15.71 -24.79 31.29
N LYS C 202 -14.68 -23.95 31.19
CA LYS C 202 -13.70 -23.97 30.11
C LYS C 202 -12.35 -24.04 30.82
N SER C 203 -11.53 -25.06 30.54
CA SER C 203 -10.23 -25.15 31.16
C SER C 203 -9.17 -24.70 30.18
N TRP C 204 -8.14 -24.04 30.69
CA TRP C 204 -7.15 -23.41 29.90
C TRP C 204 -5.78 -23.84 30.34
N TYR C 205 -4.85 -23.88 29.39
CA TYR C 205 -3.44 -24.07 29.65
C TYR C 205 -2.71 -22.86 29.10
N SER C 206 -1.61 -22.47 29.74
CA SER C 206 -0.81 -21.36 29.26
C SER C 206 0.66 -21.59 29.46
N VAL C 207 1.45 -21.02 28.53
CA VAL C 207 2.86 -20.94 28.61
C VAL C 207 3.19 -19.45 28.76
N PRO C 208 4.03 -19.09 29.75
CA PRO C 208 4.45 -17.71 29.91
C PRO C 208 5.10 -17.16 28.62
N PRO C 209 4.84 -15.90 28.24
CA PRO C 209 5.53 -15.33 27.05
C PRO C 209 7.07 -15.47 27.00
N GLU C 210 7.74 -15.40 28.17
CA GLU C 210 9.19 -15.55 28.20
C GLU C 210 9.66 -16.95 27.71
N HIS C 211 8.76 -17.92 27.69
CA HIS C 211 9.05 -19.28 27.29
C HIS C 211 8.37 -19.72 25.98
N GLY C 212 7.63 -18.82 25.35
CA GLY C 212 6.99 -19.10 24.09
C GLY C 212 7.86 -19.66 22.99
N LYS C 213 9.07 -19.11 22.82
CA LYS C 213 9.97 -19.67 21.78
C LYS C 213 10.29 -21.12 22.07
N ARG C 214 10.33 -21.51 23.34
CA ARG C 214 10.65 -22.89 23.63
C ARG C 214 9.55 -23.77 23.06
N LEU C 215 8.29 -23.33 23.19
CA LEU C 215 7.17 -24.13 22.71
C LEU C 215 7.23 -24.19 21.19
N GLU C 216 7.47 -23.03 20.59
CA GLU C 216 7.57 -22.99 19.13
C GLU C 216 8.61 -23.96 18.60
N ARG C 217 9.72 -24.17 19.33
CA ARG C 217 10.80 -25.05 18.86
C ARG C 217 10.43 -26.48 19.09
N LEU C 218 9.84 -26.79 20.23
CA LEU C 218 9.22 -28.10 20.41
C LEU C 218 8.27 -28.46 19.22
N ALA C 219 7.37 -27.55 18.88
CA ALA C 219 6.33 -27.85 17.91
C ALA C 219 6.96 -28.06 16.54
N LYS C 220 7.78 -27.12 16.13
CA LYS C 220 8.55 -27.17 14.88
C LYS C 220 9.31 -28.51 14.71
N GLY C 221 9.91 -29.04 15.76
CA GLY C 221 10.58 -30.33 15.69
C GLY C 221 9.64 -31.52 15.57
N PHE C 222 8.39 -31.37 15.97
CA PHE C 222 7.44 -32.49 15.91
C PHE C 222 6.62 -32.54 14.62
N PHE C 223 6.34 -31.38 14.06
CA PHE C 223 5.71 -31.26 12.74
C PHE C 223 6.69 -30.50 11.86
N PRO C 224 7.78 -31.16 11.44
CA PRO C 224 8.74 -30.52 10.54
C PRO C 224 8.17 -30.15 9.19
N GLY C 225 7.29 -30.98 8.64
CA GLY C 225 6.61 -30.69 7.38
C GLY C 225 5.88 -29.35 7.37
N SER C 226 5.04 -29.16 8.39
CA SER C 226 4.26 -27.91 8.59
C SER C 226 5.13 -26.66 8.69
N ALA C 227 6.28 -26.79 9.36
CA ALA C 227 7.24 -25.69 9.55
C ALA C 227 7.90 -25.16 8.26
N GLN C 228 8.15 -26.05 7.30
CA GLN C 228 8.70 -25.65 6.00
C GLN C 228 7.70 -24.86 5.19
N SER C 229 6.45 -25.30 5.23
CA SER C 229 5.38 -24.70 4.45
C SER C 229 4.96 -23.31 4.99
N CYS C 230 4.97 -23.15 6.30
CA CYS C 230 4.55 -21.90 6.90
C CYS C 230 5.47 -21.54 8.06
N GLU C 231 5.83 -20.26 8.12
CA GLU C 231 6.66 -19.77 9.21
C GLU C 231 5.96 -20.03 10.54
N ALA C 232 4.74 -19.52 10.62
CA ALA C 232 3.98 -19.53 11.84
C ALA C 232 2.76 -20.51 11.75
N PHE C 233 3.05 -21.79 11.84
CA PHE C 233 2.02 -22.79 11.58
C PHE C 233 1.07 -22.98 12.76
N LEU C 234 1.53 -22.68 13.98
CA LEU C 234 0.66 -22.72 15.13
C LEU C 234 -0.46 -21.74 14.92
N ARG C 235 -0.26 -20.73 14.08
CA ARG C 235 -1.38 -19.84 13.73
C ARG C 235 -2.57 -20.55 13.06
N HIS C 236 -2.35 -21.74 12.50
CA HIS C 236 -3.44 -22.52 11.88
C HIS C 236 -4.49 -23.06 12.89
N LYS C 237 -4.10 -23.04 14.17
CA LYS C 237 -4.90 -23.56 15.30
C LYS C 237 -5.30 -25.03 15.14
N MET C 238 -4.36 -25.85 14.64
CA MET C 238 -4.54 -27.27 14.41
C MET C 238 -3.67 -28.07 15.35
N THR C 239 -2.86 -27.43 16.18
CA THR C 239 -1.86 -28.19 16.96
C THR C 239 -2.15 -28.31 18.45
N LEU C 240 -2.41 -29.55 18.92
CA LEU C 240 -2.69 -29.88 20.30
C LEU C 240 -1.51 -30.62 20.92
N ILE C 241 -1.14 -30.21 22.12
CA ILE C 241 0.00 -30.85 22.81
C ILE C 241 -0.36 -31.03 24.26
N SER C 242 -0.35 -32.26 24.78
CA SER C 242 -0.77 -32.48 26.18
C SER C 242 0.16 -31.87 27.27
N PRO C 243 -0.37 -31.62 28.47
CA PRO C 243 0.48 -31.16 29.56
C PRO C 243 1.62 -32.12 29.89
N LEU C 244 1.42 -33.39 29.63
CA LEU C 244 2.45 -34.39 29.89
C LEU C 244 3.60 -34.21 28.96
N MET C 245 3.34 -33.92 27.71
CA MET C 245 4.44 -33.65 26.79
C MET C 245 5.18 -32.40 27.20
N LEU C 246 4.47 -31.36 27.63
CA LEU C 246 5.17 -30.14 28.01
C LEU C 246 6.11 -30.37 29.20
N LYS C 247 5.70 -31.20 30.15
CA LYS C 247 6.54 -31.55 31.32
C LYS C 247 7.76 -32.38 30.87
N LYS C 248 7.53 -33.35 30.00
CA LYS C 248 8.60 -34.14 29.44
C LYS C 248 9.75 -33.30 28.92
N TYR C 249 9.40 -32.24 28.18
CA TYR C 249 10.31 -31.34 27.48
C TYR C 249 10.61 -30.04 28.21
N GLY C 250 10.24 -29.91 29.47
CA GLY C 250 10.62 -28.77 30.26
C GLY C 250 10.00 -27.43 29.87
N ILE C 251 8.80 -27.44 29.28
CA ILE C 251 8.10 -26.19 28.97
C ILE C 251 7.28 -25.85 30.22
N PRO C 252 7.58 -24.71 30.89
CA PRO C 252 6.78 -24.37 32.04
C PRO C 252 5.40 -23.92 31.60
N PHE C 253 4.36 -24.41 32.25
CA PHE C 253 2.99 -23.99 31.92
C PHE C 253 2.21 -23.86 33.21
N ASP C 254 1.03 -23.26 33.15
CA ASP C 254 0.09 -23.36 34.23
C ASP C 254 -1.29 -23.76 33.71
N LYS C 255 -2.18 -24.23 34.56
CA LYS C 255 -3.58 -24.58 34.19
C LYS C 255 -4.42 -23.69 35.06
N VAL C 256 -5.66 -23.49 34.62
CA VAL C 256 -6.67 -22.82 35.36
C VAL C 256 -8.02 -23.19 34.73
N THR C 257 -9.10 -23.29 35.54
CA THR C 257 -10.46 -23.50 35.01
C THR C 257 -11.29 -22.23 35.16
N GLN C 258 -11.94 -21.79 34.09
CA GLN C 258 -12.81 -20.62 34.07
C GLN C 258 -14.22 -21.16 34.22
N GLU C 259 -14.95 -20.59 35.18
CA GLU C 259 -16.35 -20.86 35.40
C GLU C 259 -17.21 -19.73 34.93
N ALA C 260 -18.48 -20.09 34.72
CA ALA C 260 -19.45 -19.15 34.21
C ALA C 260 -19.41 -17.86 35.02
N GLY C 261 -19.39 -16.73 34.33
CA GLY C 261 -19.38 -15.43 35.00
C GLY C 261 -18.00 -14.90 35.23
N GLU C 262 -16.97 -15.59 34.72
CA GLU C 262 -15.60 -15.12 34.90
C GLU C 262 -14.98 -14.72 33.58
N PHE C 263 -14.02 -13.78 33.63
CA PHE C 263 -13.21 -13.35 32.50
C PHE C 263 -11.85 -13.99 32.49
N MET C 264 -11.36 -14.43 31.33
CA MET C 264 -9.91 -14.68 31.14
C MET C 264 -9.31 -13.60 30.25
N ILE C 265 -8.11 -13.13 30.61
CA ILE C 265 -7.29 -12.18 29.80
C ILE C 265 -6.08 -12.90 29.31
N THR C 266 -5.75 -12.82 28.03
CA THR C 266 -4.49 -13.36 27.54
C THR C 266 -3.61 -12.17 27.11
N PHE C 267 -2.32 -12.31 27.23
CA PHE C 267 -1.41 -11.24 27.06
C PHE C 267 -0.60 -11.48 25.80
N PRO C 268 0.04 -10.41 25.29
CA PRO C 268 0.83 -10.52 24.09
C PRO C 268 1.85 -11.66 24.20
N TYR C 269 1.88 -12.45 23.15
CA TYR C 269 2.72 -13.60 22.99
C TYR C 269 2.47 -14.68 24.05
N GLY C 270 1.25 -14.70 24.62
CA GLY C 270 0.85 -15.77 25.53
C GLY C 270 0.20 -16.97 24.81
N TYR C 271 0.93 -18.06 24.72
CA TYR C 271 0.44 -19.26 24.12
C TYR C 271 -0.61 -19.84 25.07
N HIS C 272 -1.78 -20.16 24.55
CA HIS C 272 -2.82 -20.87 25.33
C HIS C 272 -3.52 -21.93 24.51
N ALA C 273 -4.15 -22.87 25.20
CA ALA C 273 -4.91 -23.96 24.61
C ALA C 273 -5.91 -24.39 25.65
N GLY C 274 -6.93 -25.13 25.25
CA GLY C 274 -7.87 -25.56 26.21
C GLY C 274 -9.02 -26.39 25.71
N PHE C 275 -10.00 -26.59 26.59
CA PHE C 275 -11.15 -27.41 26.24
C PHE C 275 -12.33 -27.05 27.13
N ASN C 276 -13.53 -27.18 26.57
CA ASN C 276 -14.79 -26.96 27.25
C ASN C 276 -15.27 -28.24 27.93
N HIS C 277 -15.87 -28.11 29.10
CA HIS C 277 -16.34 -29.26 29.88
C HIS C 277 -17.72 -29.70 29.42
N GLY C 278 -18.42 -28.86 28.66
CA GLY C 278 -19.81 -29.11 28.30
C GLY C 278 -20.51 -27.96 27.64
N PHE C 279 -21.83 -28.09 27.45
CA PHE C 279 -22.53 -27.02 26.78
C PHE C 279 -22.24 -25.72 27.52
N ASN C 280 -21.70 -24.72 26.83
CA ASN C 280 -21.45 -23.36 27.37
C ASN C 280 -21.37 -22.32 26.25
N CYS C 281 -21.15 -21.09 26.65
CA CYS C 281 -21.18 -20.06 25.71
C CYS C 281 -20.23 -18.99 26.16
N ALA C 282 -19.32 -18.61 25.28
CA ALA C 282 -18.37 -17.57 25.63
C ALA C 282 -18.35 -16.51 24.54
N GLU C 283 -17.81 -15.36 24.93
CA GLU C 283 -17.66 -14.20 24.06
C GLU C 283 -16.23 -13.67 24.14
N SER C 284 -15.61 -13.40 23.00
CA SER C 284 -14.28 -12.85 23.01
C SER C 284 -13.96 -11.92 21.87
N THR C 285 -12.86 -11.20 22.07
CA THR C 285 -12.27 -10.37 21.06
C THR C 285 -10.87 -9.94 21.48
N ASN C 286 -10.14 -9.27 20.61
CA ASN C 286 -8.81 -8.78 20.96
C ASN C 286 -8.88 -7.38 21.44
N PHE C 287 -7.81 -6.92 22.08
CA PHE C 287 -7.69 -5.48 22.46
C PHE C 287 -6.21 -5.19 22.52
N ALA C 288 -5.85 -3.93 22.76
CA ALA C 288 -4.41 -3.60 22.92
C ALA C 288 -4.14 -2.56 23.94
N THR C 289 -2.85 -2.46 24.27
CA THR C 289 -2.29 -1.39 25.15
C THR C 289 -0.99 -0.89 24.50
N ARG C 290 -0.38 0.14 25.08
CA ARG C 290 0.82 0.75 24.48
C ARG C 290 1.94 -0.27 24.43
N ARG C 291 1.99 -1.16 25.43
CA ARG C 291 2.92 -2.30 25.41
C ARG C 291 2.79 -3.18 24.20
N TRP C 292 1.58 -3.39 23.68
CA TRP C 292 1.40 -4.32 22.55
C TRP C 292 2.12 -3.92 21.25
N ILE C 293 2.37 -2.62 21.10
CA ILE C 293 2.88 -2.06 19.87
C ILE C 293 4.16 -2.74 19.38
N GLU C 294 5.12 -2.97 20.27
CA GLU C 294 6.33 -3.66 19.82
C GLU C 294 6.13 -5.15 19.47
N TYR C 295 5.08 -5.73 20.07
CA TYR C 295 4.71 -7.11 19.75
C TYR C 295 4.14 -7.14 18.36
N GLY C 296 3.30 -6.17 18.06
CA GLY C 296 2.71 -6.08 16.72
C GLY C 296 3.78 -5.99 15.68
N LYS C 297 4.69 -5.05 15.90
CA LYS C 297 5.85 -4.84 15.03
C LYS C 297 6.63 -6.11 14.74
N GLN C 298 6.83 -6.95 15.74
CA GLN C 298 7.69 -8.16 15.59
C GLN C 298 6.96 -9.49 15.31
N ALA C 299 5.62 -9.47 15.24
CA ALA C 299 4.82 -10.71 15.14
C ALA C 299 5.11 -11.45 13.86
N VAL C 300 5.39 -12.74 13.97
CA VAL C 300 5.65 -13.59 12.85
C VAL C 300 4.29 -14.18 12.46
N LEU C 301 3.93 -13.97 11.19
CA LEU C 301 2.59 -14.22 10.69
C LEU C 301 2.58 -15.36 9.70
N CYS C 302 1.39 -15.96 9.50
CA CYS C 302 1.19 -17.07 8.53
C CYS C 302 1.55 -16.60 7.13
N SER C 303 2.46 -17.32 6.49
CA SER C 303 2.98 -16.95 5.19
C SER C 303 2.28 -17.73 4.07
N CYS C 304 1.10 -18.33 4.32
CA CYS C 304 0.59 -19.41 3.46
C CYS C 304 -0.92 -19.41 3.09
N ARG C 305 -1.60 -18.25 3.19
CA ARG C 305 -3.06 -18.15 2.85
C ARG C 305 -3.46 -16.90 2.08
N LYS C 310 -3.57 -9.93 9.39
CA LYS C 310 -2.51 -8.90 9.28
C LYS C 310 -2.96 -7.42 9.38
N ILE C 311 -2.39 -6.68 10.31
CA ILE C 311 -2.75 -5.28 10.57
C ILE C 311 -1.51 -4.48 10.27
N SER C 312 -1.71 -3.25 9.81
CA SER C 312 -0.58 -2.44 9.46
C SER C 312 -0.29 -1.60 10.69
N MET C 313 0.98 -1.61 11.08
CA MET C 313 1.44 -0.94 12.28
C MET C 313 1.62 0.58 12.15
N ASP C 314 1.82 1.05 10.92
CA ASP C 314 2.25 2.43 10.63
C ASP C 314 1.64 3.49 11.56
N VAL C 315 0.31 3.46 11.73
CA VAL C 315 -0.39 4.45 12.57
C VAL C 315 -0.08 4.39 14.07
N PHE C 316 0.24 3.21 14.57
CA PHE C 316 0.60 3.02 15.97
C PHE C 316 2.02 3.55 16.19
N VAL C 317 2.89 3.27 15.22
CA VAL C 317 4.28 3.68 15.29
C VAL C 317 4.31 5.22 15.28
N ARG C 318 3.65 5.83 14.27
CA ARG C 318 3.64 7.31 14.09
C ARG C 318 3.04 8.09 15.28
N LYS C 319 1.98 7.54 15.87
CA LYS C 319 1.27 8.22 16.94
C LYS C 319 1.96 8.06 18.29
N PHE C 320 2.58 6.91 18.52
CA PHE C 320 3.06 6.53 19.85
C PHE C 320 4.57 6.47 19.98
N GLN C 321 5.26 6.13 18.89
CA GLN C 321 6.72 6.07 18.84
C GLN C 321 7.18 6.93 17.68
N PRO C 322 6.94 8.25 17.76
CA PRO C 322 7.09 9.11 16.56
C PRO C 322 8.49 9.11 15.90
N GLU C 323 9.49 9.65 16.59
CA GLU C 323 10.94 9.58 16.22
C GLU C 323 11.40 8.27 15.57
N ARG C 324 10.90 7.15 16.11
CA ARG C 324 11.26 5.84 15.61
C ARG C 324 10.58 5.46 14.28
N TYR C 325 9.60 6.23 13.77
CA TYR C 325 8.97 5.92 12.45
C TYR C 325 10.02 5.82 11.33
N LYS C 326 11.04 6.70 11.43
CA LYS C 326 12.14 6.74 10.48
C LYS C 326 12.94 5.47 10.57
N LEU C 327 13.63 5.25 11.68
CA LEU C 327 14.39 4.01 11.86
C LEU C 327 13.53 2.79 11.47
N TRP C 328 12.31 2.72 12.02
CA TRP C 328 11.41 1.59 11.76
C TRP C 328 11.21 1.34 10.25
N LYS C 329 11.02 2.42 9.49
CA LYS C 329 10.85 2.29 8.02
C LYS C 329 12.13 1.88 7.27
N ALA C 330 13.30 2.25 7.78
CA ALA C 330 14.56 1.68 7.30
C ALA C 330 14.61 0.17 7.56
N GLY C 331 14.08 -0.24 8.72
CA GLY C 331 13.97 -1.64 9.09
C GLY C 331 14.95 -1.93 10.21
N LYS C 332 14.53 -1.64 11.45
CA LYS C 332 15.36 -1.87 12.66
C LYS C 332 14.57 -2.59 13.76
N THR C 335 15.21 -3.27 18.60
CA THR C 335 14.67 -3.42 19.96
C THR C 335 14.41 -4.90 20.32
N VAL C 336 14.76 -5.27 21.56
CA VAL C 336 14.45 -6.58 22.13
C VAL C 336 13.38 -6.31 23.18
N ILE C 337 12.29 -7.08 23.09
CA ILE C 337 11.19 -6.94 24.00
C ILE C 337 11.60 -7.67 25.26
N ASP C 338 11.32 -7.09 26.41
CA ASP C 338 11.54 -7.74 27.70
C ASP C 338 10.13 -8.08 28.17
N HIS C 339 9.80 -9.38 28.16
CA HIS C 339 8.41 -9.84 28.46
C HIS C 339 7.97 -9.57 29.90
N THR C 340 8.93 -9.29 30.79
CA THR C 340 8.66 -9.05 32.21
C THR C 340 8.10 -7.65 32.49
N LEU C 341 8.26 -6.70 31.56
CA LEU C 341 7.96 -5.28 31.88
C LEU C 341 6.49 -4.89 31.72
N PRO C 342 5.92 -4.22 32.75
CA PRO C 342 4.54 -3.79 32.67
C PRO C 342 4.33 -2.69 31.60
N THR C 343 3.06 -2.47 31.26
CA THR C 343 2.69 -1.52 30.20
C THR C 343 3.01 -0.11 30.72
N PRO C 344 3.37 0.84 29.83
CA PRO C 344 3.65 2.19 30.36
C PRO C 344 2.55 2.76 31.25
N GLU C 345 1.29 2.50 30.89
CA GLU C 345 0.10 2.97 31.63
C GLU C 345 0.07 2.59 33.13
N ALA C 346 0.83 1.56 33.50
CA ALA C 346 0.93 1.12 34.90
C ALA C 346 1.90 1.94 35.80
N ALA C 347 2.50 3.02 35.27
CA ALA C 347 3.45 3.89 36.04
C ALA C 347 2.88 4.43 37.37
N GLU C 348 1.60 4.82 37.35
CA GLU C 348 0.89 5.28 38.54
C GLU C 348 0.81 4.26 39.69
N PHE C 349 0.83 2.96 39.34
CA PHE C 349 0.81 1.87 40.34
C PHE C 349 2.21 1.44 40.84
N LEU C 350 3.27 2.20 40.50
CA LEU C 350 4.69 1.80 40.71
C LEU C 350 5.61 2.95 41.17
N SER D 1 -29.79 -75.84 -4.80
CA SER D 1 -28.81 -74.70 -4.71
C SER D 1 -28.09 -74.62 -3.36
N GLU D 2 -28.51 -75.41 -2.37
CA GLU D 2 -27.77 -75.51 -1.10
C GLU D 2 -26.54 -76.42 -1.19
N THR D 3 -26.53 -77.34 -2.17
CA THR D 3 -25.32 -78.12 -2.48
C THR D 3 -24.17 -77.22 -2.96
N LEU D 4 -24.50 -76.10 -3.60
CA LEU D 4 -23.51 -75.23 -4.28
C LEU D 4 -22.83 -74.23 -3.32
N ASN D 5 -21.48 -74.29 -3.29
CA ASN D 5 -20.62 -73.45 -2.44
C ASN D 5 -21.19 -73.38 -1.03
N PRO D 6 -21.37 -74.55 -0.40
CA PRO D 6 -22.13 -74.62 0.85
C PRO D 6 -21.45 -73.90 2.01
N SER D 7 -20.12 -73.77 1.94
CA SER D 7 -19.39 -72.99 2.93
C SER D 7 -19.43 -71.47 2.62
N ALA D 8 -20.03 -71.09 1.50
CA ALA D 8 -20.13 -69.66 1.11
C ALA D 8 -18.78 -68.96 0.99
N ARG D 9 -17.78 -69.67 0.47
CA ARG D 9 -16.45 -69.10 0.35
C ARG D 9 -16.31 -68.33 -0.93
N ILE D 10 -15.34 -67.43 -0.97
CA ILE D 10 -15.05 -66.61 -2.15
C ILE D 10 -14.41 -67.48 -3.20
N MET D 11 -14.97 -67.48 -4.38
CA MET D 11 -14.50 -68.37 -5.41
C MET D 11 -13.76 -67.55 -6.44
N THR D 12 -12.86 -68.22 -7.15
CA THR D 12 -12.09 -67.60 -8.21
C THR D 12 -12.27 -68.30 -9.55
N PHE D 13 -12.50 -67.55 -10.62
CA PHE D 13 -12.73 -68.09 -11.95
C PHE D 13 -11.69 -67.71 -13.00
N TYR D 14 -11.36 -68.67 -13.87
CA TYR D 14 -10.39 -68.43 -14.95
C TYR D 14 -11.00 -68.75 -16.32
N PRO D 15 -11.92 -67.91 -16.78
CA PRO D 15 -12.51 -68.15 -18.09
C PRO D 15 -11.54 -68.06 -19.28
N THR D 16 -11.86 -68.84 -20.32
CA THR D 16 -11.23 -68.79 -21.61
C THR D 16 -11.81 -67.60 -22.34
N MET D 17 -11.19 -67.23 -23.43
CA MET D 17 -11.64 -66.11 -24.24
C MET D 17 -13.03 -66.34 -24.81
N GLU D 18 -13.37 -67.59 -25.09
CA GLU D 18 -14.72 -67.93 -25.55
C GLU D 18 -15.73 -67.65 -24.45
N GLU D 19 -15.52 -68.25 -23.29
CA GLU D 19 -16.37 -68.02 -22.12
C GLU D 19 -16.43 -66.53 -21.78
N PHE D 20 -15.30 -65.84 -21.91
CA PHE D 20 -15.16 -64.47 -21.43
C PHE D 20 -15.97 -63.42 -22.20
N ARG D 21 -16.21 -63.62 -23.50
CA ARG D 21 -16.88 -62.59 -24.36
C ARG D 21 -18.24 -62.12 -23.93
N ASN D 22 -19.05 -63.02 -23.39
CA ASN D 22 -20.42 -62.67 -23.03
C ASN D 22 -20.50 -62.51 -21.51
N PHE D 23 -20.40 -61.25 -21.08
CA PHE D 23 -20.49 -60.86 -19.66
C PHE D 23 -21.68 -61.43 -18.88
N SER D 24 -22.89 -61.30 -19.39
CA SER D 24 -24.10 -61.72 -18.64
C SER D 24 -24.21 -63.23 -18.54
N ARG D 25 -23.88 -63.92 -19.62
CA ARG D 25 -23.78 -65.35 -19.59
C ARG D 25 -22.80 -65.78 -18.52
N TYR D 26 -21.64 -65.11 -18.44
CA TYR D 26 -20.59 -65.58 -17.49
C TYR D 26 -20.98 -65.34 -16.05
N ILE D 27 -21.68 -64.24 -15.80
CA ILE D 27 -22.30 -64.01 -14.49
C ILE D 27 -23.27 -65.11 -14.08
N ALA D 28 -24.20 -65.43 -14.97
CA ALA D 28 -25.11 -66.54 -14.77
C ALA D 28 -24.35 -67.82 -14.49
N TYR D 29 -23.33 -68.13 -15.27
CA TYR D 29 -22.51 -69.32 -14.99
C TYR D 29 -21.94 -69.32 -13.58
N ILE D 30 -21.25 -68.25 -13.15
CA ILE D 30 -20.71 -68.23 -11.77
C ILE D 30 -21.80 -68.37 -10.69
N GLU D 31 -23.00 -67.85 -10.97
CA GLU D 31 -24.10 -68.09 -10.06
C GLU D 31 -24.47 -69.58 -10.03
N SER D 32 -24.46 -70.27 -11.17
CA SER D 32 -24.73 -71.72 -11.17
C SER D 32 -23.77 -72.55 -10.30
N GLN D 33 -22.56 -72.04 -10.05
CA GLN D 33 -21.54 -72.65 -9.20
C GLN D 33 -21.60 -72.16 -7.74
N GLY D 34 -22.59 -71.33 -7.40
CA GLY D 34 -22.75 -70.78 -6.05
C GLY D 34 -21.83 -69.64 -5.60
N ALA D 35 -21.16 -68.96 -6.52
CA ALA D 35 -20.23 -67.88 -6.18
C ALA D 35 -20.91 -66.79 -5.38
N HIS D 36 -22.17 -66.53 -5.76
CA HIS D 36 -22.94 -65.46 -5.20
C HIS D 36 -23.14 -65.56 -3.69
N ARG D 37 -23.08 -66.77 -3.17
CA ARG D 37 -23.24 -66.98 -1.76
C ARG D 37 -22.16 -66.33 -0.90
N ALA D 38 -20.95 -66.16 -1.41
CA ALA D 38 -19.89 -65.47 -0.63
C ALA D 38 -20.11 -63.98 -0.56
N GLY D 39 -20.87 -63.45 -1.52
CA GLY D 39 -21.09 -62.01 -1.67
C GLY D 39 -20.10 -61.35 -2.60
N LEU D 40 -19.02 -62.07 -2.96
CA LEU D 40 -17.88 -61.54 -3.65
C LEU D 40 -17.23 -62.67 -4.43
N ALA D 41 -16.86 -62.47 -5.68
CA ALA D 41 -16.15 -63.44 -6.51
C ALA D 41 -15.02 -62.74 -7.24
N LYS D 42 -13.99 -63.50 -7.57
CA LYS D 42 -12.87 -62.97 -8.30
C LYS D 42 -12.87 -63.60 -9.68
N VAL D 43 -12.72 -62.79 -10.72
CA VAL D 43 -12.59 -63.30 -12.09
C VAL D 43 -11.25 -62.84 -12.73
N VAL D 44 -10.40 -63.82 -13.04
CA VAL D 44 -9.13 -63.54 -13.65
C VAL D 44 -9.36 -63.71 -15.13
N PRO D 45 -9.34 -62.60 -15.90
CA PRO D 45 -9.54 -62.73 -17.36
C PRO D 45 -8.39 -63.46 -18.09
N PRO D 46 -8.63 -63.92 -19.32
CA PRO D 46 -7.54 -64.60 -20.06
C PRO D 46 -6.39 -63.66 -20.45
N LYS D 47 -5.16 -64.18 -20.32
CA LYS D 47 -3.89 -63.41 -20.50
C LYS D 47 -3.84 -62.54 -21.76
N GLU D 48 -4.45 -63.03 -22.83
CA GLU D 48 -4.57 -62.30 -24.08
C GLU D 48 -5.19 -60.91 -23.86
N TRP D 49 -6.40 -60.90 -23.28
CA TRP D 49 -7.21 -59.67 -23.09
C TRP D 49 -6.54 -58.53 -22.29
N LYS D 50 -6.70 -57.32 -22.81
CA LYS D 50 -6.22 -56.07 -22.21
C LYS D 50 -7.28 -55.00 -22.46
N PRO D 51 -7.62 -54.18 -21.48
CA PRO D 51 -8.52 -53.04 -21.80
C PRO D 51 -7.83 -51.81 -22.42
N ARG D 52 -6.52 -51.71 -22.35
CA ARG D 52 -5.81 -50.50 -22.74
C ARG D 52 -4.38 -50.89 -23.03
N ALA D 53 -3.80 -50.42 -24.13
CA ALA D 53 -2.45 -50.94 -24.54
C ALA D 53 -1.39 -50.52 -23.53
N SER D 54 -1.46 -49.29 -23.01
CA SER D 54 -0.59 -48.86 -21.92
C SER D 54 -1.23 -47.79 -21.00
N TYR D 55 -0.73 -47.73 -19.78
CA TYR D 55 -1.12 -46.72 -18.81
C TYR D 55 -0.13 -45.54 -18.73
N ASP D 56 0.76 -45.38 -19.68
CA ASP D 56 1.72 -44.26 -19.64
C ASP D 56 1.19 -42.86 -20.10
N ASP D 57 -0.10 -42.74 -20.42
CA ASP D 57 -0.67 -41.52 -21.01
C ASP D 57 -1.91 -40.98 -20.22
N ILE D 58 -1.88 -41.08 -18.91
CA ILE D 58 -2.99 -40.64 -18.10
C ILE D 58 -2.61 -39.61 -17.07
N ASP D 59 -1.41 -39.03 -17.12
CA ASP D 59 -0.97 -38.06 -16.09
C ASP D 59 -1.85 -36.80 -15.97
N ASP D 60 -2.49 -36.40 -17.05
CA ASP D 60 -3.26 -35.15 -17.11
C ASP D 60 -4.69 -35.34 -16.61
N LEU D 61 -5.07 -36.59 -16.41
CA LEU D 61 -6.35 -36.91 -15.82
C LEU D 61 -6.57 -36.19 -14.49
N VAL D 62 -7.72 -35.58 -14.38
CA VAL D 62 -8.03 -34.78 -13.20
C VAL D 62 -8.87 -35.59 -12.23
N ILE D 63 -8.49 -35.49 -10.95
CA ILE D 63 -9.20 -36.03 -9.82
C ILE D 63 -9.79 -34.77 -9.19
N PRO D 64 -11.10 -34.50 -9.46
CA PRO D 64 -11.59 -33.20 -9.08
C PRO D 64 -11.91 -33.03 -7.61
N ALA D 65 -12.21 -34.12 -6.89
CA ALA D 65 -12.51 -34.04 -5.47
C ALA D 65 -11.83 -35.13 -4.61
N PRO D 66 -10.52 -35.08 -4.51
CA PRO D 66 -9.87 -36.10 -3.68
C PRO D 66 -10.29 -35.97 -2.25
N ILE D 67 -10.25 -37.06 -1.54
CA ILE D 67 -10.86 -37.13 -0.24
C ILE D 67 -9.73 -37.52 0.75
N GLN D 68 -9.45 -36.69 1.75
CA GLN D 68 -8.57 -37.12 2.84
C GLN D 68 -9.42 -37.94 3.82
N GLN D 69 -8.99 -39.14 4.15
CA GLN D 69 -9.79 -40.06 4.95
C GLN D 69 -9.28 -40.02 6.37
N LEU D 70 -10.01 -39.30 7.22
CA LEU D 70 -9.71 -39.21 8.63
C LEU D 70 -10.52 -40.25 9.42
N VAL D 71 -9.82 -41.14 10.11
CA VAL D 71 -10.44 -42.24 10.81
C VAL D 71 -10.28 -42.07 12.30
N THR D 72 -11.37 -42.30 13.03
CA THR D 72 -11.39 -42.19 14.45
C THR D 72 -11.96 -43.50 15.03
N GLY D 73 -11.48 -43.88 16.21
CA GLY D 73 -11.86 -45.15 16.86
C GLY D 73 -10.71 -45.86 17.55
N GLN D 74 -11.04 -46.96 18.21
CA GLN D 74 -10.04 -47.90 18.75
C GLN D 74 -10.52 -49.37 18.67
N SER D 75 -9.56 -50.30 18.65
CA SER D 75 -9.81 -51.76 18.87
C SER D 75 -10.94 -52.30 17.99
N GLY D 76 -10.79 -52.10 16.70
CA GLY D 76 -11.64 -52.69 15.70
C GLY D 76 -12.91 -51.98 15.26
N LEU D 77 -13.28 -50.90 15.92
CA LEU D 77 -14.46 -50.06 15.59
C LEU D 77 -14.04 -48.65 15.26
N PHE D 78 -14.33 -48.23 14.04
CA PHE D 78 -13.95 -46.93 13.52
C PHE D 78 -15.04 -46.26 12.76
N THR D 79 -14.98 -44.94 12.68
CA THR D 79 -15.81 -44.11 11.82
C THR D 79 -14.86 -43.26 10.96
N GLN D 80 -15.16 -43.16 9.69
CA GLN D 80 -14.27 -42.57 8.76
C GLN D 80 -14.93 -41.28 8.34
N TYR D 81 -14.21 -40.17 8.45
CA TYR D 81 -14.69 -38.85 7.98
C TYR D 81 -13.89 -38.35 6.80
N ASN D 82 -14.57 -37.76 5.83
CA ASN D 82 -13.93 -37.18 4.64
C ASN D 82 -13.65 -35.69 4.73
N ILE D 83 -12.45 -35.31 4.33
CA ILE D 83 -12.12 -33.89 4.16
C ILE D 83 -11.88 -33.70 2.68
N GLN D 84 -12.73 -32.91 2.04
CA GLN D 84 -12.58 -32.60 0.61
C GLN D 84 -11.31 -31.78 0.41
N LYS D 85 -10.45 -32.27 -0.48
CA LYS D 85 -9.24 -31.56 -0.88
C LYS D 85 -9.44 -31.00 -2.28
N LYS D 86 -8.59 -30.02 -2.61
CA LYS D 86 -8.61 -29.37 -3.93
C LYS D 86 -8.25 -30.36 -5.06
N ALA D 87 -8.75 -30.11 -6.27
CA ALA D 87 -8.41 -30.92 -7.44
C ALA D 87 -6.93 -31.17 -7.72
N MET D 88 -6.62 -32.37 -8.17
CA MET D 88 -5.25 -32.65 -8.56
C MET D 88 -5.24 -33.61 -9.72
N THR D 89 -4.16 -33.62 -10.46
CA THR D 89 -3.96 -34.54 -11.56
C THR D 89 -3.39 -35.87 -11.04
N VAL D 90 -3.42 -36.88 -11.88
CA VAL D 90 -2.87 -38.18 -11.50
C VAL D 90 -1.38 -38.08 -11.24
N ARG D 91 -0.66 -37.23 -12.01
CA ARG D 91 0.78 -36.97 -11.82
C ARG D 91 1.01 -36.56 -10.39
N GLU D 92 0.32 -35.51 -9.99
CA GLU D 92 0.38 -34.96 -8.64
C GLU D 92 0.00 -35.97 -7.58
N PHE D 93 -1.08 -36.72 -7.86
CA PHE D 93 -1.56 -37.70 -6.89
C PHE D 93 -0.52 -38.81 -6.70
N ARG D 94 0.00 -39.35 -7.81
CA ARG D 94 1.00 -40.40 -7.79
C ARG D 94 2.24 -40.04 -6.98
N LYS D 95 2.68 -38.80 -7.10
CA LYS D 95 3.88 -38.26 -6.46
C LYS D 95 3.73 -38.26 -4.95
N ILE D 96 2.58 -37.79 -4.47
CA ILE D 96 2.17 -37.85 -3.04
C ILE D 96 2.10 -39.30 -2.58
N ALA D 97 1.36 -40.12 -3.31
CA ALA D 97 1.23 -41.51 -2.91
C ALA D 97 2.58 -42.24 -2.75
N ASN D 98 3.54 -41.92 -3.63
CA ASN D 98 4.88 -42.56 -3.55
C ASN D 98 5.87 -41.85 -2.61
N SER D 99 5.48 -40.75 -1.99
CA SER D 99 6.32 -40.02 -1.02
C SER D 99 6.54 -40.80 0.27
N ASP D 100 7.62 -40.47 0.95
CA ASP D 100 7.98 -41.07 2.23
C ASP D 100 6.88 -40.92 3.22
N LYS D 101 6.20 -39.79 3.18
CA LYS D 101 5.09 -39.53 4.05
C LYS D 101 3.95 -40.57 3.91
N TYR D 102 3.63 -41.00 2.71
CA TYR D 102 2.42 -41.78 2.49
C TYR D 102 2.65 -43.15 1.94
N CYS D 103 3.90 -43.56 1.72
CA CYS D 103 4.10 -44.78 0.94
C CYS D 103 3.94 -46.04 1.79
N THR D 104 3.69 -47.15 1.10
CA THR D 104 3.47 -48.46 1.73
C THR D 104 4.65 -48.82 2.67
N PRO D 105 4.39 -49.28 3.91
CA PRO D 105 5.52 -49.73 4.73
C PRO D 105 6.15 -51.01 4.23
N ARG D 106 7.40 -51.22 4.59
CA ARG D 106 8.12 -52.47 4.32
C ARG D 106 7.38 -53.60 5.04
N TYR D 107 7.19 -54.71 4.36
CA TYR D 107 6.60 -55.86 4.98
C TYR D 107 7.00 -57.11 4.21
N SER D 108 6.98 -58.29 4.85
CA SER D 108 7.15 -59.58 4.14
C SER D 108 5.82 -60.16 3.61
N GLU D 109 4.92 -60.50 4.55
CA GLU D 109 3.66 -61.20 4.23
C GLU D 109 2.43 -60.27 4.22
N PHE D 110 1.35 -60.72 3.60
CA PHE D 110 0.03 -60.07 3.68
C PHE D 110 -0.48 -59.79 5.11
N GLU D 111 -0.50 -60.84 5.92
CA GLU D 111 -1.00 -60.76 7.30
C GLU D 111 -0.25 -59.71 8.17
N GLU D 112 0.99 -59.43 7.80
CA GLU D 112 1.76 -58.36 8.41
C GLU D 112 1.27 -56.97 7.96
N LEU D 113 1.06 -56.80 6.66
CA LEU D 113 0.55 -55.53 6.15
C LEU D 113 -0.85 -55.25 6.70
N GLU D 114 -1.69 -56.30 6.73
CA GLU D 114 -3.04 -56.24 7.31
C GLU D 114 -2.96 -55.79 8.78
N ARG D 115 -2.03 -56.34 9.56
CA ARG D 115 -1.82 -55.85 10.93
C ARG D 115 -1.42 -54.37 11.02
N LYS D 116 -0.61 -53.92 10.05
CA LYS D 116 -0.16 -52.54 10.02
C LYS D 116 -1.30 -51.63 9.68
N TYR D 117 -2.19 -52.09 8.79
CA TYR D 117 -3.35 -51.31 8.43
C TYR D 117 -4.24 -51.09 9.68
N TRP D 118 -4.52 -52.15 10.43
CA TRP D 118 -5.50 -52.07 11.55
C TRP D 118 -4.92 -51.36 12.74
N LYS D 119 -3.61 -51.39 12.90
CA LYS D 119 -2.98 -50.59 13.92
C LYS D 119 -2.85 -49.10 13.52
N ASN D 120 -2.59 -48.81 12.24
CA ASN D 120 -2.13 -47.47 11.86
C ASN D 120 -3.16 -46.66 11.10
N LEU D 121 -4.36 -47.20 10.92
CA LEU D 121 -5.32 -46.44 10.10
C LEU D 121 -5.76 -45.08 10.65
N THR D 122 -5.72 -44.87 11.96
CA THR D 122 -6.11 -43.55 12.49
C THR D 122 -5.02 -42.46 12.45
N PHE D 123 -3.81 -42.80 11.98
CA PHE D 123 -2.68 -41.86 11.96
C PHE D 123 -2.34 -41.45 10.54
N ASN D 124 -1.75 -40.26 10.38
CA ASN D 124 -1.29 -39.79 9.08
C ASN D 124 -2.32 -40.00 7.95
N PRO D 125 -3.46 -39.28 8.03
CA PRO D 125 -4.57 -39.45 7.11
C PRO D 125 -4.24 -39.36 5.61
N PRO D 126 -4.52 -40.43 4.87
CA PRO D 126 -4.12 -40.52 3.47
C PRO D 126 -5.18 -39.90 2.58
N ILE D 127 -4.86 -39.70 1.32
CA ILE D 127 -5.77 -39.12 0.36
C ILE D 127 -6.21 -40.21 -0.67
N TYR D 128 -7.53 -40.26 -0.94
CA TYR D 128 -8.19 -41.22 -1.82
C TYR D 128 -8.79 -40.44 -3.00
N GLY D 129 -8.35 -40.78 -4.22
CA GLY D 129 -8.94 -40.19 -5.38
C GLY D 129 -10.18 -40.98 -5.71
N ALA D 130 -11.25 -40.83 -4.93
CA ALA D 130 -12.43 -41.69 -5.11
C ALA D 130 -13.47 -41.09 -6.07
N ASP D 131 -14.28 -41.94 -6.71
CA ASP D 131 -15.51 -41.48 -7.39
C ASP D 131 -15.23 -40.47 -8.50
N VAL D 132 -14.23 -40.75 -9.33
CA VAL D 132 -13.89 -39.93 -10.46
C VAL D 132 -14.66 -40.45 -11.64
N ASN D 133 -15.43 -39.60 -12.32
CA ASN D 133 -16.07 -40.01 -13.56
C ASN D 133 -15.05 -40.21 -14.68
N GLY D 134 -15.06 -41.41 -15.23
CA GLY D 134 -14.28 -41.71 -16.39
C GLY D 134 -13.98 -43.18 -16.48
N THR D 135 -13.30 -43.51 -17.56
CA THR D 135 -12.89 -44.85 -17.83
C THR D 135 -11.47 -44.79 -18.34
N LEU D 136 -10.78 -45.92 -18.23
CA LEU D 136 -9.49 -46.15 -18.88
C LEU D 136 -9.55 -47.23 -19.95
N TYR D 137 -10.72 -47.79 -20.20
CA TYR D 137 -10.90 -48.71 -21.34
C TYR D 137 -10.77 -47.95 -22.65
N GLU D 138 -10.17 -48.55 -23.67
CA GLU D 138 -10.20 -48.03 -25.03
C GLU D 138 -11.57 -48.25 -25.72
N LYS D 139 -11.91 -47.35 -26.66
CA LYS D 139 -13.22 -47.41 -27.35
C LYS D 139 -13.67 -48.82 -27.77
N HIS D 140 -12.77 -49.51 -28.45
CA HIS D 140 -13.05 -50.71 -29.21
C HIS D 140 -13.21 -51.97 -28.36
N VAL D 141 -12.83 -51.91 -27.08
CA VAL D 141 -12.90 -53.10 -26.26
C VAL D 141 -14.36 -53.55 -25.97
N ASP D 142 -14.77 -54.68 -26.50
CA ASP D 142 -16.15 -55.19 -26.35
C ASP D 142 -16.41 -56.15 -25.21
N GLU D 143 -15.37 -56.66 -24.57
CA GLU D 143 -15.50 -57.67 -23.54
C GLU D 143 -15.38 -56.97 -22.19
N TRP D 144 -16.41 -57.15 -21.36
CA TRP D 144 -16.39 -56.72 -19.98
C TRP D 144 -16.10 -55.22 -19.90
N ASN D 145 -16.63 -54.45 -20.87
CA ASN D 145 -16.41 -53.01 -20.89
C ASN D 145 -17.32 -52.37 -19.85
N ILE D 146 -16.68 -51.96 -18.77
CA ILE D 146 -17.31 -51.40 -17.59
C ILE D 146 -18.10 -50.14 -17.91
N GLY D 147 -17.70 -49.37 -18.94
CA GLY D 147 -18.51 -48.22 -19.40
C GLY D 147 -19.78 -48.48 -20.21
N ARG D 148 -20.08 -49.75 -20.52
CA ARG D 148 -21.21 -50.11 -21.35
C ARG D 148 -21.39 -51.64 -21.32
N LEU D 149 -21.83 -52.11 -20.14
CA LEU D 149 -22.15 -53.50 -19.95
C LEU D 149 -23.53 -53.92 -20.51
N ARG D 150 -24.42 -52.96 -20.77
CA ARG D 150 -25.73 -53.28 -21.36
C ARG D 150 -26.44 -54.45 -20.62
N THR D 151 -26.65 -54.35 -19.32
CA THR D 151 -27.46 -55.31 -18.56
C THR D 151 -28.80 -54.63 -18.38
N ILE D 152 -29.73 -55.32 -17.73
CA ILE D 152 -31.08 -54.76 -17.51
C ILE D 152 -31.08 -53.47 -16.76
N LEU D 153 -30.01 -53.19 -16.02
CA LEU D 153 -29.85 -51.86 -15.39
C LEU D 153 -30.02 -50.71 -16.33
N ASP D 154 -29.79 -50.92 -17.62
CA ASP D 154 -30.01 -49.88 -18.64
C ASP D 154 -31.44 -49.33 -18.73
N LEU D 155 -32.42 -50.15 -18.35
CA LEU D 155 -33.81 -49.73 -18.34
C LEU D 155 -34.12 -48.53 -17.44
N VAL D 156 -33.20 -48.20 -16.52
CA VAL D 156 -33.30 -46.94 -15.73
C VAL D 156 -33.21 -45.69 -16.62
N GLU D 157 -32.33 -45.72 -17.62
CA GLU D 157 -32.02 -44.55 -18.47
C GLU D 157 -32.67 -44.58 -19.87
N LYS D 158 -32.60 -45.73 -20.56
CA LYS D 158 -33.12 -45.88 -21.94
C LYS D 158 -34.65 -45.97 -22.00
N GLU D 159 -35.28 -46.27 -20.86
CA GLU D 159 -36.74 -46.31 -20.69
C GLU D 159 -37.34 -45.34 -19.60
N SER D 160 -36.52 -44.47 -18.99
CA SER D 160 -37.02 -43.47 -18.03
C SER D 160 -35.98 -42.37 -17.64
N GLY D 161 -35.26 -41.83 -18.63
CA GLY D 161 -34.27 -40.77 -18.41
C GLY D 161 -32.84 -41.12 -18.79
N VAL D 167 -24.77 -44.10 -12.20
CA VAL D 167 -24.83 -45.49 -11.64
C VAL D 167 -24.61 -46.64 -12.65
N ASN D 168 -25.11 -46.42 -13.87
CA ASN D 168 -24.76 -47.15 -15.09
C ASN D 168 -23.33 -46.89 -15.50
N THR D 169 -22.78 -45.75 -15.08
CA THR D 169 -21.58 -45.17 -15.67
C THR D 169 -20.37 -45.50 -14.83
N PRO D 170 -19.17 -45.42 -15.43
CA PRO D 170 -17.97 -45.88 -14.79
C PRO D 170 -17.30 -44.87 -13.88
N TYR D 171 -16.65 -45.36 -12.80
CA TYR D 171 -15.99 -44.53 -11.82
C TYR D 171 -14.59 -45.08 -11.65
N LEU D 172 -13.62 -44.19 -11.51
CA LEU D 172 -12.24 -44.57 -11.15
C LEU D 172 -11.91 -44.22 -9.70
N TYR D 173 -11.08 -45.06 -9.09
CA TYR D 173 -10.64 -44.90 -7.72
C TYR D 173 -9.13 -44.96 -7.74
N PHE D 174 -8.47 -43.88 -7.35
CA PHE D 174 -7.01 -43.84 -7.31
C PHE D 174 -6.60 -43.95 -5.85
N GLY D 175 -5.94 -45.06 -5.51
CA GLY D 175 -5.63 -45.37 -4.12
C GLY D 175 -4.19 -45.14 -3.78
N MET D 176 -3.94 -44.95 -2.47
CA MET D 176 -2.60 -44.94 -1.92
C MET D 176 -2.70 -45.81 -0.67
N TRP D 177 -1.56 -46.02 -0.02
CA TRP D 177 -1.47 -46.87 1.13
C TRP D 177 -2.52 -46.44 2.14
N LYS D 178 -3.31 -47.45 2.52
CA LYS D 178 -4.32 -47.41 3.54
C LYS D 178 -5.48 -46.44 3.38
N THR D 179 -5.78 -46.14 2.11
CA THR D 179 -7.08 -45.67 1.75
C THR D 179 -8.05 -46.84 1.85
N SER D 180 -9.22 -46.55 2.35
CA SER D 180 -10.22 -47.58 2.73
C SER D 180 -11.56 -47.42 2.03
N PHE D 181 -12.27 -48.51 1.88
CA PHE D 181 -13.69 -48.45 1.70
C PHE D 181 -14.35 -49.15 2.86
N ALA D 182 -15.30 -48.44 3.46
CA ALA D 182 -16.01 -48.90 4.65
C ALA D 182 -17.01 -49.99 4.29
N TRP D 183 -17.63 -50.60 5.28
CA TRP D 183 -18.65 -51.65 5.09
C TRP D 183 -19.95 -51.12 4.44
N HIS D 184 -20.32 -51.74 3.34
CA HIS D 184 -21.51 -51.33 2.64
C HIS D 184 -21.94 -52.41 1.66
N THR D 185 -23.21 -52.27 1.26
CA THR D 185 -23.70 -52.91 0.11
C THR D 185 -23.86 -51.80 -0.95
N GLU D 186 -24.09 -52.22 -2.18
CA GLU D 186 -24.28 -51.27 -3.22
C GLU D 186 -25.63 -50.54 -3.07
N ASP D 187 -25.71 -49.41 -3.73
CA ASP D 187 -26.94 -48.68 -3.86
C ASP D 187 -28.01 -49.63 -4.47
N MET D 188 -29.22 -49.54 -3.92
CA MET D 188 -30.35 -50.37 -4.34
C MET D 188 -30.03 -51.89 -4.27
N ASP D 189 -29.07 -52.24 -3.42
CA ASP D 189 -28.50 -53.60 -3.32
C ASP D 189 -28.14 -54.23 -4.68
N LEU D 190 -27.55 -53.41 -5.53
CA LEU D 190 -27.13 -53.84 -6.86
C LEU D 190 -25.84 -54.71 -6.84
N TYR D 191 -25.48 -55.21 -8.00
CA TYR D 191 -24.21 -55.88 -8.20
C TYR D 191 -23.18 -54.79 -8.49
N SER D 192 -21.90 -55.05 -8.21
CA SER D 192 -20.83 -54.16 -8.69
C SER D 192 -19.77 -55.00 -9.35
N ILE D 193 -19.01 -54.36 -10.21
CA ILE D 193 -17.84 -54.96 -10.83
C ILE D 193 -16.71 -53.96 -10.65
N ASN D 194 -15.50 -54.46 -10.34
CA ASN D 194 -14.33 -53.64 -10.01
C ASN D 194 -13.11 -54.30 -10.68
N TYR D 195 -12.42 -53.52 -11.50
CA TYR D 195 -11.28 -54.01 -12.24
C TYR D 195 -10.11 -53.21 -11.77
N LEU D 196 -9.07 -53.89 -11.33
CA LEU D 196 -7.88 -53.23 -10.88
C LEU D 196 -6.93 -53.05 -12.10
N HIS D 197 -6.84 -51.81 -12.60
CA HIS D 197 -6.07 -51.51 -13.84
C HIS D 197 -4.55 -51.76 -13.70
N PHE D 198 -3.97 -51.15 -12.68
CA PHE D 198 -2.58 -51.25 -12.43
C PHE D 198 -2.34 -50.97 -10.94
N GLY D 199 -1.14 -51.34 -10.52
CA GLY D 199 -0.57 -50.86 -9.28
C GLY D 199 -0.56 -51.93 -8.23
N GLU D 200 -0.49 -51.47 -6.98
CA GLU D 200 -0.45 -52.32 -5.81
C GLU D 200 -1.88 -52.87 -5.55
N PRO D 201 -1.98 -53.94 -4.80
CA PRO D 201 -3.25 -54.61 -4.70
C PRO D 201 -4.29 -53.90 -3.80
N LYS D 202 -5.51 -54.44 -3.83
CA LYS D 202 -6.62 -53.96 -3.05
C LYS D 202 -7.10 -55.17 -2.34
N SER D 203 -7.18 -55.10 -1.00
CA SER D 203 -7.70 -56.19 -0.18
C SER D 203 -9.13 -55.96 0.26
N TRP D 204 -9.91 -57.04 0.27
CA TRP D 204 -11.33 -57.02 0.40
C TRP D 204 -11.74 -57.96 1.49
N TYR D 205 -12.74 -57.54 2.22
CA TYR D 205 -13.44 -58.34 3.14
C TYR D 205 -14.91 -58.34 2.71
N SER D 206 -15.57 -59.48 2.90
CA SER D 206 -16.96 -59.72 2.50
C SER D 206 -17.72 -60.56 3.53
N VAL D 207 -19.02 -60.34 3.68
CA VAL D 207 -19.90 -61.13 4.52
C VAL D 207 -20.98 -61.68 3.60
N PRO D 208 -21.22 -62.99 3.64
CA PRO D 208 -22.21 -63.60 2.74
C PRO D 208 -23.59 -62.99 2.86
N PRO D 209 -24.28 -62.72 1.75
CA PRO D 209 -25.60 -62.18 1.85
C PRO D 209 -26.55 -62.92 2.84
N GLU D 210 -26.48 -64.25 2.94
CA GLU D 210 -27.29 -64.98 3.97
C GLU D 210 -27.04 -64.57 5.45
N HIS D 211 -25.94 -63.89 5.75
CA HIS D 211 -25.58 -63.48 7.11
C HIS D 211 -25.41 -61.99 7.21
N GLY D 212 -25.91 -61.24 6.24
CA GLY D 212 -25.79 -59.79 6.25
C GLY D 212 -26.54 -59.12 7.38
N LYS D 213 -27.70 -59.69 7.73
CA LYS D 213 -28.50 -59.14 8.81
C LYS D 213 -27.74 -59.16 10.11
N ARG D 214 -26.89 -60.16 10.29
CA ARG D 214 -26.03 -60.25 11.51
C ARG D 214 -24.99 -59.14 11.57
N LEU D 215 -24.34 -58.84 10.46
CA LEU D 215 -23.43 -57.69 10.43
C LEU D 215 -24.16 -56.42 10.86
N GLU D 216 -25.31 -56.17 10.26
CA GLU D 216 -26.18 -55.04 10.61
C GLU D 216 -26.51 -54.99 12.08
N ARG D 217 -26.87 -56.13 12.68
CA ARG D 217 -27.25 -56.12 14.10
C ARG D 217 -26.07 -55.81 15.01
N LEU D 218 -24.89 -56.35 14.69
CA LEU D 218 -23.65 -55.97 15.35
C LEU D 218 -23.36 -54.45 15.21
N ALA D 219 -23.44 -53.92 13.99
CA ALA D 219 -23.22 -52.46 13.74
C ALA D 219 -24.15 -51.55 14.50
N LYS D 220 -25.44 -51.91 14.49
CA LYS D 220 -26.47 -51.22 15.26
C LYS D 220 -26.21 -51.21 16.77
N GLY D 221 -25.75 -52.32 17.32
CA GLY D 221 -25.35 -52.37 18.72
C GLY D 221 -24.23 -51.41 19.06
N PHE D 222 -23.25 -51.30 18.16
CA PHE D 222 -22.08 -50.46 18.42
C PHE D 222 -22.26 -49.00 18.19
N PHE D 223 -23.19 -48.62 17.33
CA PHE D 223 -23.48 -47.22 17.05
C PHE D 223 -24.97 -47.00 17.16
N PRO D 224 -25.52 -47.16 18.39
CA PRO D 224 -26.97 -47.03 18.57
C PRO D 224 -27.48 -45.60 18.26
N GLY D 225 -26.62 -44.58 18.34
CA GLY D 225 -26.94 -43.18 17.95
C GLY D 225 -27.10 -43.00 16.44
N SER D 226 -26.13 -43.53 15.68
CA SER D 226 -26.24 -43.58 14.22
C SER D 226 -27.43 -44.39 13.72
N ALA D 227 -27.82 -45.44 14.44
CA ALA D 227 -28.99 -46.26 14.04
C ALA D 227 -30.26 -45.55 14.41
N GLN D 228 -30.28 -44.84 15.53
CA GLN D 228 -31.34 -43.89 15.84
C GLN D 228 -31.60 -42.95 14.66
N SER D 229 -30.57 -42.25 14.19
CA SER D 229 -30.74 -41.24 13.15
C SER D 229 -31.08 -41.77 11.75
N CYS D 230 -30.82 -43.03 11.42
CA CYS D 230 -31.05 -43.55 10.06
C CYS D 230 -31.05 -45.10 10.12
N GLU D 231 -31.96 -45.79 9.43
CA GLU D 231 -31.92 -47.28 9.50
C GLU D 231 -30.67 -47.78 8.78
N ALA D 232 -30.46 -47.23 7.58
CA ALA D 232 -29.40 -47.68 6.71
C ALA D 232 -28.11 -46.89 6.88
N PHE D 233 -27.65 -46.69 8.12
CA PHE D 233 -26.50 -45.82 8.36
C PHE D 233 -25.19 -46.35 7.71
N LEU D 234 -25.13 -47.67 7.50
CA LEU D 234 -24.00 -48.26 6.78
C LEU D 234 -23.86 -47.69 5.39
N ARG D 235 -24.98 -47.31 4.77
CA ARG D 235 -24.94 -46.62 3.48
C ARG D 235 -24.16 -45.29 3.49
N HIS D 236 -23.95 -44.67 4.64
CA HIS D 236 -23.13 -43.49 4.64
C HIS D 236 -21.69 -43.90 4.38
N LYS D 237 -21.34 -45.20 4.46
CA LYS D 237 -19.97 -45.64 4.11
C LYS D 237 -18.89 -45.01 4.97
N MET D 238 -19.19 -44.89 6.27
CA MET D 238 -18.26 -44.39 7.24
C MET D 238 -17.87 -45.42 8.25
N THR D 239 -18.46 -46.61 8.22
CA THR D 239 -18.29 -47.54 9.34
C THR D 239 -17.23 -48.61 9.06
N LEU D 240 -16.20 -48.68 9.87
CA LEU D 240 -15.11 -49.66 9.70
C LEU D 240 -15.11 -50.61 10.87
N ILE D 241 -15.01 -51.91 10.59
CA ILE D 241 -15.02 -52.94 11.61
C ILE D 241 -13.99 -54.00 11.27
N SER D 242 -13.03 -54.23 12.15
CA SER D 242 -11.89 -55.07 11.76
C SER D 242 -12.33 -56.53 11.65
N PRO D 243 -11.61 -57.35 10.84
CA PRO D 243 -11.94 -58.80 10.84
C PRO D 243 -11.84 -59.42 12.22
N LEU D 244 -10.92 -58.96 13.06
CA LEU D 244 -10.79 -59.48 14.41
C LEU D 244 -12.06 -59.20 15.26
N MET D 245 -12.63 -58.01 15.17
CA MET D 245 -13.96 -57.77 15.76
C MET D 245 -15.03 -58.70 15.23
N LEU D 246 -15.08 -58.93 13.92
CA LEU D 246 -16.10 -59.86 13.38
C LEU D 246 -15.95 -61.31 13.92
N LYS D 247 -14.71 -61.70 14.16
CA LYS D 247 -14.41 -63.05 14.59
C LYS D 247 -14.79 -63.20 16.07
N LYS D 248 -14.54 -62.15 16.84
CA LYS D 248 -14.90 -62.07 18.23
C LYS D 248 -16.44 -62.32 18.48
N TYR D 249 -17.29 -61.77 17.60
CA TYR D 249 -18.76 -61.94 17.68
C TYR D 249 -19.31 -62.96 16.68
N GLY D 250 -18.45 -63.79 16.13
CA GLY D 250 -18.97 -64.93 15.35
C GLY D 250 -19.71 -64.58 14.07
N ILE D 251 -19.39 -63.42 13.47
CA ILE D 251 -19.90 -63.06 12.14
C ILE D 251 -19.03 -63.80 11.08
N PRO D 252 -19.65 -64.56 10.17
CA PRO D 252 -18.82 -65.17 9.14
C PRO D 252 -18.34 -64.12 8.14
N PHE D 253 -17.12 -64.26 7.66
CA PHE D 253 -16.63 -63.43 6.62
C PHE D 253 -15.53 -64.13 5.87
N ASP D 254 -15.23 -63.62 4.69
CA ASP D 254 -14.04 -64.09 4.03
C ASP D 254 -13.16 -62.91 3.63
N LYS D 255 -11.92 -63.20 3.27
CA LYS D 255 -11.08 -62.20 2.64
C LYS D 255 -10.39 -62.61 1.38
N VAL D 256 -10.00 -61.62 0.60
CA VAL D 256 -9.31 -61.88 -0.65
C VAL D 256 -8.61 -60.62 -1.10
N THR D 257 -7.46 -60.82 -1.75
CA THR D 257 -6.63 -59.79 -2.30
C THR D 257 -6.77 -59.83 -3.81
N GLN D 258 -7.17 -58.69 -4.36
CA GLN D 258 -7.24 -58.43 -5.79
C GLN D 258 -5.93 -57.77 -6.29
N GLU D 259 -5.32 -58.36 -7.31
CA GLU D 259 -4.15 -57.77 -7.91
C GLU D 259 -4.49 -57.21 -9.24
N ALA D 260 -3.52 -56.46 -9.78
CA ALA D 260 -3.62 -55.80 -11.06
C ALA D 260 -3.99 -56.84 -12.10
N GLY D 261 -5.03 -56.55 -12.89
CA GLY D 261 -5.46 -57.40 -13.96
C GLY D 261 -6.67 -58.23 -13.58
N GLU D 262 -7.07 -58.21 -12.32
CA GLU D 262 -8.18 -59.04 -11.88
C GLU D 262 -9.49 -58.24 -11.70
N PHE D 263 -10.64 -58.89 -12.00
CA PHE D 263 -11.94 -58.35 -11.69
C PHE D 263 -12.47 -58.87 -10.32
N MET D 264 -13.13 -58.01 -9.55
CA MET D 264 -14.00 -58.43 -8.44
C MET D 264 -15.46 -58.11 -8.73
N ILE D 265 -16.34 -59.09 -8.44
CA ILE D 265 -17.77 -58.94 -8.54
C ILE D 265 -18.42 -59.02 -7.15
N THR D 266 -19.30 -58.07 -6.83
CA THR D 266 -20.03 -58.13 -5.60
C THR D 266 -21.44 -58.40 -6.03
N PHE D 267 -22.20 -59.01 -5.16
CA PHE D 267 -23.51 -59.53 -5.47
C PHE D 267 -24.51 -58.83 -4.58
N PRO D 268 -25.79 -58.86 -4.96
CA PRO D 268 -26.78 -58.16 -4.16
C PRO D 268 -26.78 -58.52 -2.69
N TYR D 269 -26.86 -57.49 -1.85
CA TYR D 269 -26.81 -57.62 -0.41
C TYR D 269 -25.48 -58.23 0.14
N GLY D 270 -24.41 -58.21 -0.65
CA GLY D 270 -23.07 -58.67 -0.21
C GLY D 270 -22.37 -57.49 0.49
N TYR D 271 -22.26 -57.54 1.81
CA TYR D 271 -21.50 -56.49 2.55
C TYR D 271 -20.04 -56.65 2.28
N HIS D 272 -19.40 -55.56 1.85
CA HIS D 272 -17.95 -55.60 1.63
C HIS D 272 -17.28 -54.36 2.15
N ALA D 273 -15.99 -54.53 2.37
CA ALA D 273 -15.07 -53.47 2.80
C ALA D 273 -13.62 -53.82 2.42
N GLY D 274 -12.71 -52.87 2.58
CA GLY D 274 -11.31 -53.17 2.36
C GLY D 274 -10.37 -51.98 2.28
N PHE D 275 -9.15 -52.23 1.80
CA PHE D 275 -8.09 -51.22 1.76
C PHE D 275 -7.10 -51.45 0.62
N ASN D 276 -6.40 -50.38 0.30
CA ASN D 276 -5.48 -50.35 -0.79
C ASN D 276 -4.05 -50.50 -0.27
N HIS D 277 -3.26 -51.31 -0.94
CA HIS D 277 -1.89 -51.56 -0.51
C HIS D 277 -0.93 -50.41 -0.84
N GLY D 278 -1.27 -49.57 -1.80
CA GLY D 278 -0.37 -48.54 -2.27
C GLY D 278 -1.05 -47.86 -3.41
N PHE D 279 -0.25 -47.23 -4.26
CA PHE D 279 -0.74 -46.51 -5.43
C PHE D 279 -1.35 -47.50 -6.41
N ASN D 280 -2.62 -47.26 -6.80
CA ASN D 280 -3.30 -48.13 -7.75
C ASN D 280 -4.44 -47.39 -8.35
N CYS D 281 -5.11 -48.00 -9.34
CA CYS D 281 -6.27 -47.45 -9.96
C CYS D 281 -7.25 -48.56 -10.33
N ALA D 282 -8.48 -48.43 -9.84
CA ALA D 282 -9.56 -49.38 -10.13
C ALA D 282 -10.70 -48.67 -10.87
N GLU D 283 -11.45 -49.42 -11.66
CA GLU D 283 -12.59 -48.88 -12.39
C GLU D 283 -13.81 -49.69 -11.91
N SER D 284 -14.90 -49.01 -11.60
CA SER D 284 -16.09 -49.77 -11.28
C SER D 284 -17.41 -49.18 -11.73
N THR D 285 -18.41 -50.05 -11.73
CA THR D 285 -19.80 -49.64 -12.00
C THR D 285 -20.76 -50.57 -11.32
N ASN D 286 -22.03 -50.20 -11.36
CA ASN D 286 -23.05 -51.12 -10.92
C ASN D 286 -23.71 -51.84 -12.08
N PHE D 287 -24.23 -53.01 -11.85
CA PHE D 287 -25.01 -53.69 -12.87
C PHE D 287 -26.08 -54.55 -12.23
N ALA D 288 -26.90 -55.19 -13.06
CA ALA D 288 -28.01 -56.00 -12.56
C ALA D 288 -28.19 -57.30 -13.36
N THR D 289 -28.89 -58.27 -12.77
CA THR D 289 -29.49 -59.39 -13.50
C THR D 289 -30.91 -59.45 -13.02
N ARG D 290 -31.71 -60.32 -13.62
CA ARG D 290 -33.11 -60.50 -13.19
C ARG D 290 -33.30 -60.81 -11.68
N ARG D 291 -32.34 -61.54 -11.11
CA ARG D 291 -32.40 -61.89 -9.70
C ARG D 291 -32.35 -60.65 -8.82
N TRP D 292 -31.69 -59.59 -9.28
CA TRP D 292 -31.58 -58.40 -8.46
C TRP D 292 -32.94 -57.74 -8.19
N ILE D 293 -33.95 -57.97 -9.05
CA ILE D 293 -35.18 -57.15 -8.98
C ILE D 293 -35.86 -57.22 -7.60
N GLU D 294 -36.02 -58.43 -7.10
CA GLU D 294 -36.50 -58.59 -5.75
C GLU D 294 -35.67 -57.85 -4.66
N TYR D 295 -34.35 -57.86 -4.81
CA TYR D 295 -33.47 -57.15 -3.86
C TYR D 295 -33.66 -55.64 -3.93
N GLY D 296 -33.78 -55.10 -5.14
CA GLY D 296 -34.18 -53.72 -5.29
C GLY D 296 -35.55 -53.41 -4.73
N LYS D 297 -36.50 -54.31 -4.83
CA LYS D 297 -37.81 -54.04 -4.22
C LYS D 297 -37.70 -53.90 -2.68
N GLN D 298 -36.86 -54.74 -2.07
CA GLN D 298 -36.73 -54.82 -0.63
C GLN D 298 -35.57 -54.00 -0.02
N ALA D 299 -34.63 -53.46 -0.82
CA ALA D 299 -33.52 -52.62 -0.27
C ALA D 299 -34.01 -51.60 0.75
N VAL D 300 -33.37 -51.56 1.90
CA VAL D 300 -33.64 -50.57 2.94
C VAL D 300 -32.72 -49.37 2.69
N LEU D 301 -33.31 -48.19 2.53
CA LEU D 301 -32.58 -47.02 2.09
C LEU D 301 -32.30 -46.03 3.19
N CYS D 302 -31.35 -45.15 2.91
CA CYS D 302 -30.98 -44.11 3.81
C CYS D 302 -32.14 -43.09 3.82
N SER D 303 -32.63 -42.76 5.02
CA SER D 303 -33.61 -41.68 5.24
C SER D 303 -32.92 -40.31 5.13
N CYS D 304 -31.93 -40.12 6.00
CA CYS D 304 -31.47 -38.83 6.51
C CYS D 304 -30.96 -37.73 5.54
N ARG D 305 -30.79 -38.06 4.27
CA ARG D 305 -30.32 -37.09 3.27
C ARG D 305 -31.29 -37.06 2.08
N VAL D 309 -30.70 -40.77 -3.77
CA VAL D 309 -29.77 -41.88 -3.96
C VAL D 309 -30.61 -43.18 -4.22
N LYS D 310 -31.56 -43.09 -5.15
CA LYS D 310 -32.77 -43.97 -5.17
C LYS D 310 -33.32 -44.29 -6.59
N ILE D 311 -33.53 -45.57 -6.89
CA ILE D 311 -34.04 -45.97 -8.20
C ILE D 311 -35.48 -46.41 -8.06
N SER D 312 -36.31 -45.97 -8.99
CA SER D 312 -37.68 -46.37 -9.05
C SER D 312 -37.76 -47.76 -9.68
N MET D 313 -38.28 -48.71 -8.90
CA MET D 313 -38.37 -50.11 -9.30
C MET D 313 -39.51 -50.38 -10.27
N ASP D 314 -40.50 -49.50 -10.21
CA ASP D 314 -41.69 -49.50 -11.08
C ASP D 314 -41.40 -50.06 -12.49
N VAL D 315 -40.47 -49.46 -13.20
CA VAL D 315 -40.18 -49.90 -14.57
C VAL D 315 -39.82 -51.38 -14.66
N PHE D 316 -39.10 -51.88 -13.65
CA PHE D 316 -38.72 -53.28 -13.59
C PHE D 316 -39.87 -54.22 -13.26
N VAL D 317 -40.80 -53.77 -12.45
CA VAL D 317 -41.87 -54.64 -12.03
C VAL D 317 -42.80 -54.80 -13.23
N ARG D 318 -43.15 -53.68 -13.85
CA ARG D 318 -43.92 -53.66 -15.11
C ARG D 318 -43.33 -54.62 -16.18
N LYS D 319 -42.03 -54.55 -16.44
CA LYS D 319 -41.46 -55.38 -17.49
C LYS D 319 -41.36 -56.85 -17.12
N PHE D 320 -40.87 -57.15 -15.91
CA PHE D 320 -40.46 -58.53 -15.54
C PHE D 320 -41.47 -59.28 -14.66
N GLN D 321 -42.23 -58.56 -13.84
CA GLN D 321 -43.28 -59.17 -13.00
C GLN D 321 -44.61 -58.42 -13.24
N PRO D 322 -45.14 -58.35 -14.50
CA PRO D 322 -46.44 -57.63 -14.70
C PRO D 322 -47.59 -58.19 -13.88
N GLU D 323 -47.61 -59.50 -13.67
CA GLU D 323 -48.61 -60.17 -12.81
C GLU D 323 -48.60 -59.73 -11.31
N ARG D 324 -47.45 -59.27 -10.80
CA ARG D 324 -47.32 -58.86 -9.40
C ARG D 324 -47.44 -57.38 -9.23
N TYR D 325 -47.57 -56.66 -10.34
CA TYR D 325 -47.47 -55.22 -10.29
C TYR D 325 -48.50 -54.62 -9.37
N LYS D 326 -49.72 -55.15 -9.45
CA LYS D 326 -50.84 -54.61 -8.71
C LYS D 326 -50.60 -54.90 -7.25
N LEU D 327 -50.35 -56.18 -6.98
CA LEU D 327 -49.99 -56.65 -5.66
C LEU D 327 -48.88 -55.78 -5.02
N TRP D 328 -47.82 -55.51 -5.79
CA TRP D 328 -46.61 -54.77 -5.31
C TRP D 328 -46.88 -53.31 -5.16
N LYS D 329 -47.61 -52.78 -6.12
CA LYS D 329 -48.11 -51.40 -6.04
C LYS D 329 -48.84 -51.18 -4.70
N ALA D 330 -49.68 -52.15 -4.31
CA ALA D 330 -50.51 -52.08 -3.09
C ALA D 330 -49.85 -52.53 -1.76
N GLY D 331 -48.52 -52.65 -1.71
CA GLY D 331 -47.79 -53.06 -0.51
C GLY D 331 -47.95 -54.50 -0.08
N LYS D 332 -48.68 -55.34 -0.84
CA LYS D 332 -48.95 -56.72 -0.46
C LYS D 332 -48.08 -57.80 -1.12
N ASP D 333 -46.96 -57.41 -1.75
CA ASP D 333 -45.94 -58.36 -2.20
C ASP D 333 -44.97 -58.62 -1.04
N ASN D 334 -45.08 -59.79 -0.41
CA ASN D 334 -44.25 -60.15 0.76
C ASN D 334 -43.40 -61.41 0.51
N THR D 335 -43.16 -61.71 -0.78
CA THR D 335 -42.01 -62.48 -1.25
C THR D 335 -40.77 -62.39 -0.34
N VAL D 336 -40.26 -63.56 0.03
CA VAL D 336 -39.11 -63.67 0.88
C VAL D 336 -37.98 -64.13 -0.05
N ILE D 337 -36.86 -63.42 0.02
CA ILE D 337 -35.67 -63.75 -0.77
C ILE D 337 -34.95 -64.98 -0.19
N ASP D 338 -34.56 -65.89 -1.08
CA ASP D 338 -33.59 -66.98 -0.81
C ASP D 338 -32.20 -66.59 -1.37
N HIS D 339 -31.28 -66.21 -0.47
CA HIS D 339 -30.02 -65.67 -0.92
C HIS D 339 -29.17 -66.75 -1.65
N THR D 340 -29.57 -68.02 -1.59
CA THR D 340 -28.80 -69.11 -2.16
C THR D 340 -29.19 -69.42 -3.61
N LEU D 341 -30.37 -68.99 -4.03
CA LEU D 341 -30.89 -69.24 -5.39
C LEU D 341 -30.09 -68.51 -6.48
N PRO D 342 -29.67 -69.23 -7.54
CA PRO D 342 -29.05 -68.53 -8.68
C PRO D 342 -30.05 -67.73 -9.52
N THR D 343 -29.53 -66.92 -10.43
CA THR D 343 -30.37 -66.03 -11.23
C THR D 343 -31.00 -66.89 -12.31
N PRO D 344 -32.30 -66.67 -12.64
CA PRO D 344 -32.98 -67.45 -13.70
C PRO D 344 -32.27 -67.64 -15.05
N GLU D 345 -31.45 -66.67 -15.48
CA GLU D 345 -30.61 -66.82 -16.70
C GLU D 345 -29.55 -67.97 -16.60
N ALA D 346 -29.35 -68.52 -15.38
CA ALA D 346 -28.47 -69.67 -15.09
C ALA D 346 -29.10 -71.08 -15.32
N ALA D 347 -30.31 -71.11 -15.86
CA ALA D 347 -30.99 -72.36 -16.28
C ALA D 347 -30.10 -73.39 -16.99
N GLU D 348 -29.36 -72.94 -18.01
CA GLU D 348 -28.59 -73.84 -18.90
C GLU D 348 -27.31 -74.51 -18.33
N PHE D 349 -27.01 -74.32 -17.04
CA PHE D 349 -25.80 -74.89 -16.41
C PHE D 349 -26.09 -75.78 -15.18
NI NI E . 29.62 48.44 -8.98
ZN ZN F . 18.89 46.98 3.66
O8 QC2 G . 28.20 42.84 -12.90
C7 QC2 G . 28.69 43.94 -13.26
O9 QC2 G . 28.98 44.07 -14.46
C1 QC2 G . 28.94 44.95 -12.31
C2 QC2 G . 28.75 44.79 -10.96
C6 QC2 G . 29.33 46.18 -12.76
C5 QC2 G . 29.54 47.23 -11.88
N4 QC2 G . 29.37 47.09 -10.62
C3 QC2 G . 28.89 45.87 -10.09
N10 QC2 G . 28.90 45.74 -8.77
N14 QC2 G . 29.75 46.55 -8.05
C13 QC2 G . 29.67 46.16 -6.78
C12 QC2 G . 28.80 45.13 -6.71
C11 QC2 G . 28.32 44.87 -7.92
C15 QC2 G . 27.44 43.87 -8.21
C20 QC2 G . 26.24 44.15 -8.84
C19 QC2 G . 25.36 43.11 -9.12
O21 QC2 G . 24.18 43.38 -9.70
C18 QC2 G . 25.65 41.77 -8.87
C17 QC2 G . 26.85 41.46 -8.27
C16 QC2 G . 27.72 42.52 -7.95
NI NI H . -3.39 19.61 -8.76
ZN ZN I . 11.01 17.10 -16.00
O8 QC2 J . -2.32 25.25 -4.70
C7 QC2 J . -3.39 24.80 -5.15
O9 QC2 J . -4.44 25.36 -4.81
C1 QC2 J . -3.47 23.64 -5.94
C2 QC2 J . -2.37 22.83 -6.18
C6 QC2 J . -4.72 23.29 -6.50
C5 QC2 J . -4.80 22.17 -7.28
N4 QC2 J . -3.74 21.50 -7.60
C3 QC2 J . -2.47 21.77 -7.09
N10 QC2 J . -1.51 20.82 -7.23
N14 QC2 J . -1.85 19.52 -7.51
C13 QC2 J . -0.73 18.80 -7.48
C12 QC2 J . 0.30 19.60 -7.15
C11 QC2 J . -0.18 20.83 -6.97
C15 QC2 J . 0.61 21.89 -6.66
C20 QC2 J . 0.67 22.99 -7.51
C19 QC2 J . 1.48 24.11 -7.15
O21 QC2 J . 1.53 25.14 -8.01
C18 QC2 J . 2.25 24.18 -6.00
C17 QC2 J . 2.18 23.08 -5.17
C16 QC2 J . 1.36 21.97 -5.49
NI NI K . -6.91 -17.27 21.85
ZN ZN L . 0.25 -20.62 7.37
O8 QC2 M . -12.40 -21.00 23.96
C7 QC2 M . -12.03 -20.75 22.84
O9 QC2 M . -12.69 -21.25 21.96
C1 QC2 M . -10.90 -19.96 22.61
C2 QC2 M . -10.52 -19.54 21.34
C6 QC2 M . -10.13 -19.57 23.69
C5 QC2 M . -9.00 -18.81 23.49
N4 QC2 M . -8.66 -18.42 22.30
C3 QC2 M . -9.34 -18.82 21.16
N10 QC2 M . -8.97 -18.25 20.01
N14 QC2 M . -8.37 -17.01 20.06
C13 QC2 M . -8.20 -16.65 18.79
C12 QC2 M . -8.69 -17.58 17.96
C11 QC2 M . -9.20 -18.58 18.70
C15 QC2 M . -9.80 -19.68 18.15
C20 QC2 M . -9.34 -20.96 18.47
C19 QC2 M . -9.96 -22.09 17.91
O21 QC2 M . -9.48 -23.31 18.26
C18 QC2 M . -11.04 -21.99 17.00
C17 QC2 M . -11.50 -20.73 16.64
C16 QC2 M . -10.87 -19.60 17.22
NI NI N . -18.91 -51.33 -3.15
ZN ZN O . -28.83 -41.98 6.18
O8 QC2 P . -12.07 -49.76 -3.91
C7 QC2 P . -12.98 -49.01 -3.50
O9 QC2 P . -12.72 -47.84 -3.13
C1 QC2 P . -14.27 -49.55 -3.42
C2 QC2 P . -15.40 -48.78 -3.18
C6 QC2 P . -14.40 -50.93 -3.63
C5 QC2 P . -15.67 -51.46 -3.56
N4 QC2 P . -16.72 -50.74 -3.28
C3 QC2 P . -16.66 -49.42 -2.99
N10 QC2 P . -17.82 -48.78 -3.02
N14 QC2 P . -18.89 -49.41 -3.55
C13 QC2 P . -19.87 -48.51 -3.68
C12 QC2 P . -19.41 -47.32 -3.29
C11 QC2 P . -18.12 -47.47 -2.95
C15 QC2 P . -17.40 -46.44 -2.42
C20 QC2 P . -16.87 -46.63 -1.16
C19 QC2 P . -16.14 -45.59 -0.56
O21 QC2 P . -15.66 -45.84 0.67
C18 QC2 P . -15.93 -44.33 -1.14
C17 QC2 P . -16.46 -44.12 -2.40
C16 QC2 P . -17.20 -45.18 -3.02
#